data_6DKT
#
_entry.id   6DKT
#
_cell.length_a   77.140
_cell.length_b   128.550
_cell.length_c   82.020
_cell.angle_alpha   90.00
_cell.angle_beta   112.69
_cell.angle_gamma   90.00
#
_symmetry.space_group_name_H-M   'P 1 21 1'
#
loop_
_entity.id
_entity.type
_entity.pdbx_description
1 polymer Arginase
2 non-polymer 'MANGANESE (II) ION'
3 water water
#
_entity_poly.entity_id   1
_entity_poly.type   'polypeptide(L)'
_entity_poly.pdbx_seq_one_letter_code
;MDKTISVIGMPMDLGQARRGVDMGPSAIRYAHLIERLSDMGYTVEDLGDIPINREKIKNDEELKNLNSVLAGNEKLAQKV
NKVIEEKKFPLVLGGDHSIAIGTLAGTAKHYDNLGVIWYDAHGDLNTLETSPSGNIHGMPLAVSLGIGHESLVNLEGYAP
KIKPENVVIIGARSLDEGERKYIKESGMKVYTMHEIDRLGMTKVIEETLDYLSACDGVHLSLDLDGLDPNDAPGVGTPVV
GGISYRESHLAMEMLYDAGIITSAEFVEVNPILDHKNKTGKTAVELVESLLGKKLL
;
_entity_poly.pdbx_strand_id   A,B,C,D,E,F
#
loop_
_chem_comp.id
_chem_comp.type
_chem_comp.name
_chem_comp.formula
MN non-polymer 'MANGANESE (II) ION' 'Mn 2'
#
# COMPACT_ATOMS: atom_id res chain seq x y z
N LYS A 3 14.61 13.01 28.58
CA LYS A 3 14.04 14.33 28.29
C LYS A 3 13.10 14.76 29.41
N THR A 4 13.23 16.01 29.85
CA THR A 4 12.49 16.54 30.99
C THR A 4 11.27 17.30 30.48
N ILE A 5 10.09 16.78 30.75
CA ILE A 5 8.85 17.29 30.16
C ILE A 5 8.47 18.61 30.83
N SER A 6 8.33 19.66 30.03
CA SER A 6 7.88 20.97 30.50
C SER A 6 6.46 21.20 29.98
N VAL A 7 5.50 21.21 30.89
CA VAL A 7 4.09 21.41 30.53
C VAL A 7 3.77 22.90 30.60
N ILE A 8 3.12 23.41 29.56
CA ILE A 8 2.78 24.83 29.46
C ILE A 8 1.30 24.93 29.09
N GLY A 9 0.48 25.33 30.06
CA GLY A 9 -0.93 25.53 29.77
C GLY A 9 -1.18 26.84 29.02
N MET A 10 -2.10 26.78 28.05
CA MET A 10 -2.46 27.93 27.24
C MET A 10 -3.98 27.99 27.16
N PRO A 11 -4.63 28.57 28.16
CA PRO A 11 -6.10 28.59 28.18
C PRO A 11 -6.68 29.59 27.19
N MET A 12 -6.46 29.35 25.90
CA MET A 12 -6.80 30.30 24.85
C MET A 12 -8.13 29.89 24.21
N ASP A 13 -9.12 30.78 24.29
CA ASP A 13 -10.39 30.59 23.61
C ASP A 13 -10.70 31.67 22.59
N LEU A 14 -9.86 32.71 22.50
CA LEU A 14 -10.16 33.86 21.66
C LEU A 14 -9.91 33.59 20.17
N GLY A 15 -9.30 32.47 19.81
CA GLY A 15 -9.16 32.08 18.43
C GLY A 15 -10.38 31.40 17.85
N GLN A 16 -11.48 31.37 18.60
CA GLN A 16 -12.67 30.64 18.20
C GLN A 16 -13.86 31.20 18.98
N ALA A 17 -15.06 30.94 18.49
CA ALA A 17 -16.27 31.55 19.02
C ALA A 17 -16.96 30.73 20.10
N ARG A 18 -16.57 29.48 20.32
CA ARG A 18 -17.26 28.60 21.24
C ARG A 18 -16.65 28.66 22.63
N ARG A 19 -17.49 28.85 23.64
CA ARG A 19 -17.03 28.96 25.01
C ARG A 19 -16.56 27.61 25.54
N GLY A 20 -15.44 27.62 26.26
CA GLY A 20 -15.03 26.51 27.10
C GLY A 20 -13.68 25.92 26.77
N VAL A 21 -13.18 26.10 25.54
CA VAL A 21 -11.92 25.47 25.17
C VAL A 21 -10.75 26.04 25.96
N ASP A 22 -10.92 27.20 26.59
CA ASP A 22 -9.88 27.73 27.47
C ASP A 22 -9.69 26.88 28.72
N MET A 23 -10.64 26.02 29.05
CA MET A 23 -10.49 25.10 30.18
C MET A 23 -9.79 23.80 29.82
N GLY A 24 -9.38 23.63 28.56
CA GLY A 24 -8.72 22.43 28.12
C GLY A 24 -7.54 22.04 29.01
N PRO A 25 -6.66 22.99 29.28
CA PRO A 25 -5.50 22.69 30.14
C PRO A 25 -5.88 22.07 31.48
N SER A 26 -6.86 22.65 32.19
CA SER A 26 -7.27 22.08 33.45
C SER A 26 -7.94 20.72 33.27
N ALA A 27 -8.72 20.57 32.20
CA ALA A 27 -9.39 19.30 31.96
C ALA A 27 -8.42 18.19 31.59
N ILE A 28 -7.23 18.55 31.10
CA ILE A 28 -6.18 17.56 30.85
C ILE A 28 -5.36 17.31 32.10
N ARG A 29 -4.97 18.37 32.81
CA ARG A 29 -4.30 18.21 34.09
C ARG A 29 -5.10 17.29 35.00
N TYR A 30 -6.38 17.62 35.22
CA TYR A 30 -7.31 16.63 35.71
C TYR A 30 -7.47 15.57 34.63
N ALA A 31 -7.46 14.30 35.04
CA ALA A 31 -7.17 13.15 34.17
C ALA A 31 -5.71 12.75 34.38
N HIS A 32 -5.01 13.49 35.26
CA HIS A 32 -3.79 13.01 35.89
C HIS A 32 -2.62 12.96 34.90
N LEU A 33 -2.46 14.02 34.11
CA LEU A 33 -1.35 14.09 33.17
C LEU A 33 -0.02 14.00 33.90
N ILE A 34 0.18 14.83 34.93
CA ILE A 34 1.48 14.92 35.59
C ILE A 34 1.85 13.58 36.22
N GLU A 35 0.95 13.02 37.03
CA GLU A 35 1.30 11.80 37.76
C GLU A 35 1.51 10.62 36.82
N ARG A 36 0.77 10.57 35.71
CA ARG A 36 0.99 9.52 34.72
C ARG A 36 2.37 9.65 34.08
N LEU A 37 2.80 10.88 33.78
CA LEU A 37 4.12 11.08 33.20
C LEU A 37 5.21 10.85 34.24
N SER A 38 4.96 11.22 35.50
CA SER A 38 5.92 10.93 36.55
C SER A 38 6.02 9.42 36.79
N ASP A 39 4.89 8.73 36.78
CA ASP A 39 4.90 7.28 36.92
C ASP A 39 5.67 6.58 35.81
N MET A 40 5.89 7.27 34.68
CA MET A 40 6.59 6.69 33.55
C MET A 40 8.10 6.90 33.61
N GLY A 41 8.59 7.64 34.60
CA GLY A 41 10.02 7.90 34.74
C GLY A 41 10.43 9.33 34.46
N TYR A 42 9.56 10.13 33.85
CA TYR A 42 9.91 11.50 33.52
C TYR A 42 9.91 12.38 34.76
N THR A 43 10.86 13.31 34.81
CA THR A 43 10.79 14.43 35.73
C THR A 43 10.09 15.56 34.99
N VAL A 44 8.84 15.84 35.36
CA VAL A 44 7.99 16.76 34.62
C VAL A 44 7.82 18.02 35.45
N GLU A 45 8.00 19.17 34.81
CA GLU A 45 7.78 20.47 35.43
C GLU A 45 6.57 21.12 34.79
N ASP A 46 5.59 21.47 35.62
CA ASP A 46 4.39 22.15 35.16
C ASP A 46 4.60 23.65 35.33
N LEU A 47 4.77 24.37 34.22
CA LEU A 47 4.99 25.80 34.26
C LEU A 47 3.69 26.60 34.36
N GLY A 48 2.57 25.93 34.62
CA GLY A 48 1.32 26.64 34.82
C GLY A 48 0.66 27.06 33.51
N ASP A 49 -0.29 27.98 33.66
CA ASP A 49 -1.06 28.50 32.53
C ASP A 49 -0.62 29.92 32.21
N ILE A 50 -0.61 30.24 30.92
CA ILE A 50 -0.35 31.62 30.49
C ILE A 50 -1.65 32.42 30.64
N PRO A 51 -1.62 33.59 31.26
CA PRO A 51 -2.87 34.36 31.42
C PRO A 51 -3.26 35.06 30.14
N ILE A 52 -4.57 35.08 29.87
CA ILE A 52 -5.15 35.78 28.73
C ILE A 52 -6.15 36.80 29.27
N ASN A 53 -6.37 37.86 28.51
CA ASN A 53 -7.24 38.95 28.93
C ASN A 53 -8.46 39.06 28.03
N ASN A 65 -10.39 40.02 19.80
CA ASN A 65 -9.64 39.05 19.03
C ASN A 65 -8.15 39.41 18.95
N LEU A 66 -7.78 40.03 17.83
CA LEU A 66 -6.40 40.14 17.37
C LEU A 66 -5.37 40.31 18.49
N ASN A 67 -5.41 41.44 19.20
CA ASN A 67 -4.30 41.78 20.09
C ASN A 67 -4.12 40.74 21.19
N SER A 68 -5.22 40.26 21.78
CA SER A 68 -5.10 39.27 22.85
C SER A 68 -4.58 37.94 22.31
N VAL A 69 -4.92 37.60 21.06
CA VAL A 69 -4.27 36.47 20.41
C VAL A 69 -2.79 36.74 20.27
N LEU A 70 -2.44 37.97 19.88
CA LEU A 70 -1.05 38.34 19.67
C LEU A 70 -0.25 38.26 20.98
N ALA A 71 -0.68 39.03 21.98
CA ALA A 71 0.06 39.08 23.24
C ALA A 71 0.18 37.70 23.87
N GLY A 72 -0.91 36.93 23.87
CA GLY A 72 -0.86 35.61 24.48
C GLY A 72 0.12 34.68 23.80
N ASN A 73 0.07 34.65 22.46
CA ASN A 73 1.02 33.82 21.72
C ASN A 73 2.45 34.32 21.88
N GLU A 74 2.64 35.64 21.91
CA GLU A 74 3.96 36.20 22.19
C GLU A 74 4.52 35.65 23.49
N LYS A 75 3.68 35.54 24.52
CA LYS A 75 4.13 35.01 25.80
C LYS A 75 4.35 33.51 25.72
N LEU A 76 3.48 32.80 24.99
CA LEU A 76 3.66 31.36 24.80
C LEU A 76 5.00 31.08 24.11
N ALA A 77 5.28 31.81 23.03
CA ALA A 77 6.52 31.60 22.29
C ALA A 77 7.74 31.81 23.19
N GLN A 78 7.66 32.78 24.10
CA GLN A 78 8.79 33.03 25.00
C GLN A 78 9.08 31.82 25.87
N LYS A 79 8.04 31.23 26.46
CA LYS A 79 8.25 30.08 27.34
C LYS A 79 8.74 28.87 26.56
N VAL A 80 8.11 28.58 25.42
CA VAL A 80 8.53 27.45 24.60
C VAL A 80 9.97 27.64 24.16
N ASN A 81 10.35 28.87 23.77
CA ASN A 81 11.72 29.15 23.38
C ASN A 81 12.69 28.81 24.51
N LYS A 82 12.39 29.30 25.72
CA LYS A 82 13.29 29.05 26.85
C LYS A 82 13.34 27.57 27.20
N VAL A 83 12.19 26.89 27.16
CA VAL A 83 12.15 25.46 27.43
C VAL A 83 13.14 24.72 26.53
N ILE A 84 13.04 24.97 25.21
CA ILE A 84 13.95 24.33 24.27
C ILE A 84 15.38 24.77 24.53
N GLU A 85 15.58 26.00 24.99
CA GLU A 85 16.93 26.48 25.28
C GLU A 85 17.61 25.61 26.31
N GLU A 86 16.89 25.20 27.37
CA GLU A 86 17.40 24.22 28.30
C GLU A 86 17.22 22.79 27.80
N LYS A 87 16.77 22.63 26.55
CA LYS A 87 16.65 21.31 25.91
C LYS A 87 15.82 20.36 26.76
N LYS A 88 14.55 20.73 26.97
CA LYS A 88 13.67 19.98 27.86
C LYS A 88 12.53 19.25 27.16
N PHE A 89 11.99 19.81 26.06
CA PHE A 89 10.82 19.30 25.35
C PHE A 89 9.57 20.02 25.86
N PRO A 90 9.04 21.00 25.10
CA PRO A 90 7.80 21.65 25.53
C PRO A 90 6.58 20.80 25.17
N LEU A 91 5.73 20.57 26.16
CA LEU A 91 4.42 19.95 25.95
C LEU A 91 3.40 21.03 26.28
N VAL A 92 2.81 21.63 25.25
CA VAL A 92 1.97 22.80 25.46
C VAL A 92 0.64 22.35 26.05
N LEU A 93 -0.23 21.77 25.23
CA LEU A 93 -1.59 21.52 25.68
C LEU A 93 -2.24 22.89 25.88
N GLY A 94 -3.44 23.11 25.36
CA GLY A 94 -4.03 24.43 25.44
C GLY A 94 -5.50 24.49 25.12
N GLY A 95 -5.90 25.61 24.55
CA GLY A 95 -7.25 25.80 24.09
C GLY A 95 -7.35 25.63 22.59
N ASP A 96 -7.83 26.64 21.87
CA ASP A 96 -8.06 26.50 20.45
C ASP A 96 -6.72 26.47 19.70
N HIS A 97 -6.77 25.97 18.47
CA HIS A 97 -5.58 25.70 17.70
C HIS A 97 -4.77 26.95 17.38
N SER A 98 -5.31 28.14 17.60
CA SER A 98 -4.58 29.37 17.30
C SER A 98 -3.29 29.47 18.12
N ILE A 99 -3.16 28.69 19.19
CA ILE A 99 -1.94 28.76 20.01
C ILE A 99 -0.74 28.20 19.28
N ALA A 100 -0.95 27.37 18.26
CA ALA A 100 0.17 26.84 17.48
C ALA A 100 1.00 27.94 16.86
N ILE A 101 0.39 29.11 16.63
CA ILE A 101 1.16 30.26 16.14
C ILE A 101 2.29 30.58 17.11
N GLY A 102 1.97 30.70 18.39
CA GLY A 102 2.99 30.99 19.38
C GLY A 102 3.93 29.83 19.62
N THR A 103 3.38 28.61 19.63
CA THR A 103 4.22 27.43 19.85
C THR A 103 5.28 27.29 18.78
N LEU A 104 4.87 27.27 17.51
CA LEU A 104 5.84 27.14 16.43
C LEU A 104 6.78 28.33 16.37
N ALA A 105 6.30 29.53 16.70
CA ALA A 105 7.17 30.69 16.75
C ALA A 105 8.30 30.49 17.76
N GLY A 106 8.07 29.65 18.78
CA GLY A 106 9.06 29.43 19.81
C GLY A 106 10.04 28.31 19.51
N THR A 107 9.66 27.37 18.65
CA THR A 107 10.50 26.21 18.36
C THR A 107 11.24 26.32 17.03
N ALA A 108 10.62 26.95 16.02
CA ALA A 108 11.20 26.92 14.67
C ALA A 108 12.60 27.53 14.64
N LYS A 109 12.81 28.63 15.38
CA LYS A 109 14.09 29.30 15.33
C LYS A 109 15.23 28.42 15.84
N HIS A 110 14.92 27.38 16.61
CA HIS A 110 15.93 26.49 17.15
C HIS A 110 16.28 25.34 16.22
N TYR A 111 15.57 25.20 15.11
CA TYR A 111 15.78 24.09 14.19
C TYR A 111 15.99 24.64 12.78
N ASP A 112 17.07 24.19 12.13
CA ASP A 112 17.33 24.60 10.77
C ASP A 112 16.30 24.06 9.79
N ASN A 113 15.56 23.02 10.17
CA ASN A 113 14.61 22.38 9.27
C ASN A 113 13.53 21.66 10.06
N LEU A 114 12.73 22.43 10.81
CA LEU A 114 11.70 21.84 11.65
C LEU A 114 10.62 21.19 10.79
N GLY A 115 10.27 19.96 11.14
CA GLY A 115 9.13 19.29 10.56
C GLY A 115 7.89 19.48 11.43
N VAL A 116 6.73 19.29 10.82
CA VAL A 116 5.47 19.44 11.54
C VAL A 116 4.52 18.34 11.10
N ILE A 117 4.01 17.57 12.06
CA ILE A 117 2.92 16.64 11.82
C ILE A 117 1.65 17.29 12.33
N TRP A 118 0.72 17.57 11.42
CA TRP A 118 -0.52 18.24 11.77
C TRP A 118 -1.62 17.18 11.84
N TYR A 119 -1.94 16.77 13.06
CA TYR A 119 -2.94 15.74 13.32
C TYR A 119 -4.27 16.45 13.51
N ASP A 120 -5.12 16.42 12.48
CA ASP A 120 -6.26 17.32 12.47
C ASP A 120 -7.24 16.88 11.39
N ALA A 121 -8.52 17.08 11.66
CA ALA A 121 -9.54 16.93 10.64
C ALA A 121 -9.55 18.11 9.68
N HIS A 122 -8.94 19.23 10.04
CA HIS A 122 -8.93 20.44 9.25
C HIS A 122 -7.52 20.78 8.84
N GLY A 123 -7.40 21.66 7.85
CA GLY A 123 -6.10 22.13 7.41
C GLY A 123 -5.66 23.38 8.15
N ASP A 124 -6.63 24.16 8.61
CA ASP A 124 -6.36 25.44 9.27
C ASP A 124 -5.39 26.26 8.43
N LEU A 125 -5.68 26.33 7.14
CA LEU A 125 -4.84 27.05 6.19
C LEU A 125 -5.53 28.30 5.67
N ASN A 126 -6.42 28.88 6.48
CA ASN A 126 -7.21 30.01 6.02
C ASN A 126 -6.52 31.33 6.34
N THR A 127 -7.22 32.42 6.02
CA THR A 127 -6.77 33.78 6.17
C THR A 127 -8.03 34.61 6.40
N LEU A 128 -7.87 35.75 7.08
CA LEU A 128 -9.04 36.54 7.46
C LEU A 128 -9.90 36.90 6.25
N GLU A 129 -9.29 37.03 5.07
CA GLU A 129 -10.06 37.32 3.86
C GLU A 129 -10.79 36.08 3.35
N THR A 130 -10.07 34.95 3.26
CA THR A 130 -10.70 33.70 2.84
C THR A 130 -11.50 33.04 3.96
N SER A 131 -11.33 33.49 5.19
CA SER A 131 -12.04 32.89 6.31
C SER A 131 -13.50 33.33 6.30
N PRO A 132 -14.45 32.40 6.39
CA PRO A 132 -15.86 32.80 6.48
C PRO A 132 -16.30 33.18 7.88
N SER A 133 -15.41 33.05 8.87
CA SER A 133 -15.71 33.36 10.25
C SER A 133 -14.66 34.32 10.82
N GLY A 134 -13.46 34.30 10.23
CA GLY A 134 -12.34 35.01 10.80
C GLY A 134 -11.78 34.41 12.06
N ASN A 135 -12.26 33.24 12.47
CA ASN A 135 -11.76 32.59 13.67
C ASN A 135 -10.32 32.14 13.45
N ILE A 136 -9.40 32.70 14.23
CA ILE A 136 -7.98 32.51 13.99
C ILE A 136 -7.50 31.10 14.28
N HIS A 137 -8.30 30.28 14.97
CA HIS A 137 -7.89 28.89 15.16
C HIS A 137 -7.99 28.08 13.88
N GLY A 138 -8.53 28.66 12.81
CA GLY A 138 -8.46 28.08 11.48
C GLY A 138 -7.36 28.63 10.61
N MET A 139 -6.44 29.43 11.16
CA MET A 139 -5.37 30.06 10.41
C MET A 139 -3.95 29.66 10.84
N PRO A 140 -3.74 29.01 12.00
CA PRO A 140 -2.35 28.93 12.51
C PRO A 140 -1.37 28.30 11.54
N LEU A 141 -1.79 27.34 10.72
CA LEU A 141 -0.86 26.73 9.79
C LEU A 141 -0.59 27.61 8.57
N ALA A 142 -1.59 28.36 8.09
CA ALA A 142 -1.35 29.29 7.00
C ALA A 142 -0.44 30.43 7.45
N VAL A 143 -0.82 31.12 8.52
CA VAL A 143 0.15 31.81 9.35
C VAL A 143 1.25 30.79 9.60
N SER A 144 2.48 31.23 9.82
CA SER A 144 3.55 30.30 10.18
C SER A 144 4.21 29.69 8.95
N LEU A 145 3.50 29.66 7.82
CA LEU A 145 4.02 29.06 6.59
C LEU A 145 4.73 29.93 5.54
N GLY A 146 4.60 31.26 5.48
CA GLY A 146 3.84 32.11 6.39
C GLY A 146 3.04 33.12 5.61
N ILE A 147 1.74 32.85 5.52
CA ILE A 147 0.80 33.64 4.76
C ILE A 147 -0.36 34.01 5.67
N GLY A 148 -0.58 35.30 5.85
CA GLY A 148 -1.63 35.76 6.72
C GLY A 148 -1.33 37.16 7.24
N HIS A 149 -2.11 37.56 8.24
CA HIS A 149 -1.95 38.88 8.84
C HIS A 149 -0.50 39.07 9.30
N GLU A 150 0.05 40.25 8.99
CA GLU A 150 1.47 40.48 9.17
C GLU A 150 1.91 40.28 10.62
N SER A 151 1.27 40.99 11.54
CA SER A 151 1.65 40.88 12.95
C SER A 151 1.59 39.43 13.41
N LEU A 152 0.72 38.63 12.81
CA LEU A 152 0.62 37.21 13.15
C LEU A 152 1.75 36.41 12.50
N VAL A 153 1.97 36.62 11.20
CA VAL A 153 3.02 35.89 10.49
C VAL A 153 4.39 36.24 11.07
N ASN A 154 4.63 37.53 11.36
CA ASN A 154 5.91 37.98 11.85
C ASN A 154 6.04 37.88 13.37
N LEU A 155 5.32 36.95 13.99
CA LEU A 155 5.45 36.73 15.42
C LEU A 155 6.87 36.32 15.78
N GLU A 156 7.44 36.97 16.79
CA GLU A 156 8.81 36.73 17.25
C GLU A 156 9.86 37.20 16.25
N GLY A 157 9.47 38.03 15.28
CA GLY A 157 10.43 38.74 14.47
C GLY A 157 11.07 37.94 13.35
N TYR A 158 10.48 36.83 12.93
CA TYR A 158 10.99 36.09 11.79
C TYR A 158 9.85 35.37 11.10
N ALA A 159 10.02 35.13 9.81
CA ALA A 159 9.01 34.42 9.04
C ALA A 159 9.56 33.99 7.68
N PRO A 160 9.11 32.86 7.15
CA PRO A 160 8.12 31.97 7.78
C PRO A 160 8.76 31.07 8.83
N LYS A 161 7.95 30.54 9.75
CA LYS A 161 8.49 29.63 10.74
C LYS A 161 8.84 28.28 10.13
N ILE A 162 8.07 27.83 9.14
CA ILE A 162 8.20 26.48 8.60
C ILE A 162 7.96 26.52 7.10
N LYS A 163 8.36 25.43 6.45
CA LYS A 163 8.26 25.26 5.01
C LYS A 163 7.12 24.30 4.68
N PRO A 164 6.30 24.58 3.66
CA PRO A 164 5.22 23.64 3.32
C PRO A 164 5.72 22.23 3.07
N GLU A 165 6.94 22.08 2.53
CA GLU A 165 7.51 20.77 2.28
C GLU A 165 7.87 20.02 3.57
N ASN A 166 7.84 20.70 4.71
CA ASN A 166 8.15 20.06 5.99
C ASN A 166 6.90 19.78 6.82
N VAL A 167 5.71 19.95 6.25
CA VAL A 167 4.45 19.72 6.95
C VAL A 167 3.80 18.44 6.43
N VAL A 168 3.29 17.63 7.34
CA VAL A 168 2.47 16.48 6.99
C VAL A 168 1.18 16.57 7.80
N ILE A 169 0.07 16.79 7.13
CA ILE A 169 -1.24 16.78 7.77
C ILE A 169 -1.77 15.36 7.75
N ILE A 170 -2.28 14.90 8.88
CA ILE A 170 -2.83 13.56 9.03
C ILE A 170 -4.21 13.70 9.64
N GLY A 171 -5.24 13.33 8.87
CA GLY A 171 -6.58 13.30 9.38
C GLY A 171 -7.59 14.14 8.61
N ALA A 172 -7.17 14.83 7.55
CA ALA A 172 -8.01 15.84 6.93
C ALA A 172 -9.30 15.24 6.40
N ARG A 173 -10.42 15.95 6.61
CA ARG A 173 -11.70 15.54 6.06
C ARG A 173 -12.68 16.70 5.96
N SER A 174 -12.25 17.91 6.37
CA SER A 174 -13.05 19.13 6.25
C SER A 174 -12.09 20.24 5.79
N LEU A 175 -11.84 20.27 4.49
CA LEU A 175 -10.71 21.01 3.94
C LEU A 175 -11.09 21.79 2.70
N ASP A 176 -12.38 22.01 2.47
CA ASP A 176 -12.86 22.45 1.17
C ASP A 176 -12.35 23.84 0.82
N GLU A 177 -12.34 24.13 -0.49
CA GLU A 177 -12.23 25.48 -1.04
C GLU A 177 -10.78 25.94 -1.19
N GLY A 178 -10.47 27.16 -0.73
CA GLY A 178 -9.14 27.71 -0.97
C GLY A 178 -8.02 26.91 -0.32
N GLU A 179 -8.32 26.22 0.77
CA GLU A 179 -7.29 25.40 1.43
C GLU A 179 -6.75 24.34 0.48
N ARG A 180 -7.66 23.61 -0.17
CA ARG A 180 -7.24 22.55 -1.10
C ARG A 180 -6.33 23.11 -2.18
N LYS A 181 -6.72 24.22 -2.80
CA LYS A 181 -5.90 24.80 -3.86
C LYS A 181 -4.48 25.07 -3.37
N TYR A 182 -4.35 25.63 -2.16
CA TYR A 182 -3.02 25.92 -1.64
C TYR A 182 -2.24 24.63 -1.39
N ILE A 183 -2.92 23.58 -0.91
CA ILE A 183 -2.24 22.31 -0.65
C ILE A 183 -1.49 21.85 -1.89
N LYS A 184 -2.19 21.81 -3.03
CA LYS A 184 -1.60 21.27 -4.25
C LYS A 184 -0.59 22.23 -4.84
N GLU A 185 -0.85 23.54 -4.77
CA GLU A 185 0.13 24.51 -5.26
C GLU A 185 1.37 24.54 -4.38
N SER A 186 1.22 24.29 -3.08
CA SER A 186 2.35 24.39 -2.15
C SER A 186 3.14 23.11 -2.02
N GLY A 187 2.56 21.97 -2.38
CA GLY A 187 3.26 20.70 -2.27
C GLY A 187 3.25 20.08 -0.90
N MET A 188 2.35 20.49 -0.01
CA MET A 188 2.20 19.83 1.27
C MET A 188 1.82 18.37 1.07
N LYS A 189 2.28 17.51 1.97
CA LYS A 189 1.86 16.12 2.00
C LYS A 189 0.78 15.98 3.07
N VAL A 190 -0.42 15.59 2.65
CA VAL A 190 -1.55 15.46 3.56
C VAL A 190 -2.17 14.10 3.34
N TYR A 191 -2.39 13.38 4.44
CA TYR A 191 -3.08 12.09 4.43
C TYR A 191 -4.50 12.33 4.93
N THR A 192 -5.43 12.43 3.99
CA THR A 192 -6.85 12.53 4.35
C THR A 192 -7.35 11.17 4.84
N MET A 193 -8.60 11.16 5.32
CA MET A 193 -9.22 9.91 5.72
C MET A 193 -9.15 8.87 4.61
N HIS A 194 -9.17 9.31 3.35
CA HIS A 194 -9.08 8.37 2.23
C HIS A 194 -7.78 7.58 2.29
N GLU A 195 -6.65 8.29 2.38
CA GLU A 195 -5.35 7.61 2.40
C GLU A 195 -5.23 6.71 3.63
N ILE A 196 -5.75 7.15 4.77
CA ILE A 196 -5.69 6.33 5.97
C ILE A 196 -6.52 5.06 5.78
N ASP A 197 -7.73 5.21 5.25
CA ASP A 197 -8.54 4.03 4.96
C ASP A 197 -7.87 3.14 3.92
N ARG A 198 -7.26 3.74 2.90
CA ARG A 198 -6.69 2.96 1.80
C ARG A 198 -5.43 2.22 2.24
N LEU A 199 -4.47 2.97 2.80
CA LEU A 199 -3.16 2.42 3.12
C LEU A 199 -3.07 1.84 4.51
N GLY A 200 -3.99 2.20 5.41
CA GLY A 200 -3.87 1.82 6.80
C GLY A 200 -2.97 2.80 7.52
N MET A 201 -3.18 2.99 8.82
CA MET A 201 -2.43 4.01 9.54
C MET A 201 -0.95 3.68 9.58
N THR A 202 -0.61 2.40 9.70
CA THR A 202 0.80 2.01 9.74
C THR A 202 1.57 2.63 8.58
N LYS A 203 1.14 2.31 7.35
CA LYS A 203 1.83 2.83 6.17
C LYS A 203 1.90 4.35 6.19
N VAL A 204 0.81 5.00 6.60
CA VAL A 204 0.78 6.46 6.65
C VAL A 204 1.91 6.99 7.53
N ILE A 205 2.05 6.44 8.73
CA ILE A 205 3.09 6.90 9.66
C ILE A 205 4.47 6.59 9.09
N GLU A 206 4.67 5.35 8.62
CA GLU A 206 5.96 4.99 8.05
C GLU A 206 6.34 5.90 6.90
N GLU A 207 5.38 6.22 6.02
CA GLU A 207 5.65 7.18 4.96
C GLU A 207 5.86 8.58 5.50
N THR A 208 5.19 8.93 6.60
CA THR A 208 5.42 10.23 7.23
C THR A 208 6.83 10.31 7.80
N LEU A 209 7.25 9.27 8.53
CA LEU A 209 8.59 9.26 9.13
C LEU A 209 9.66 9.43 8.06
N ASP A 210 9.67 8.53 7.07
CA ASP A 210 10.64 8.65 5.98
C ASP A 210 10.61 10.04 5.35
N TYR A 211 9.40 10.52 5.03
CA TYR A 211 9.25 11.83 4.40
C TYR A 211 9.93 12.91 5.22
N LEU A 212 9.73 12.90 6.53
CA LEU A 212 10.29 13.91 7.43
C LEU A 212 11.68 13.54 7.92
N SER A 213 12.31 12.50 7.36
CA SER A 213 13.61 12.05 7.84
C SER A 213 14.70 13.11 7.70
N ALA A 214 14.47 14.18 6.93
CA ALA A 214 15.46 15.21 6.67
C ALA A 214 15.32 16.42 7.58
N CYS A 215 14.61 16.27 8.70
CA CYS A 215 14.34 17.38 9.60
C CYS A 215 15.19 17.29 10.86
N ASP A 216 15.60 18.46 11.36
CA ASP A 216 16.38 18.50 12.60
C ASP A 216 15.50 18.20 13.81
N GLY A 217 14.23 18.58 13.73
CA GLY A 217 13.25 18.28 14.77
C GLY A 217 11.88 18.25 14.15
N VAL A 218 10.92 17.70 14.90
CA VAL A 218 9.55 17.55 14.41
C VAL A 218 8.59 17.94 15.53
N HIS A 219 7.70 18.88 15.24
CA HIS A 219 6.66 19.30 16.17
C HIS A 219 5.36 18.58 15.82
N LEU A 220 4.70 18.04 16.84
CA LEU A 220 3.40 17.41 16.69
C LEU A 220 2.33 18.37 17.17
N SER A 221 1.47 18.79 16.26
CA SER A 221 0.35 19.66 16.58
C SER A 221 -0.91 18.83 16.41
N LEU A 222 -1.47 18.37 17.53
CA LEU A 222 -2.57 17.40 17.50
C LEU A 222 -3.87 18.09 17.90
N ASP A 223 -4.77 18.19 16.93
CA ASP A 223 -6.14 18.67 17.15
C ASP A 223 -7.00 17.47 17.52
N LEU A 224 -7.60 17.50 18.72
CA LEU A 224 -8.40 16.37 19.14
C LEU A 224 -9.56 16.08 18.18
N ASP A 225 -10.02 17.09 17.43
CA ASP A 225 -11.05 16.81 16.43
C ASP A 225 -10.53 16.02 15.25
N GLY A 226 -9.22 15.73 15.20
CA GLY A 226 -8.73 14.75 14.26
C GLY A 226 -9.30 13.37 14.51
N LEU A 227 -9.57 13.05 15.78
CA LEU A 227 -10.25 11.81 16.12
C LEU A 227 -11.74 11.91 15.82
N ASP A 228 -12.34 10.76 15.54
CA ASP A 228 -13.77 10.72 15.28
C ASP A 228 -14.52 11.28 16.49
N PRO A 229 -15.64 11.99 16.29
CA PRO A 229 -16.38 12.53 17.44
C PRO A 229 -16.87 11.47 18.41
N ASN A 230 -17.03 10.22 17.96
CA ASN A 230 -17.42 9.16 18.89
C ASN A 230 -16.34 8.94 19.95
N ASP A 231 -15.08 9.17 19.60
CA ASP A 231 -13.97 9.01 20.53
C ASP A 231 -13.51 10.31 21.18
N ALA A 232 -13.72 11.44 20.51
CA ALA A 232 -13.33 12.75 21.02
C ALA A 232 -14.48 13.73 20.81
N PRO A 233 -15.59 13.57 21.56
CA PRO A 233 -16.73 14.46 21.35
C PRO A 233 -16.49 15.89 21.82
N GLY A 234 -15.63 16.10 22.81
CA GLY A 234 -15.45 17.41 23.39
C GLY A 234 -14.59 18.35 22.57
N VAL A 235 -15.04 18.66 21.35
CA VAL A 235 -14.35 19.58 20.47
C VAL A 235 -15.37 20.53 19.84
N GLY A 236 -14.90 21.72 19.46
CA GLY A 236 -15.80 22.74 18.95
C GLY A 236 -16.25 22.54 17.52
N THR A 237 -15.48 21.81 16.72
CA THR A 237 -15.79 21.61 15.31
C THR A 237 -15.62 20.13 14.97
N PRO A 238 -16.51 19.27 15.46
CA PRO A 238 -16.41 17.85 15.15
C PRO A 238 -16.75 17.57 13.69
N VAL A 239 -16.11 16.53 13.16
CA VAL A 239 -16.34 16.09 11.79
C VAL A 239 -16.37 14.57 11.78
N VAL A 240 -17.48 14.00 11.29
CA VAL A 240 -17.66 12.54 11.35
C VAL A 240 -16.61 11.85 10.49
N GLY A 241 -16.48 10.55 10.71
CA GLY A 241 -15.55 9.73 9.94
C GLY A 241 -14.08 10.04 10.19
N GLY A 242 -13.68 10.10 11.46
CA GLY A 242 -12.32 10.45 11.82
C GLY A 242 -11.48 9.25 12.22
N ILE A 243 -10.31 9.55 12.77
CA ILE A 243 -9.37 8.51 13.18
C ILE A 243 -9.84 7.88 14.47
N SER A 244 -9.65 6.57 14.59
CA SER A 244 -10.12 5.85 15.76
C SER A 244 -9.17 6.05 16.93
N TYR A 245 -9.67 5.73 18.13
CA TYR A 245 -8.85 5.75 19.33
C TYR A 245 -7.62 4.85 19.17
N ARG A 246 -7.81 3.66 18.60
CA ARG A 246 -6.70 2.73 18.44
C ARG A 246 -5.70 3.24 17.41
N GLU A 247 -6.18 3.66 16.23
CA GLU A 247 -5.28 4.21 15.22
C GLU A 247 -4.44 5.35 15.78
N SER A 248 -5.06 6.20 16.61
CA SER A 248 -4.33 7.33 17.18
C SER A 248 -3.24 6.85 18.12
N HIS A 249 -3.53 5.85 18.95
CA HIS A 249 -2.49 5.30 19.83
C HIS A 249 -1.37 4.65 19.02
N LEU A 250 -1.73 3.94 17.95
CA LEU A 250 -0.70 3.37 17.07
C LEU A 250 0.24 4.45 16.56
N ALA A 251 -0.32 5.56 16.08
CA ALA A 251 0.50 6.64 15.54
C ALA A 251 1.44 7.20 16.61
N MET A 252 0.92 7.44 17.82
CA MET A 252 1.77 7.95 18.89
C MET A 252 2.89 6.96 19.22
N GLU A 253 2.55 5.67 19.32
CA GLU A 253 3.55 4.67 19.65
C GLU A 253 4.63 4.61 18.58
N MET A 254 4.25 4.69 17.31
CA MET A 254 5.24 4.65 16.23
C MET A 254 6.07 5.93 16.20
N LEU A 255 5.46 7.07 16.53
CA LEU A 255 6.21 8.32 16.60
C LEU A 255 7.25 8.29 17.70
N TYR A 256 6.90 7.72 18.87
CA TYR A 256 7.87 7.59 19.94
C TYR A 256 9.03 6.70 19.52
N ASP A 257 8.73 5.51 19.00
CA ASP A 257 9.79 4.59 18.61
C ASP A 257 10.76 5.23 17.63
N ALA A 258 10.28 6.18 16.82
CA ALA A 258 11.15 6.86 15.86
C ALA A 258 12.00 7.94 16.50
N GLY A 259 11.60 8.45 17.67
CA GLY A 259 12.38 9.47 18.34
C GLY A 259 12.48 10.79 17.61
N ILE A 260 11.54 11.07 16.69
CA ILE A 260 11.62 12.29 15.90
C ILE A 260 10.91 13.48 16.55
N ILE A 261 9.97 13.24 17.45
CA ILE A 261 9.15 14.31 18.00
C ILE A 261 9.96 15.07 19.05
N THR A 262 10.13 16.37 18.83
CA THR A 262 10.88 17.23 19.74
C THR A 262 10.01 18.24 20.47
N SER A 263 8.74 18.37 20.07
CA SER A 263 7.79 19.23 20.75
C SER A 263 6.38 18.80 20.33
N ALA A 264 5.40 19.11 21.17
CA ALA A 264 4.04 18.68 20.92
C ALA A 264 3.06 19.61 21.60
N GLU A 265 1.89 19.76 20.99
CA GLU A 265 0.78 20.51 21.56
C GLU A 265 -0.51 19.76 21.31
N PHE A 266 -1.37 19.70 22.33
CA PHE A 266 -2.66 19.04 22.26
C PHE A 266 -3.74 20.10 22.49
N VAL A 267 -4.57 20.34 21.49
CA VAL A 267 -5.43 21.51 21.46
C VAL A 267 -6.89 21.10 21.28
N GLU A 268 -7.78 22.05 21.52
CA GLU A 268 -9.20 22.02 21.19
C GLU A 268 -10.03 21.17 22.13
N VAL A 269 -9.47 20.67 23.23
CA VAL A 269 -10.28 19.99 24.23
C VAL A 269 -11.19 21.01 24.89
N ASN A 270 -12.50 20.78 24.81
CA ASN A 270 -13.50 21.69 25.35
C ASN A 270 -14.41 20.91 26.30
N PRO A 271 -14.21 21.02 27.61
CA PRO A 271 -15.04 20.24 28.55
C PRO A 271 -16.52 20.58 28.48
N ILE A 272 -16.85 21.82 28.09
CA ILE A 272 -18.26 22.24 28.00
C ILE A 272 -18.99 21.50 26.89
N LEU A 273 -18.27 20.86 25.98
CA LEU A 273 -18.85 20.08 24.90
C LEU A 273 -18.53 18.60 25.04
N ASP A 274 -17.92 18.18 26.15
CA ASP A 274 -17.41 16.84 26.31
C ASP A 274 -18.38 15.99 27.14
N HIS A 275 -18.08 14.70 27.22
CA HIS A 275 -18.85 13.75 28.02
C HIS A 275 -17.94 13.23 29.13
N LYS A 276 -18.14 13.73 30.35
CA LYS A 276 -17.37 13.32 31.51
C LYS A 276 -15.87 13.30 31.20
N ASN A 277 -15.39 14.38 30.59
CA ASN A 277 -13.97 14.55 30.30
C ASN A 277 -13.40 13.39 29.47
N LYS A 278 -14.27 12.74 28.68
CA LYS A 278 -13.81 11.65 27.83
C LYS A 278 -12.70 12.11 26.90
N THR A 279 -12.80 13.33 26.37
CA THR A 279 -11.80 13.84 25.43
C THR A 279 -10.53 14.26 26.16
N GLY A 280 -10.66 14.90 27.32
CA GLY A 280 -9.48 15.23 28.11
C GLY A 280 -8.70 13.99 28.54
N LYS A 281 -9.41 12.93 28.93
CA LYS A 281 -8.76 11.67 29.26
C LYS A 281 -8.03 11.11 28.06
N THR A 282 -8.69 11.08 26.89
CA THR A 282 -8.06 10.57 25.68
C THR A 282 -6.79 11.35 25.38
N ALA A 283 -6.81 12.67 25.58
CA ALA A 283 -5.62 13.48 25.32
C ALA A 283 -4.45 13.03 26.18
N VAL A 284 -4.69 12.83 27.49
CA VAL A 284 -3.64 12.33 28.37
C VAL A 284 -3.15 10.98 27.89
N GLU A 285 -4.08 10.09 27.53
CA GLU A 285 -3.69 8.76 27.09
C GLU A 285 -2.79 8.82 25.86
N LEU A 286 -3.08 9.73 24.94
CA LEU A 286 -2.25 9.85 23.73
C LEU A 286 -0.87 10.41 24.07
N VAL A 287 -0.81 11.40 24.97
CA VAL A 287 0.48 11.91 25.41
C VAL A 287 1.32 10.79 26.00
N GLU A 288 0.70 9.94 26.83
CA GLU A 288 1.42 8.80 27.40
C GLU A 288 2.09 7.98 26.32
N SER A 289 1.33 7.60 25.28
CA SER A 289 1.89 6.81 24.20
C SER A 289 2.95 7.59 23.42
N LEU A 290 2.74 8.90 23.25
CA LEU A 290 3.73 9.72 22.56
C LEU A 290 5.05 9.73 23.30
N LEU A 291 5.00 9.72 24.64
CA LEU A 291 6.20 9.83 25.46
C LEU A 291 6.69 8.48 25.98
N GLY A 292 6.29 7.39 25.33
CA GLY A 292 6.93 6.10 25.54
C GLY A 292 6.17 5.08 26.34
N LYS A 293 4.92 5.34 26.72
CA LYS A 293 4.15 4.33 27.43
C LYS A 293 3.87 3.15 26.51
N LYS A 294 4.17 1.94 26.99
CA LYS A 294 4.04 0.72 26.21
C LYS A 294 3.13 -0.25 26.93
N LEU A 295 2.32 -0.97 26.14
CA LEU A 295 1.52 -2.06 26.71
C LEU A 295 2.40 -3.22 27.13
N LEU A 296 3.56 -3.39 26.48
CA LEU A 296 4.53 -4.40 26.85
C LEU A 296 5.94 -3.92 26.49
N LYS B 3 -21.13 14.50 -17.00
CA LYS B 3 -22.37 13.72 -17.04
C LYS B 3 -23.51 14.49 -16.38
N THR B 4 -24.74 14.17 -16.78
CA THR B 4 -25.94 14.73 -16.17
C THR B 4 -26.57 13.68 -15.26
N ILE B 5 -26.82 14.05 -14.01
CA ILE B 5 -27.34 13.13 -13.00
C ILE B 5 -28.86 13.22 -12.99
N SER B 6 -29.52 12.10 -13.25
CA SER B 6 -30.98 12.01 -13.24
C SER B 6 -31.40 11.24 -11.99
N VAL B 7 -31.97 11.95 -11.02
CA VAL B 7 -32.45 11.34 -9.78
C VAL B 7 -33.87 10.84 -10.02
N ILE B 8 -34.12 9.58 -9.68
CA ILE B 8 -35.42 8.94 -9.88
C ILE B 8 -35.87 8.37 -8.55
N GLY B 9 -36.86 9.00 -7.93
CA GLY B 9 -37.40 8.48 -6.69
C GLY B 9 -38.27 7.26 -6.94
N MET B 10 -38.14 6.26 -6.06
CA MET B 10 -38.93 5.03 -6.13
C MET B 10 -39.43 4.69 -4.74
N PRO B 11 -40.57 5.29 -4.32
CA PRO B 11 -41.09 5.09 -2.96
C PRO B 11 -41.76 3.74 -2.78
N MET B 12 -40.99 2.67 -3.01
CA MET B 12 -41.51 1.30 -2.98
C MET B 12 -41.38 0.73 -1.58
N ASP B 13 -42.51 0.30 -1.02
CA ASP B 13 -42.53 -0.42 0.24
C ASP B 13 -43.21 -1.79 0.13
N LEU B 14 -43.80 -2.11 -1.01
CA LEU B 14 -44.57 -3.35 -1.17
C LEU B 14 -43.70 -4.57 -1.34
N GLY B 15 -42.41 -4.40 -1.60
CA GLY B 15 -41.49 -5.53 -1.63
C GLY B 15 -41.08 -6.01 -0.26
N GLN B 16 -41.64 -5.45 0.80
CA GLN B 16 -41.25 -5.77 2.16
C GLN B 16 -42.44 -5.47 3.07
N ALA B 17 -42.37 -5.97 4.30
CA ALA B 17 -43.50 -5.91 5.22
C ALA B 17 -43.46 -4.73 6.20
N ARG B 18 -42.33 -4.02 6.30
CA ARG B 18 -42.18 -2.96 7.30
C ARG B 18 -42.58 -1.61 6.73
N ARG B 19 -43.35 -0.85 7.51
CA ARG B 19 -43.80 0.46 7.07
C ARG B 19 -42.66 1.47 7.06
N GLY B 20 -42.69 2.39 6.09
CA GLY B 20 -41.89 3.59 6.12
C GLY B 20 -40.80 3.67 5.08
N VAL B 21 -40.36 2.54 4.52
CA VAL B 21 -39.27 2.58 3.54
C VAL B 21 -39.66 3.31 2.27
N ASP B 22 -40.96 3.56 2.07
CA ASP B 22 -41.42 4.26 0.87
C ASP B 22 -41.04 5.74 0.87
N MET B 23 -40.70 6.32 2.01
CA MET B 23 -40.29 7.72 2.06
C MET B 23 -38.77 7.87 2.22
N GLY B 24 -38.01 6.82 1.91
CA GLY B 24 -36.58 6.96 1.78
C GLY B 24 -36.14 7.96 0.76
N PRO B 25 -36.80 8.07 -0.41
CA PRO B 25 -36.44 9.12 -1.37
C PRO B 25 -36.56 10.52 -0.78
N SER B 26 -37.68 10.80 -0.09
CA SER B 26 -37.84 12.11 0.54
C SER B 26 -36.78 12.34 1.61
N ALA B 27 -36.49 11.30 2.40
CA ALA B 27 -35.48 11.46 3.45
C ALA B 27 -34.10 11.68 2.87
N ILE B 28 -33.87 11.23 1.64
CA ILE B 28 -32.57 11.48 1.00
C ILE B 28 -32.56 12.86 0.36
N ARG B 29 -33.64 13.24 -0.34
CA ARG B 29 -33.76 14.59 -0.86
C ARG B 29 -33.56 15.60 0.25
N TYR B 30 -34.33 15.47 1.33
CA TYR B 30 -33.96 16.09 2.58
C TYR B 30 -32.68 15.41 3.05
N ALA B 31 -31.81 16.17 3.72
CA ALA B 31 -30.38 15.90 3.75
C ALA B 31 -29.78 16.38 2.43
N HIS B 32 -30.59 16.98 1.56
CA HIS B 32 -30.13 17.87 0.49
C HIS B 32 -29.86 17.13 -0.82
N LEU B 33 -28.77 16.37 -0.91
CA LEU B 33 -28.46 15.62 -2.12
C LEU B 33 -28.38 16.52 -3.34
N ILE B 34 -29.54 17.04 -3.78
CA ILE B 34 -29.60 17.79 -5.03
C ILE B 34 -28.65 18.98 -4.99
N GLU B 35 -28.69 19.75 -3.90
CA GLU B 35 -27.81 20.92 -3.82
C GLU B 35 -26.37 20.51 -3.58
N ARG B 36 -26.14 19.38 -2.90
CA ARG B 36 -24.78 18.85 -2.79
C ARG B 36 -24.22 18.48 -4.15
N LEU B 37 -25.02 17.79 -4.97
CA LEU B 37 -24.54 17.40 -6.30
C LEU B 37 -24.40 18.62 -7.20
N SER B 38 -25.26 19.63 -7.03
CA SER B 38 -25.07 20.88 -7.76
C SER B 38 -23.81 21.59 -7.30
N ASP B 39 -23.57 21.64 -5.99
CA ASP B 39 -22.36 22.27 -5.47
C ASP B 39 -21.10 21.59 -5.98
N MET B 40 -21.20 20.36 -6.47
CA MET B 40 -20.06 19.62 -6.98
C MET B 40 -19.81 19.85 -8.47
N GLY B 41 -20.66 20.63 -9.14
CA GLY B 41 -20.49 20.94 -10.54
C GLY B 41 -21.47 20.25 -11.47
N TYR B 42 -22.19 19.24 -10.99
CA TYR B 42 -23.11 18.51 -11.85
C TYR B 42 -24.35 19.34 -12.15
N THR B 43 -24.84 19.23 -13.38
CA THR B 43 -26.19 19.63 -13.72
C THR B 43 -27.08 18.44 -13.40
N VAL B 44 -27.97 18.60 -12.41
CA VAL B 44 -28.73 17.50 -11.85
C VAL B 44 -30.21 17.81 -12.00
N GLU B 45 -30.95 16.86 -12.56
CA GLU B 45 -32.40 16.97 -12.71
C GLU B 45 -33.08 15.96 -11.80
N ASP B 46 -34.12 16.41 -11.12
CA ASP B 46 -34.89 15.55 -10.21
C ASP B 46 -36.19 15.18 -10.93
N LEU B 47 -36.24 13.97 -11.45
CA LEU B 47 -37.40 13.51 -12.22
C LEU B 47 -38.56 13.09 -11.33
N GLY B 48 -38.47 13.27 -10.02
CA GLY B 48 -39.58 13.03 -9.13
C GLY B 48 -39.73 11.58 -8.72
N ASP B 49 -40.77 11.34 -7.93
CA ASP B 49 -41.08 10.01 -7.41
C ASP B 49 -42.09 9.31 -8.30
N ILE B 50 -41.99 7.98 -8.35
CA ILE B 50 -42.88 7.16 -9.16
C ILE B 50 -44.07 6.75 -8.28
N PRO B 51 -45.30 6.81 -8.77
CA PRO B 51 -46.44 6.44 -7.93
C PRO B 51 -46.57 4.93 -7.78
N ILE B 52 -47.03 4.51 -6.60
CA ILE B 52 -47.36 3.12 -6.33
C ILE B 52 -48.75 3.08 -5.75
N ASN B 53 -49.45 1.97 -5.97
CA ASN B 53 -50.81 1.79 -5.50
C ASN B 53 -50.87 0.76 -4.38
N ASN B 65 -48.89 -7.14 -3.48
CA ASN B 65 -47.54 -7.57 -3.82
C ASN B 65 -47.29 -7.52 -5.32
N LEU B 66 -47.57 -8.64 -6.00
CA LEU B 66 -47.09 -8.89 -7.35
C LEU B 66 -47.38 -7.74 -8.30
N ASN B 67 -48.66 -7.52 -8.64
CA ASN B 67 -48.99 -6.53 -9.66
C ASN B 67 -48.45 -5.15 -9.30
N SER B 68 -48.54 -4.78 -8.02
CA SER B 68 -48.06 -3.46 -7.61
C SER B 68 -46.56 -3.35 -7.79
N VAL B 69 -45.80 -4.35 -7.31
CA VAL B 69 -44.36 -4.36 -7.54
C VAL B 69 -44.06 -4.47 -9.03
N LEU B 70 -44.90 -5.19 -9.76
CA LEU B 70 -44.66 -5.41 -11.18
C LEU B 70 -44.89 -4.15 -11.99
N ALA B 71 -46.01 -3.46 -11.73
CA ALA B 71 -46.31 -2.23 -12.46
C ALA B 71 -45.28 -1.15 -12.13
N GLY B 72 -45.02 -0.93 -10.84
CA GLY B 72 -44.05 0.09 -10.46
C GLY B 72 -42.68 -0.14 -11.07
N ASN B 73 -42.21 -1.38 -11.06
CA ASN B 73 -40.93 -1.68 -11.67
C ASN B 73 -40.99 -1.52 -13.19
N GLU B 74 -42.14 -1.86 -13.78
CA GLU B 74 -42.34 -1.58 -15.21
C GLU B 74 -42.06 -0.11 -15.51
N LYS B 75 -42.76 0.79 -14.80
CA LYS B 75 -42.57 2.21 -15.01
C LYS B 75 -41.13 2.62 -14.72
N LEU B 76 -40.57 2.15 -13.61
CA LEU B 76 -39.18 2.45 -13.28
C LEU B 76 -38.26 2.11 -14.45
N ALA B 77 -38.46 0.93 -15.03
CA ALA B 77 -37.64 0.50 -16.16
C ALA B 77 -37.74 1.48 -17.33
N GLN B 78 -38.97 1.91 -17.65
CA GLN B 78 -39.14 2.85 -18.76
C GLN B 78 -38.37 4.14 -18.51
N LYS B 79 -38.33 4.57 -17.25
CA LYS B 79 -37.69 5.85 -16.93
C LYS B 79 -36.17 5.75 -17.06
N VAL B 80 -35.59 4.72 -16.44
CA VAL B 80 -34.14 4.54 -16.52
C VAL B 80 -33.70 4.36 -17.97
N ASN B 81 -34.44 3.55 -18.73
CA ASN B 81 -34.11 3.35 -20.14
C ASN B 81 -34.03 4.68 -20.88
N LYS B 82 -35.03 5.53 -20.69
CA LYS B 82 -35.02 6.84 -21.35
C LYS B 82 -33.83 7.68 -20.89
N VAL B 83 -33.55 7.67 -19.59
CA VAL B 83 -32.40 8.42 -19.07
C VAL B 83 -31.11 7.96 -19.75
N ILE B 84 -30.93 6.64 -19.88
CA ILE B 84 -29.74 6.12 -20.53
C ILE B 84 -29.74 6.47 -22.01
N GLU B 85 -30.92 6.43 -22.66
CA GLU B 85 -31.01 6.83 -24.06
C GLU B 85 -30.51 8.26 -24.26
N GLU B 86 -30.64 9.11 -23.24
CA GLU B 86 -30.14 10.47 -23.29
C GLU B 86 -28.71 10.60 -22.79
N LYS B 87 -28.02 9.48 -22.58
CA LYS B 87 -26.63 9.51 -22.11
C LYS B 87 -26.50 10.25 -20.79
N LYS B 88 -27.48 10.07 -19.92
CA LYS B 88 -27.47 10.64 -18.59
C LYS B 88 -27.32 9.53 -17.55
N PHE B 89 -26.80 9.90 -16.39
CA PHE B 89 -26.53 8.94 -15.33
C PHE B 89 -27.78 8.72 -14.49
N PRO B 90 -28.37 7.52 -14.48
CA PRO B 90 -29.55 7.30 -13.63
C PRO B 90 -29.14 7.01 -12.19
N LEU B 91 -29.58 7.87 -11.27
CA LEU B 91 -29.36 7.70 -9.85
C LEU B 91 -30.73 7.44 -9.23
N VAL B 92 -31.01 6.18 -8.93
CA VAL B 92 -32.36 5.81 -8.55
C VAL B 92 -32.63 6.30 -7.14
N LEU B 93 -32.08 5.64 -6.13
CA LEU B 93 -32.46 5.96 -4.76
C LEU B 93 -33.92 5.59 -4.60
N GLY B 94 -34.29 4.92 -3.51
CA GLY B 94 -35.65 4.42 -3.45
C GLY B 94 -36.03 3.89 -2.09
N GLY B 95 -36.99 2.97 -2.13
CA GLY B 95 -37.42 2.24 -0.96
C GLY B 95 -36.77 0.88 -0.91
N ASP B 96 -37.57 -0.18 -0.84
CA ASP B 96 -37.02 -1.52 -0.65
C ASP B 96 -36.31 -1.98 -1.93
N HIS B 97 -35.50 -3.03 -1.76
CA HIS B 97 -34.59 -3.44 -2.82
C HIS B 97 -35.29 -4.04 -4.03
N SER B 98 -36.60 -4.32 -3.94
CA SER B 98 -37.32 -4.87 -5.08
C SER B 98 -37.23 -3.96 -6.31
N ILE B 99 -36.91 -2.68 -6.12
CA ILE B 99 -36.86 -1.76 -7.25
C ILE B 99 -35.69 -2.08 -8.17
N ALA B 100 -34.70 -2.82 -7.68
CA ALA B 100 -33.59 -3.22 -8.55
C ALA B 100 -34.07 -4.03 -9.75
N ILE B 101 -35.23 -4.69 -9.63
CA ILE B 101 -35.81 -5.40 -10.77
C ILE B 101 -36.03 -4.42 -11.93
N GLY B 102 -36.74 -3.32 -11.65
CA GLY B 102 -37.01 -2.36 -12.71
C GLY B 102 -35.78 -1.59 -13.13
N THR B 103 -34.91 -1.27 -12.17
CA THR B 103 -33.68 -0.54 -12.51
C THR B 103 -32.85 -1.33 -13.51
N LEU B 104 -32.54 -2.59 -13.19
CA LEU B 104 -31.73 -3.40 -14.10
C LEU B 104 -32.48 -3.71 -15.39
N ALA B 105 -33.81 -3.77 -15.33
CA ALA B 105 -34.59 -3.98 -16.56
C ALA B 105 -34.39 -2.83 -17.53
N GLY B 106 -34.09 -1.63 -17.03
CA GLY B 106 -33.96 -0.46 -17.87
C GLY B 106 -32.55 -0.22 -18.39
N THR B 107 -31.54 -0.75 -17.70
CA THR B 107 -30.15 -0.51 -18.08
C THR B 107 -29.53 -1.65 -18.86
N ALA B 108 -29.85 -2.90 -18.50
CA ALA B 108 -29.11 -4.04 -19.02
C ALA B 108 -29.13 -4.08 -20.55
N LYS B 109 -30.28 -3.81 -21.16
CA LYS B 109 -30.40 -3.90 -22.61
C LYS B 109 -29.48 -2.92 -23.33
N HIS B 110 -28.96 -1.91 -22.64
CA HIS B 110 -28.07 -0.92 -23.25
C HIS B 110 -26.61 -1.31 -23.18
N TYR B 111 -26.28 -2.41 -22.50
CA TYR B 111 -24.90 -2.83 -22.31
C TYR B 111 -24.78 -4.29 -22.72
N ASP B 112 -23.84 -4.57 -23.64
CA ASP B 112 -23.62 -5.95 -24.05
C ASP B 112 -23.16 -6.83 -22.90
N ASN B 113 -22.61 -6.23 -21.84
CA ASN B 113 -22.10 -7.00 -20.72
C ASN B 113 -22.10 -6.15 -19.45
N LEU B 114 -23.29 -5.90 -18.91
CA LEU B 114 -23.42 -5.05 -17.73
C LEU B 114 -22.86 -5.75 -16.50
N GLY B 115 -22.03 -5.04 -15.75
CA GLY B 115 -21.59 -5.51 -14.46
C GLY B 115 -22.48 -4.98 -13.35
N VAL B 116 -22.50 -5.71 -12.24
CA VAL B 116 -23.29 -5.33 -11.07
C VAL B 116 -22.46 -5.62 -9.83
N ILE B 117 -22.20 -4.59 -9.03
CA ILE B 117 -21.57 -4.77 -7.73
C ILE B 117 -22.65 -4.58 -6.68
N TRP B 118 -22.89 -5.63 -5.92
CA TRP B 118 -24.05 -5.75 -5.06
C TRP B 118 -23.62 -5.53 -3.61
N TYR B 119 -23.84 -4.31 -3.13
CA TYR B 119 -23.31 -3.84 -1.86
C TYR B 119 -24.41 -4.04 -0.82
N ASP B 120 -24.37 -5.19 -0.15
CA ASP B 120 -25.52 -5.64 0.62
C ASP B 120 -25.05 -6.64 1.66
N ALA B 121 -25.68 -6.57 2.86
CA ALA B 121 -25.49 -7.64 3.83
C ALA B 121 -26.14 -8.93 3.38
N HIS B 122 -27.04 -8.88 2.40
CA HIS B 122 -27.79 -10.02 1.93
C HIS B 122 -27.46 -10.29 0.47
N GLY B 123 -27.79 -11.50 0.03
CA GLY B 123 -27.63 -11.86 -1.36
C GLY B 123 -28.87 -11.57 -2.18
N ASP B 124 -30.03 -11.59 -1.51
CA ASP B 124 -31.31 -11.37 -2.16
C ASP B 124 -31.42 -12.22 -3.43
N LEU B 125 -31.02 -13.49 -3.29
CA LEU B 125 -31.07 -14.45 -4.38
C LEU B 125 -32.21 -15.44 -4.21
N ASN B 126 -33.25 -15.06 -3.46
CA ASN B 126 -34.34 -15.97 -3.16
C ASN B 126 -35.31 -16.05 -4.34
N THR B 127 -36.41 -16.76 -4.12
CA THR B 127 -37.44 -17.01 -5.12
C THR B 127 -38.75 -17.07 -4.37
N LEU B 128 -39.86 -16.98 -5.11
CA LEU B 128 -41.18 -17.09 -4.49
C LEU B 128 -41.24 -18.26 -3.53
N GLU B 129 -40.69 -19.41 -3.92
CA GLU B 129 -40.86 -20.64 -3.15
C GLU B 129 -39.89 -20.78 -2.00
N THR B 130 -38.67 -20.23 -2.12
CA THR B 130 -37.67 -20.43 -1.10
C THR B 130 -37.62 -19.31 -0.06
N SER B 131 -38.34 -18.21 -0.30
CA SER B 131 -38.34 -17.12 0.67
C SER B 131 -39.31 -17.45 1.79
N PRO B 132 -38.84 -17.57 3.05
CA PRO B 132 -39.78 -17.85 4.15
C PRO B 132 -40.82 -16.76 4.35
N SER B 133 -40.65 -15.60 3.73
CA SER B 133 -41.55 -14.46 3.89
C SER B 133 -42.49 -14.30 2.71
N GLY B 134 -41.95 -14.30 1.49
CA GLY B 134 -42.70 -13.91 0.31
C GLY B 134 -42.45 -12.49 -0.13
N ASN B 135 -41.56 -11.77 0.55
CA ASN B 135 -41.27 -10.39 0.22
C ASN B 135 -40.29 -10.35 -0.95
N ILE B 136 -40.68 -9.64 -2.01
CA ILE B 136 -39.91 -9.63 -3.25
C ILE B 136 -38.58 -8.90 -3.10
N HIS B 137 -38.44 -8.03 -2.09
CA HIS B 137 -37.19 -7.29 -1.95
C HIS B 137 -36.01 -8.20 -1.62
N GLY B 138 -36.25 -9.45 -1.28
CA GLY B 138 -35.21 -10.45 -1.15
C GLY B 138 -34.97 -11.28 -2.39
N MET B 139 -35.57 -10.91 -3.52
CA MET B 139 -35.46 -11.67 -4.77
C MET B 139 -34.82 -10.90 -5.93
N PRO B 140 -34.57 -9.58 -5.84
CA PRO B 140 -34.28 -8.82 -7.07
C PRO B 140 -33.00 -9.21 -7.78
N LEU B 141 -32.07 -9.92 -7.13
CA LEU B 141 -30.87 -10.37 -7.84
C LEU B 141 -31.08 -11.72 -8.51
N ALA B 142 -31.80 -12.63 -7.85
CA ALA B 142 -32.20 -13.87 -8.51
C ALA B 142 -33.01 -13.57 -9.75
N VAL B 143 -34.12 -12.85 -9.60
CA VAL B 143 -34.74 -12.18 -10.73
C VAL B 143 -33.72 -11.24 -11.33
N SER B 144 -33.40 -11.43 -12.61
CA SER B 144 -32.45 -10.61 -13.37
C SER B 144 -31.26 -11.44 -13.82
N LEU B 145 -30.91 -12.46 -13.03
CA LEU B 145 -29.81 -13.35 -13.37
C LEU B 145 -30.06 -14.47 -14.41
N GLY B 146 -31.29 -14.89 -14.72
CA GLY B 146 -32.55 -14.40 -14.18
C GLY B 146 -33.50 -15.54 -13.93
N ILE B 147 -33.72 -15.80 -12.65
CA ILE B 147 -34.47 -16.97 -12.20
C ILE B 147 -35.48 -16.51 -11.17
N GLY B 148 -36.73 -16.91 -11.34
CA GLY B 148 -37.81 -16.53 -10.45
C GLY B 148 -39.12 -16.50 -11.19
N HIS B 149 -40.08 -15.78 -10.61
CA HIS B 149 -41.41 -15.68 -11.21
C HIS B 149 -41.30 -15.12 -12.61
N GLU B 150 -42.08 -15.69 -13.53
CA GLU B 150 -41.93 -15.39 -14.95
C GLU B 150 -42.11 -13.89 -15.22
N SER B 151 -43.21 -13.31 -14.72
CA SER B 151 -43.50 -11.91 -15.00
C SER B 151 -42.36 -11.00 -14.55
N LEU B 152 -41.72 -11.35 -13.43
CA LEU B 152 -40.62 -10.53 -12.92
C LEU B 152 -39.35 -10.74 -13.73
N VAL B 153 -39.03 -11.99 -14.07
CA VAL B 153 -37.81 -12.27 -14.84
C VAL B 153 -37.91 -11.61 -16.21
N ASN B 154 -39.06 -11.73 -16.87
CA ASN B 154 -39.25 -11.24 -18.23
C ASN B 154 -39.73 -9.79 -18.28
N LEU B 155 -39.40 -8.98 -17.26
CA LEU B 155 -39.75 -7.58 -17.31
C LEU B 155 -39.05 -6.91 -18.48
N GLU B 156 -39.81 -6.07 -19.21
CA GLU B 156 -39.34 -5.36 -20.39
C GLU B 156 -39.08 -6.29 -21.58
N GLY B 157 -39.48 -7.56 -21.49
CA GLY B 157 -39.50 -8.42 -22.66
C GLY B 157 -38.18 -9.07 -23.02
N TYR B 158 -37.26 -9.20 -22.07
CA TYR B 158 -36.01 -9.91 -22.34
C TYR B 158 -35.48 -10.49 -21.04
N ALA B 159 -34.68 -11.54 -21.17
CA ALA B 159 -34.10 -12.19 -20.02
C ALA B 159 -32.98 -13.16 -20.43
N PRO B 160 -31.98 -13.35 -19.58
CA PRO B 160 -31.81 -12.67 -18.29
C PRO B 160 -31.19 -11.30 -18.47
N LYS B 161 -31.38 -10.40 -17.50
CA LYS B 161 -30.79 -9.07 -17.60
C LYS B 161 -29.27 -9.13 -17.45
N ILE B 162 -28.78 -9.96 -16.54
CA ILE B 162 -27.35 -10.00 -16.22
C ILE B 162 -26.91 -11.45 -16.06
N LYS B 163 -25.60 -11.64 -15.96
CA LYS B 163 -24.94 -12.92 -15.88
C LYS B 163 -24.31 -13.09 -14.50
N PRO B 164 -24.35 -14.28 -13.90
CA PRO B 164 -23.71 -14.46 -12.59
C PRO B 164 -22.23 -14.14 -12.60
N GLU B 165 -21.52 -14.41 -13.70
CA GLU B 165 -20.10 -14.10 -13.77
C GLU B 165 -19.83 -12.59 -13.81
N ASN B 166 -20.85 -11.77 -13.99
CA ASN B 166 -20.69 -10.32 -14.01
C ASN B 166 -21.17 -9.67 -12.72
N VAL B 167 -21.38 -10.45 -11.67
CA VAL B 167 -21.88 -9.94 -10.39
C VAL B 167 -20.80 -10.09 -9.34
N VAL B 168 -20.63 -9.05 -8.53
CA VAL B 168 -19.78 -9.11 -7.34
C VAL B 168 -20.60 -8.62 -6.16
N ILE B 169 -20.86 -9.50 -5.20
CA ILE B 169 -21.54 -9.13 -3.97
C ILE B 169 -20.48 -8.72 -2.96
N ILE B 170 -20.70 -7.58 -2.31
CA ILE B 170 -19.78 -7.06 -1.31
C ILE B 170 -20.57 -6.76 -0.05
N GLY B 171 -20.13 -7.34 1.07
CA GLY B 171 -20.73 -7.08 2.35
C GLY B 171 -21.57 -8.21 2.92
N ALA B 172 -21.60 -9.37 2.27
CA ALA B 172 -22.57 -10.40 2.62
C ALA B 172 -22.28 -10.99 4.00
N ARG B 173 -23.36 -11.23 4.75
CA ARG B 173 -23.24 -11.84 6.08
C ARG B 173 -24.56 -12.46 6.55
N SER B 174 -25.59 -12.47 5.70
CA SER B 174 -26.87 -13.13 5.99
C SER B 174 -27.33 -13.77 4.67
N LEU B 175 -26.78 -14.94 4.40
CA LEU B 175 -26.83 -15.54 3.06
C LEU B 175 -27.18 -17.01 3.11
N ASP B 176 -27.70 -17.50 4.23
CA ASP B 176 -27.72 -18.93 4.50
C ASP B 176 -28.67 -19.67 3.57
N GLU B 177 -28.47 -21.00 3.53
CA GLU B 177 -29.41 -21.95 2.94
C GLU B 177 -29.28 -22.01 1.41
N GLY B 178 -30.38 -21.77 0.70
CA GLY B 178 -30.36 -21.99 -0.75
C GLY B 178 -29.43 -21.04 -1.48
N GLU B 179 -29.33 -19.80 -1.02
CA GLU B 179 -28.56 -18.80 -1.75
C GLU B 179 -27.10 -19.21 -1.88
N ARG B 180 -26.51 -19.79 -0.83
CA ARG B 180 -25.10 -20.17 -0.89
C ARG B 180 -24.86 -21.24 -1.93
N LYS B 181 -25.72 -22.26 -1.97
CA LYS B 181 -25.56 -23.30 -2.98
C LYS B 181 -25.48 -22.71 -4.38
N TYR B 182 -26.30 -21.69 -4.65
CA TYR B 182 -26.28 -21.06 -5.97
C TYR B 182 -24.98 -20.30 -6.19
N ILE B 183 -24.53 -19.54 -5.19
CA ILE B 183 -23.25 -18.83 -5.29
C ILE B 183 -22.17 -19.77 -5.80
N LYS B 184 -22.12 -20.97 -5.22
CA LYS B 184 -21.02 -21.89 -5.51
C LYS B 184 -21.27 -22.66 -6.80
N GLU B 185 -22.50 -23.09 -7.06
CA GLU B 185 -22.80 -23.72 -8.34
C GLU B 185 -22.70 -22.72 -9.49
N SER B 186 -23.08 -21.46 -9.23
CA SER B 186 -22.96 -20.41 -10.24
C SER B 186 -21.54 -19.89 -10.36
N GLY B 187 -20.71 -20.05 -9.33
CA GLY B 187 -19.36 -19.52 -9.37
C GLY B 187 -19.28 -18.02 -9.19
N MET B 188 -20.32 -17.40 -8.65
CA MET B 188 -20.36 -15.95 -8.50
C MET B 188 -19.34 -15.49 -7.46
N LYS B 189 -18.75 -14.33 -7.70
CA LYS B 189 -17.78 -13.74 -6.79
C LYS B 189 -18.50 -12.93 -5.73
N VAL B 190 -18.21 -13.22 -4.46
CA VAL B 190 -18.84 -12.53 -3.35
C VAL B 190 -17.79 -12.30 -2.26
N TYR B 191 -17.78 -11.11 -1.71
CA TYR B 191 -16.88 -10.73 -0.62
C TYR B 191 -17.71 -10.59 0.65
N THR B 192 -17.72 -11.64 1.47
CA THR B 192 -18.38 -11.58 2.76
C THR B 192 -17.56 -10.69 3.70
N MET B 193 -18.09 -10.50 4.91
CA MET B 193 -17.34 -9.79 5.95
C MET B 193 -15.99 -10.43 6.19
N HIS B 194 -15.90 -11.75 6.00
CA HIS B 194 -14.63 -12.44 6.20
C HIS B 194 -13.55 -11.88 5.28
N GLU B 195 -13.82 -11.84 3.97
CA GLU B 195 -12.82 -11.35 3.03
C GLU B 195 -12.50 -9.88 3.29
N ILE B 196 -13.50 -9.08 3.63
CA ILE B 196 -13.25 -7.67 3.92
C ILE B 196 -12.35 -7.53 5.13
N ASP B 197 -12.61 -8.32 6.18
CA ASP B 197 -11.78 -8.25 7.38
C ASP B 197 -10.37 -8.78 7.11
N ARG B 198 -10.24 -9.85 6.34
CA ARG B 198 -8.93 -10.46 6.15
C ARG B 198 -8.10 -9.66 5.14
N LEU B 199 -8.68 -9.31 4.00
CA LEU B 199 -7.96 -8.62 2.95
C LEU B 199 -7.96 -7.11 3.10
N GLY B 200 -8.93 -6.56 3.82
CA GLY B 200 -9.14 -5.12 3.83
C GLY B 200 -10.01 -4.68 2.68
N MET B 201 -10.68 -3.54 2.87
CA MET B 201 -11.59 -3.05 1.83
C MET B 201 -10.83 -2.67 0.57
N THR B 202 -9.66 -2.05 0.72
CA THR B 202 -8.87 -1.64 -0.44
C THR B 202 -8.68 -2.82 -1.39
N LYS B 203 -8.16 -3.93 -0.88
CA LYS B 203 -7.93 -5.09 -1.72
C LYS B 203 -9.22 -5.60 -2.33
N VAL B 204 -10.32 -5.59 -1.56
CA VAL B 204 -11.60 -6.07 -2.06
C VAL B 204 -12.02 -5.26 -3.28
N ILE B 205 -11.95 -3.93 -3.18
CA ILE B 205 -12.37 -3.08 -4.29
C ILE B 205 -11.45 -3.27 -5.50
N GLU B 206 -10.14 -3.32 -5.26
CA GLU B 206 -9.20 -3.49 -6.37
C GLU B 206 -9.48 -4.77 -7.13
N GLU B 207 -9.70 -5.88 -6.42
CA GLU B 207 -10.04 -7.13 -7.09
C GLU B 207 -11.38 -7.02 -7.80
N THR B 208 -12.32 -6.29 -7.21
CA THR B 208 -13.62 -6.09 -7.85
C THR B 208 -13.46 -5.32 -9.16
N LEU B 209 -12.70 -4.22 -9.13
CA LEU B 209 -12.49 -3.44 -10.35
C LEU B 209 -11.87 -4.28 -11.44
N ASP B 210 -10.77 -4.97 -11.12
CA ASP B 210 -10.10 -5.80 -12.12
C ASP B 210 -11.01 -6.94 -12.57
N TYR B 211 -11.74 -7.55 -11.64
CA TYR B 211 -12.66 -8.63 -12.01
C TYR B 211 -13.73 -8.15 -12.98
N LEU B 212 -14.15 -6.90 -12.87
CA LEU B 212 -15.28 -6.36 -13.63
C LEU B 212 -14.85 -5.51 -14.81
N SER B 213 -13.56 -5.43 -15.10
CA SER B 213 -13.09 -4.56 -16.18
C SER B 213 -13.59 -5.01 -17.55
N ALA B 214 -14.15 -6.21 -17.65
CA ALA B 214 -14.66 -6.72 -18.93
C ALA B 214 -16.08 -6.24 -19.24
N CYS B 215 -16.64 -5.36 -18.42
CA CYS B 215 -18.01 -4.88 -18.62
C CYS B 215 -17.96 -3.50 -19.26
N ASP B 216 -18.88 -3.27 -20.21
CA ASP B 216 -19.03 -1.95 -20.80
C ASP B 216 -19.87 -1.01 -19.94
N GLY B 217 -20.47 -1.52 -18.88
CA GLY B 217 -21.09 -0.69 -17.87
C GLY B 217 -21.18 -1.46 -16.57
N VAL B 218 -21.29 -0.72 -15.46
CA VAL B 218 -21.36 -1.33 -14.14
C VAL B 218 -22.42 -0.59 -13.33
N HIS B 219 -23.42 -1.33 -12.84
CA HIS B 219 -24.47 -0.79 -12.01
C HIS B 219 -24.14 -1.06 -10.54
N LEU B 220 -24.22 -0.03 -9.71
CA LEU B 220 -24.05 -0.16 -8.28
C LEU B 220 -25.42 -0.24 -7.63
N SER B 221 -25.69 -1.34 -6.93
CA SER B 221 -26.94 -1.52 -6.21
C SER B 221 -26.59 -1.61 -4.73
N LEU B 222 -26.75 -0.48 -4.01
CA LEU B 222 -26.26 -0.36 -2.64
C LEU B 222 -27.43 -0.41 -1.67
N ASP B 223 -27.51 -1.51 -0.93
CA ASP B 223 -28.45 -1.67 0.17
C ASP B 223 -27.81 -1.10 1.43
N LEU B 224 -28.43 -0.07 2.02
CA LEU B 224 -27.84 0.55 3.19
C LEU B 224 -27.64 -0.42 4.35
N ASP B 225 -28.36 -1.54 4.38
CA ASP B 225 -28.07 -2.51 5.43
C ASP B 225 -26.77 -3.24 5.18
N GLY B 226 -26.07 -2.97 4.08
CA GLY B 226 -24.70 -3.43 3.95
C GLY B 226 -23.79 -2.82 4.99
N LEU B 227 -24.05 -1.58 5.36
CA LEU B 227 -23.32 -0.95 6.46
C LEU B 227 -23.77 -1.53 7.80
N ASP B 228 -22.90 -1.42 8.79
CA ASP B 228 -23.22 -1.90 10.12
C ASP B 228 -24.38 -1.09 10.71
N PRO B 229 -25.31 -1.73 11.44
CA PRO B 229 -26.44 -0.98 12.00
C PRO B 229 -26.05 0.19 12.89
N ASN B 230 -24.86 0.16 13.50
CA ASN B 230 -24.38 1.32 14.25
C ASN B 230 -24.23 2.54 13.37
N ASP B 231 -23.96 2.33 12.08
CA ASP B 231 -23.79 3.42 11.13
C ASP B 231 -25.04 3.67 10.28
N ALA B 232 -25.81 2.62 9.99
CA ALA B 232 -27.02 2.73 9.17
C ALA B 232 -28.17 2.03 9.90
N PRO B 233 -28.65 2.62 10.99
CA PRO B 233 -29.73 1.96 11.76
C PRO B 233 -31.08 2.01 11.08
N GLY B 234 -31.33 2.98 10.20
CA GLY B 234 -32.63 3.12 9.58
C GLY B 234 -32.86 2.17 8.42
N VAL B 235 -32.79 0.87 8.69
CA VAL B 235 -33.05 -0.16 7.68
C VAL B 235 -33.97 -1.21 8.28
N GLY B 236 -34.71 -1.89 7.40
CA GLY B 236 -35.70 -2.87 7.84
C GLY B 236 -35.12 -4.20 8.28
N THR B 237 -33.94 -4.57 7.80
CA THR B 237 -33.33 -5.86 8.10
C THR B 237 -31.87 -5.66 8.49
N PRO B 238 -31.62 -5.09 9.67
CA PRO B 238 -30.24 -4.89 10.11
C PRO B 238 -29.55 -6.20 10.45
N VAL B 239 -28.26 -6.28 10.13
CA VAL B 239 -27.42 -7.43 10.46
C VAL B 239 -26.13 -6.90 11.05
N VAL B 240 -25.83 -7.26 12.29
CA VAL B 240 -24.68 -6.73 13.02
C VAL B 240 -23.39 -7.14 12.31
N GLY B 241 -22.29 -6.48 12.66
CA GLY B 241 -20.99 -6.83 12.14
C GLY B 241 -20.79 -6.51 10.66
N GLY B 242 -21.21 -5.33 10.24
CA GLY B 242 -21.18 -4.93 8.86
C GLY B 242 -20.07 -3.96 8.51
N ILE B 243 -20.16 -3.42 7.30
CA ILE B 243 -19.15 -2.50 6.80
C ILE B 243 -19.26 -1.17 7.52
N SER B 244 -18.11 -0.53 7.75
CA SER B 244 -18.07 0.72 8.48
C SER B 244 -18.37 1.90 7.55
N TYR B 245 -18.67 3.04 8.18
CA TYR B 245 -18.90 4.28 7.45
C TYR B 245 -17.68 4.68 6.64
N ARG B 246 -16.49 4.59 7.25
CA ARG B 246 -15.26 4.95 6.54
C ARG B 246 -14.98 3.99 5.39
N GLU B 247 -15.09 2.68 5.64
CA GLU B 247 -14.86 1.70 4.58
C GLU B 247 -15.80 1.95 3.40
N SER B 248 -17.06 2.28 3.68
CA SER B 248 -18.01 2.56 2.61
C SER B 248 -17.57 3.75 1.77
N HIS B 249 -17.10 4.82 2.43
CA HIS B 249 -16.63 5.98 1.69
C HIS B 249 -15.41 5.64 0.86
N LEU B 250 -14.50 4.82 1.39
CA LEU B 250 -13.36 4.37 0.61
C LEU B 250 -13.81 3.65 -0.66
N ALA B 251 -14.78 2.74 -0.51
CA ALA B 251 -15.28 2.00 -1.67
C ALA B 251 -15.88 2.94 -2.70
N MET B 252 -16.63 3.94 -2.27
CA MET B 252 -17.25 4.87 -3.21
C MET B 252 -16.19 5.74 -3.89
N GLU B 253 -15.17 6.15 -3.14
CA GLU B 253 -14.11 6.97 -3.71
C GLU B 253 -13.31 6.20 -4.75
N MET B 254 -12.98 4.94 -4.45
CA MET B 254 -12.24 4.12 -5.41
C MET B 254 -13.08 3.80 -6.63
N LEU B 255 -14.38 3.56 -6.43
CA LEU B 255 -15.28 3.33 -7.55
C LEU B 255 -15.32 4.53 -8.49
N TYR B 256 -15.35 5.75 -7.93
CA TYR B 256 -15.36 6.93 -8.77
C TYR B 256 -14.06 7.06 -9.54
N ASP B 257 -12.92 6.92 -8.86
CA ASP B 257 -11.62 7.06 -9.52
C ASP B 257 -11.51 6.11 -10.71
N ALA B 258 -12.18 4.96 -10.65
CA ALA B 258 -12.12 4.00 -11.75
C ALA B 258 -13.07 4.35 -12.89
N GLY B 259 -14.04 5.22 -12.65
CA GLY B 259 -14.95 5.64 -13.69
C GLY B 259 -15.78 4.53 -14.29
N ILE B 260 -15.95 3.42 -13.59
CA ILE B 260 -16.66 2.27 -14.14
C ILE B 260 -18.16 2.32 -13.90
N ILE B 261 -18.62 3.07 -12.90
CA ILE B 261 -20.02 3.06 -12.51
C ILE B 261 -20.82 3.88 -13.51
N THR B 262 -21.81 3.25 -14.13
CA THR B 262 -22.67 3.89 -15.11
C THR B 262 -24.10 4.05 -14.63
N SER B 263 -24.45 3.50 -13.47
CA SER B 263 -25.76 3.68 -12.87
C SER B 263 -25.67 3.21 -11.42
N ALA B 264 -26.56 3.73 -10.59
CA ALA B 264 -26.52 3.41 -9.17
C ALA B 264 -27.91 3.53 -8.57
N GLU B 265 -28.13 2.81 -7.47
CA GLU B 265 -29.36 2.92 -6.69
C GLU B 265 -29.04 2.69 -5.22
N PHE B 266 -29.63 3.52 -4.36
CA PHE B 266 -29.43 3.44 -2.92
C PHE B 266 -30.77 3.16 -2.27
N VAL B 267 -30.89 1.99 -1.63
CA VAL B 267 -32.20 1.44 -1.27
C VAL B 267 -32.24 1.11 0.21
N GLU B 268 -33.47 0.94 0.70
CA GLU B 268 -33.82 0.42 2.03
C GLU B 268 -33.67 1.45 3.15
N VAL B 269 -33.49 2.73 2.83
CA VAL B 269 -33.53 3.77 3.86
C VAL B 269 -34.97 3.89 4.34
N ASN B 270 -35.17 3.71 5.64
CA ASN B 270 -36.50 3.80 6.25
C ASN B 270 -36.45 4.82 7.39
N PRO B 271 -36.97 6.04 7.20
CA PRO B 271 -36.90 7.04 8.27
C PRO B 271 -37.63 6.62 9.54
N ILE B 272 -38.71 5.84 9.42
CA ILE B 272 -39.46 5.42 10.59
C ILE B 272 -38.62 4.56 11.51
N LEU B 273 -37.54 3.98 11.01
CA LEU B 273 -36.65 3.16 11.81
C LEU B 273 -35.31 3.84 12.07
N ASP B 274 -35.16 5.10 11.65
CA ASP B 274 -33.88 5.79 11.66
C ASP B 274 -33.76 6.70 12.88
N HIS B 275 -32.54 7.16 13.11
CA HIS B 275 -32.23 8.11 14.18
C HIS B 275 -31.84 9.43 13.53
N LYS B 276 -32.79 10.38 13.52
CA LYS B 276 -32.52 11.74 13.05
C LYS B 276 -32.00 11.74 11.62
N ASN B 277 -32.56 10.87 10.78
CA ASN B 277 -32.18 10.77 9.37
C ASN B 277 -30.70 10.46 9.19
N LYS B 278 -30.11 9.81 10.20
CA LYS B 278 -28.69 9.45 10.12
C LYS B 278 -28.41 8.58 8.91
N THR B 279 -29.31 7.65 8.60
CA THR B 279 -29.11 6.75 7.47
C THR B 279 -29.36 7.45 6.14
N GLY B 280 -30.36 8.33 6.09
CA GLY B 280 -30.57 9.11 4.88
C GLY B 280 -29.43 10.07 4.61
N LYS B 281 -28.87 10.66 5.66
CA LYS B 281 -27.70 11.53 5.50
C LYS B 281 -26.50 10.74 5.00
N THR B 282 -26.26 9.56 5.60
CA THR B 282 -25.16 8.72 5.15
C THR B 282 -25.30 8.36 3.68
N ALA B 283 -26.53 8.10 3.23
CA ALA B 283 -26.77 7.78 1.83
C ALA B 283 -26.29 8.91 0.93
N VAL B 284 -26.70 10.15 1.23
CA VAL B 284 -26.24 11.31 0.47
C VAL B 284 -24.72 11.36 0.47
N GLU B 285 -24.12 11.23 1.65
CA GLU B 285 -22.66 11.30 1.76
C GLU B 285 -21.99 10.26 0.86
N LEU B 286 -22.54 9.04 0.80
CA LEU B 286 -21.95 8.03 -0.06
C LEU B 286 -22.15 8.36 -1.54
N VAL B 287 -23.32 8.88 -1.89
CA VAL B 287 -23.56 9.28 -3.28
C VAL B 287 -22.56 10.35 -3.71
N GLU B 288 -22.34 11.34 -2.85
CA GLU B 288 -21.34 12.37 -3.14
C GLU B 288 -20.00 11.73 -3.49
N SER B 289 -19.51 10.85 -2.61
CA SER B 289 -18.23 10.20 -2.86
C SER B 289 -18.26 9.40 -4.16
N LEU B 290 -19.37 8.71 -4.42
CA LEU B 290 -19.49 7.93 -5.65
C LEU B 290 -19.36 8.83 -6.88
N LEU B 291 -19.87 10.06 -6.80
CA LEU B 291 -19.89 10.96 -7.94
C LEU B 291 -18.73 11.97 -7.90
N GLY B 292 -17.70 11.70 -7.11
CA GLY B 292 -16.45 12.42 -7.24
C GLY B 292 -16.11 13.41 -6.15
N LYS B 293 -16.87 13.48 -5.07
CA LYS B 293 -16.49 14.37 -3.97
C LYS B 293 -15.22 13.83 -3.32
N LYS B 294 -14.26 14.72 -3.11
CA LYS B 294 -12.96 14.36 -2.58
C LYS B 294 -12.66 15.20 -1.34
N LEU B 295 -12.01 14.59 -0.35
CA LEU B 295 -11.56 15.34 0.81
C LEU B 295 -10.42 16.28 0.46
N LEU B 296 -9.65 15.95 -0.58
CA LEU B 296 -8.62 16.83 -1.11
C LEU B 296 -8.48 16.61 -2.60
N LYS C 3 -17.34 -34.57 15.39
CA LYS C 3 -16.95 -34.47 16.80
C LYS C 3 -18.09 -33.88 17.62
N THR C 4 -18.40 -34.53 18.75
CA THR C 4 -19.45 -34.04 19.63
C THR C 4 -18.93 -32.89 20.48
N ILE C 5 -19.79 -31.91 20.72
CA ILE C 5 -19.45 -30.76 21.56
C ILE C 5 -19.97 -31.03 22.96
N SER C 6 -19.08 -30.98 23.94
CA SER C 6 -19.43 -31.16 25.35
C SER C 6 -19.34 -29.81 26.04
N VAL C 7 -20.50 -29.24 26.35
CA VAL C 7 -20.59 -27.92 26.97
C VAL C 7 -20.52 -28.10 28.49
N ILE C 8 -19.60 -27.37 29.11
CA ILE C 8 -19.38 -27.46 30.56
C ILE C 8 -19.57 -26.06 31.15
N GLY C 9 -20.61 -25.92 31.97
CA GLY C 9 -20.81 -24.67 32.68
C GLY C 9 -19.98 -24.62 33.96
N MET C 10 -19.41 -23.46 34.23
CA MET C 10 -18.51 -23.27 35.36
C MET C 10 -18.82 -21.92 35.99
N PRO C 11 -19.87 -21.85 36.81
CA PRO C 11 -20.29 -20.56 37.36
C PRO C 11 -19.37 -20.07 38.47
N MET C 12 -18.11 -19.84 38.12
CA MET C 12 -17.08 -19.49 39.10
C MET C 12 -16.97 -17.97 39.20
N ASP C 13 -17.26 -17.44 40.39
CA ASP C 13 -17.04 -16.04 40.70
C ASP C 13 -16.03 -15.83 41.82
N LEU C 14 -15.57 -16.90 42.46
CA LEU C 14 -14.69 -16.78 43.62
C LEU C 14 -13.25 -16.43 43.25
N GLY C 15 -12.90 -16.53 41.97
CA GLY C 15 -11.60 -16.06 41.52
C GLY C 15 -11.50 -14.56 41.38
N GLN C 16 -12.54 -13.82 41.75
CA GLN C 16 -12.61 -12.39 41.51
C GLN C 16 -13.64 -11.81 42.47
N ALA C 17 -13.54 -10.49 42.70
CA ALA C 17 -14.32 -9.82 43.73
C ALA C 17 -15.66 -9.26 43.23
N ARG C 18 -15.87 -9.13 41.92
CA ARG C 18 -17.10 -8.58 41.38
C ARG C 18 -18.14 -9.69 41.21
N ARG C 19 -19.36 -9.41 41.63
CA ARG C 19 -20.44 -10.39 41.54
C ARG C 19 -21.06 -10.39 40.15
N GLY C 20 -21.64 -11.54 39.79
CA GLY C 20 -22.43 -11.68 38.58
C GLY C 20 -21.79 -12.55 37.53
N VAL C 21 -20.46 -12.65 37.53
CA VAL C 21 -19.79 -13.45 36.50
C VAL C 21 -20.10 -14.93 36.65
N ASP C 22 -20.63 -15.35 37.79
CA ASP C 22 -20.98 -16.76 37.96
C ASP C 22 -22.13 -17.18 37.05
N MET C 23 -22.98 -16.24 36.62
CA MET C 23 -24.05 -16.56 35.68
C MET C 23 -23.69 -16.24 34.23
N GLY C 24 -22.39 -16.13 33.92
CA GLY C 24 -21.97 -16.10 32.54
C GLY C 24 -22.38 -17.32 31.75
N PRO C 25 -22.26 -18.53 32.32
CA PRO C 25 -22.73 -19.71 31.57
C PRO C 25 -24.18 -19.64 31.15
N SER C 26 -25.07 -19.26 32.07
CA SER C 26 -26.49 -19.17 31.72
C SER C 26 -26.73 -18.09 30.68
N ALA C 27 -26.06 -16.94 30.81
CA ALA C 27 -26.21 -15.88 29.83
C ALA C 27 -25.76 -16.32 28.45
N ILE C 28 -24.78 -17.22 28.38
CA ILE C 28 -24.34 -17.72 27.09
C ILE C 28 -25.33 -18.73 26.54
N ARG C 29 -25.78 -19.67 27.37
CA ARG C 29 -26.84 -20.59 26.96
C ARG C 29 -28.07 -19.82 26.48
N TYR C 30 -28.42 -18.75 27.18
CA TYR C 30 -29.63 -17.99 26.86
C TYR C 30 -29.44 -17.06 25.68
N ALA C 31 -28.27 -17.07 25.04
CA ALA C 31 -28.09 -16.51 23.71
C ALA C 31 -28.17 -17.59 22.64
N HIS C 32 -28.71 -18.76 22.98
CA HIS C 32 -29.01 -19.83 22.03
C HIS C 32 -27.75 -20.54 21.55
N LEU C 33 -26.83 -20.79 22.47
CA LEU C 33 -25.60 -21.53 22.13
C LEU C 33 -25.94 -22.93 21.67
N ILE C 34 -26.62 -23.70 22.52
CA ILE C 34 -26.87 -25.11 22.22
C ILE C 34 -27.64 -25.25 20.91
N GLU C 35 -28.66 -24.41 20.71
CA GLU C 35 -29.45 -24.47 19.50
C GLU C 35 -28.60 -24.14 18.28
N ARG C 36 -27.83 -23.05 18.36
CA ARG C 36 -26.98 -22.65 17.24
C ARG C 36 -26.03 -23.77 16.81
N LEU C 37 -25.45 -24.48 17.78
CA LEU C 37 -24.50 -25.52 17.43
C LEU C 37 -25.18 -26.76 16.86
N SER C 38 -26.40 -27.06 17.31
CA SER C 38 -27.14 -28.18 16.74
C SER C 38 -27.57 -27.90 15.31
N ASP C 39 -27.97 -26.67 15.02
CA ASP C 39 -28.32 -26.28 13.66
C ASP C 39 -27.13 -26.34 12.72
N MET C 40 -25.91 -26.33 13.26
CA MET C 40 -24.70 -26.39 12.45
C MET C 40 -24.26 -27.82 12.16
N GLY C 41 -24.96 -28.82 12.71
CA GLY C 41 -24.67 -30.22 12.46
C GLY C 41 -24.09 -30.96 13.65
N TYR C 42 -23.64 -30.25 14.68
CA TYR C 42 -23.00 -30.89 15.81
C TYR C 42 -24.02 -31.64 16.66
N THR C 43 -23.55 -32.73 17.27
CA THR C 43 -24.26 -33.38 18.37
C THR C 43 -23.62 -32.83 19.64
N VAL C 44 -24.31 -31.91 20.29
CA VAL C 44 -23.77 -31.21 21.45
C VAL C 44 -24.47 -31.75 22.70
N GLU C 45 -23.69 -31.97 23.75
CA GLU C 45 -24.19 -32.47 25.02
C GLU C 45 -23.88 -31.45 26.11
N ASP C 46 -24.92 -30.91 26.74
CA ASP C 46 -24.77 -29.94 27.81
C ASP C 46 -24.61 -30.69 29.11
N LEU C 47 -23.39 -30.73 29.63
CA LEU C 47 -23.12 -31.40 30.90
C LEU C 47 -23.47 -30.54 32.10
N GLY C 48 -24.23 -29.46 31.90
CA GLY C 48 -24.71 -28.67 33.00
C GLY C 48 -23.66 -27.74 33.58
N ASP C 49 -23.90 -27.35 34.83
CA ASP C 49 -23.04 -26.43 35.55
C ASP C 49 -22.41 -27.15 36.73
N ILE C 50 -21.12 -26.92 36.94
CA ILE C 50 -20.42 -27.47 38.11
C ILE C 50 -20.81 -26.64 39.33
N PRO C 51 -21.19 -27.27 40.44
CA PRO C 51 -21.57 -26.48 41.62
C PRO C 51 -20.36 -25.94 42.36
N ILE C 52 -20.52 -24.72 42.89
CA ILE C 52 -19.50 -24.07 43.68
C ILE C 52 -20.10 -23.71 45.04
N ASN C 53 -19.26 -23.66 46.05
CA ASN C 53 -19.68 -23.36 47.42
C ASN C 53 -19.07 -22.05 47.90
N ASN C 65 -12.00 -18.18 49.07
CA ASN C 65 -11.17 -18.15 47.88
C ASN C 65 -10.54 -19.51 47.59
N LEU C 66 -9.39 -19.76 48.23
CA LEU C 66 -8.50 -20.85 47.85
C LEU C 66 -9.24 -22.20 47.76
N ASN C 67 -9.65 -22.76 48.89
CA ASN C 67 -10.19 -24.11 48.90
C ASN C 67 -11.34 -24.27 47.91
N SER C 68 -12.22 -23.26 47.82
CA SER C 68 -13.35 -23.38 46.91
C SER C 68 -12.91 -23.26 45.45
N VAL C 69 -12.00 -22.32 45.16
CA VAL C 69 -11.42 -22.26 43.82
C VAL C 69 -10.72 -23.58 43.50
N LEU C 70 -10.04 -24.15 44.50
CA LEU C 70 -9.31 -25.40 44.29
C LEU C 70 -10.28 -26.56 44.03
N ALA C 71 -11.28 -26.73 44.89
CA ALA C 71 -12.23 -27.83 44.72
C ALA C 71 -12.99 -27.69 43.40
N GLY C 72 -13.42 -26.47 43.07
CA GLY C 72 -14.12 -26.27 41.81
C GLY C 72 -13.27 -26.60 40.61
N ASN C 73 -12.01 -26.17 40.61
CA ASN C 73 -11.12 -26.49 39.50
C ASN C 73 -10.76 -27.98 39.48
N GLU C 74 -10.70 -28.61 40.65
CA GLU C 74 -10.51 -30.06 40.70
C GLU C 74 -11.61 -30.77 39.92
N LYS C 75 -12.86 -30.42 40.19
CA LYS C 75 -13.97 -31.08 39.50
C LYS C 75 -13.98 -30.74 38.01
N LEU C 76 -13.73 -29.48 37.67
CA LEU C 76 -13.69 -29.10 36.26
C LEU C 76 -12.65 -29.90 35.50
N ALA C 77 -11.47 -30.10 36.09
CA ALA C 77 -10.42 -30.87 35.44
C ALA C 77 -10.86 -32.29 35.15
N GLN C 78 -11.55 -32.91 36.10
CA GLN C 78 -11.98 -34.30 35.91
C GLN C 78 -13.03 -34.41 34.81
N LYS C 79 -13.98 -33.46 34.78
CA LYS C 79 -15.01 -33.50 33.74
C LYS C 79 -14.39 -33.27 32.36
N VAL C 80 -13.46 -32.33 32.25
CA VAL C 80 -12.80 -32.08 30.97
C VAL C 80 -11.98 -33.29 30.56
N ASN C 81 -11.18 -33.82 31.49
CA ASN C 81 -10.40 -35.03 31.21
C ASN C 81 -11.28 -36.11 30.61
N LYS C 82 -12.41 -36.41 31.26
CA LYS C 82 -13.35 -37.40 30.75
C LYS C 82 -13.75 -37.06 29.32
N VAL C 83 -14.29 -35.86 29.10
CA VAL C 83 -14.76 -35.46 27.78
C VAL C 83 -13.69 -35.73 26.72
N ILE C 84 -12.42 -35.42 27.04
CA ILE C 84 -11.36 -35.61 26.06
C ILE C 84 -11.06 -37.09 25.87
N GLU C 85 -11.01 -37.86 26.97
CA GLU C 85 -10.82 -39.31 26.86
C GLU C 85 -11.83 -39.92 25.90
N GLU C 86 -13.01 -39.31 25.78
CA GLU C 86 -14.02 -39.75 24.83
C GLU C 86 -13.90 -39.06 23.48
N LYS C 87 -12.94 -38.13 23.33
CA LYS C 87 -12.70 -37.44 22.08
C LYS C 87 -13.95 -36.67 21.64
N LYS C 88 -14.37 -35.73 22.49
CA LYS C 88 -15.61 -35.00 22.23
C LYS C 88 -15.49 -33.51 22.59
N PHE C 89 -14.32 -32.93 22.37
CA PHE C 89 -14.08 -31.48 22.43
C PHE C 89 -14.78 -30.80 23.61
N PRO C 90 -14.04 -30.40 24.64
CA PRO C 90 -14.66 -29.67 25.76
C PRO C 90 -14.83 -28.19 25.45
N LEU C 91 -16.06 -27.69 25.60
CA LEU C 91 -16.36 -26.27 25.48
C LEU C 91 -16.77 -25.77 26.85
N VAL C 92 -15.89 -25.01 27.50
CA VAL C 92 -16.09 -24.56 28.88
C VAL C 92 -16.70 -23.16 28.84
N LEU C 93 -17.88 -23.02 29.41
CA LEU C 93 -18.50 -21.71 29.61
C LEU C 93 -18.17 -21.24 31.02
N GLY C 94 -17.46 -20.13 31.11
CA GLY C 94 -16.84 -19.77 32.36
C GLY C 94 -17.46 -18.61 33.10
N GLY C 95 -17.19 -18.58 34.41
CA GLY C 95 -17.30 -17.36 35.17
C GLY C 95 -15.99 -16.61 35.03
N ASP C 96 -15.30 -16.38 36.14
CA ASP C 96 -14.02 -15.67 36.05
C ASP C 96 -12.96 -16.59 35.45
N HIS C 97 -11.85 -15.97 35.05
CA HIS C 97 -10.80 -16.67 34.32
C HIS C 97 -10.07 -17.71 35.17
N SER C 98 -10.30 -17.73 36.49
CA SER C 98 -9.61 -18.70 37.34
C SER C 98 -9.90 -20.14 36.90
N ILE C 99 -10.98 -20.38 36.16
CA ILE C 99 -11.34 -21.73 35.77
C ILE C 99 -10.36 -22.31 34.77
N ALA C 100 -9.56 -21.46 34.11
CA ALA C 100 -8.55 -21.97 33.19
C ALA C 100 -7.61 -22.94 33.89
N ILE C 101 -7.35 -22.71 35.18
CA ILE C 101 -6.53 -23.64 35.96
C ILE C 101 -7.05 -25.06 35.81
N GLY C 102 -8.34 -25.26 36.11
CA GLY C 102 -8.91 -26.59 36.02
C GLY C 102 -9.04 -27.05 34.58
N THR C 103 -9.39 -26.15 33.67
CA THR C 103 -9.51 -26.52 32.26
C THR C 103 -8.18 -27.06 31.74
N LEU C 104 -7.10 -26.29 31.87
CA LEU C 104 -5.81 -26.73 31.36
C LEU C 104 -5.31 -27.96 32.10
N ALA C 105 -5.56 -28.04 33.41
CA ALA C 105 -5.21 -29.24 34.16
C ALA C 105 -5.82 -30.48 33.55
N GLY C 106 -6.99 -30.34 32.91
CA GLY C 106 -7.71 -31.48 32.36
C GLY C 106 -7.29 -31.88 30.96
N THR C 107 -6.74 -30.96 30.18
CA THR C 107 -6.36 -31.26 28.79
C THR C 107 -4.86 -31.38 28.60
N ALA C 108 -4.04 -30.65 29.37
CA ALA C 108 -2.60 -30.67 29.16
C ALA C 108 -2.05 -32.09 29.21
N LYS C 109 -2.58 -32.91 30.12
CA LYS C 109 -2.07 -34.27 30.30
C LYS C 109 -2.29 -35.13 29.05
N HIS C 110 -3.23 -34.77 28.18
CA HIS C 110 -3.54 -35.56 27.00
C HIS C 110 -2.74 -35.14 25.76
N TYR C 111 -1.84 -34.16 25.90
CA TYR C 111 -1.11 -33.63 24.74
C TYR C 111 0.37 -33.52 25.08
N ASP C 112 1.20 -34.00 24.16
CA ASP C 112 2.65 -33.92 24.37
C ASP C 112 3.13 -32.48 24.40
N ASN C 113 2.52 -31.61 23.58
CA ASN C 113 2.98 -30.23 23.41
C ASN C 113 1.76 -29.32 23.21
N LEU C 114 0.93 -29.23 24.25
CA LEU C 114 -0.28 -28.42 24.15
C LEU C 114 0.07 -26.95 23.96
N GLY C 115 -0.61 -26.33 22.99
CA GLY C 115 -0.50 -24.90 22.79
C GLY C 115 -1.69 -24.19 23.40
N VAL C 116 -1.50 -22.90 23.69
CA VAL C 116 -2.55 -22.08 24.26
C VAL C 116 -2.45 -20.69 23.64
N ILE C 117 -3.57 -20.19 23.13
CA ILE C 117 -3.66 -18.80 22.67
C ILE C 117 -4.55 -18.06 23.66
N TRP C 118 -3.94 -17.14 24.42
CA TRP C 118 -4.59 -16.44 25.53
C TRP C 118 -5.20 -15.17 24.97
N TYR C 119 -6.47 -15.25 24.61
CA TYR C 119 -7.19 -14.14 23.97
C TYR C 119 -7.74 -13.25 25.09
N ASP C 120 -7.02 -12.17 25.40
CA ASP C 120 -7.26 -11.48 26.65
C ASP C 120 -6.59 -10.11 26.63
N ALA C 121 -7.26 -9.13 27.22
CA ALA C 121 -6.61 -7.83 27.43
C ALA C 121 -5.53 -7.91 28.50
N HIS C 122 -5.57 -8.92 29.35
CA HIS C 122 -4.63 -9.11 30.44
C HIS C 122 -3.75 -10.32 30.18
N GLY C 123 -2.67 -10.42 30.96
CA GLY C 123 -1.77 -11.55 30.86
C GLY C 123 -2.11 -12.65 31.84
N ASP C 124 -2.78 -12.28 32.94
CA ASP C 124 -3.16 -13.23 33.97
C ASP C 124 -1.96 -14.06 34.42
N LEU C 125 -0.80 -13.40 34.50
CA LEU C 125 0.45 -14.04 34.86
C LEU C 125 0.87 -13.71 36.29
N ASN C 126 -0.08 -13.34 37.14
CA ASN C 126 0.26 -12.88 38.48
C ASN C 126 0.45 -14.04 39.44
N THR C 127 1.36 -13.81 40.39
CA THR C 127 1.57 -14.60 41.59
C THR C 127 0.95 -13.88 42.79
N LEU C 128 0.82 -14.60 43.91
CA LEU C 128 0.32 -13.98 45.13
C LEU C 128 1.13 -12.74 45.50
N GLU C 129 2.46 -12.85 45.49
CA GLU C 129 3.35 -11.76 45.86
C GLU C 129 3.59 -10.76 44.73
N THR C 130 2.68 -10.65 43.75
CA THR C 130 2.78 -9.61 42.73
C THR C 130 1.44 -9.00 42.36
N SER C 131 0.31 -9.68 42.59
CA SER C 131 -0.97 -9.11 42.21
C SER C 131 -1.43 -8.09 43.25
N PRO C 132 -2.12 -7.02 42.84
CA PRO C 132 -2.53 -6.00 43.82
C PRO C 132 -3.95 -6.21 44.34
N SER C 133 -4.44 -7.45 44.32
CA SER C 133 -5.79 -7.73 44.79
C SER C 133 -5.83 -9.02 45.60
N GLY C 134 -5.22 -10.08 45.07
CA GLY C 134 -5.37 -11.41 45.62
C GLY C 134 -6.34 -12.29 44.86
N ASN C 135 -6.95 -11.77 43.80
CA ASN C 135 -7.93 -12.51 43.02
C ASN C 135 -7.22 -13.52 42.13
N ILE C 136 -7.59 -14.79 42.26
CA ILE C 136 -6.92 -15.85 41.52
C ILE C 136 -7.18 -15.77 40.02
N HIS C 137 -8.27 -15.10 39.59
CA HIS C 137 -8.56 -15.04 38.16
C HIS C 137 -7.51 -14.24 37.39
N GLY C 138 -6.62 -13.54 38.09
CA GLY C 138 -5.48 -12.92 37.46
C GLY C 138 -4.22 -13.76 37.49
N MET C 139 -4.31 -15.02 37.94
CA MET C 139 -3.16 -15.90 38.08
C MET C 139 -3.19 -17.14 37.19
N PRO C 140 -4.30 -17.47 36.49
CA PRO C 140 -4.38 -18.82 35.92
C PRO C 140 -3.26 -19.19 34.97
N LEU C 141 -2.80 -18.26 34.13
CA LEU C 141 -1.77 -18.62 33.16
C LEU C 141 -0.44 -18.91 33.84
N ALA C 142 -0.06 -18.09 34.82
CA ALA C 142 1.15 -18.37 35.58
C ALA C 142 1.05 -19.72 36.28
N VAL C 143 -0.08 -19.97 36.94
CA VAL C 143 -0.30 -21.23 37.63
C VAL C 143 -0.04 -22.41 36.70
N SER C 144 -0.51 -22.32 35.47
CA SER C 144 -0.37 -23.42 34.51
C SER C 144 1.04 -23.51 33.93
N LEU C 145 1.91 -22.54 34.19
CA LEU C 145 3.22 -22.48 33.55
C LEU C 145 4.48 -23.05 34.24
N GLY C 146 4.49 -23.44 35.52
CA GLY C 146 3.42 -23.32 36.51
C GLY C 146 3.95 -22.62 37.74
N ILE C 147 3.71 -21.32 37.77
CA ILE C 147 4.29 -20.42 38.76
C ILE C 147 3.17 -19.95 39.68
N GLY C 148 3.26 -20.31 40.95
CA GLY C 148 2.30 -19.84 41.94
C GLY C 148 2.13 -20.83 43.06
N HIS C 149 0.98 -20.71 43.72
CA HIS C 149 0.70 -21.51 44.91
C HIS C 149 0.81 -23.01 44.59
N GLU C 150 1.36 -23.76 45.54
CA GLU C 150 1.65 -25.17 45.30
C GLU C 150 0.39 -25.95 44.96
N SER C 151 -0.67 -25.78 45.76
CA SER C 151 -1.89 -26.55 45.52
C SER C 151 -2.55 -26.15 44.20
N LEU C 152 -2.40 -24.89 43.79
CA LEU C 152 -2.91 -24.47 42.49
C LEU C 152 -2.07 -25.02 41.36
N VAL C 153 -0.74 -24.99 41.51
CA VAL C 153 0.15 -25.45 40.46
C VAL C 153 0.09 -26.96 40.30
N ASN C 154 0.07 -27.70 41.43
CA ASN C 154 0.10 -29.15 41.40
C ASN C 154 -1.29 -29.76 41.28
N LEU C 155 -2.27 -29.01 40.79
CA LEU C 155 -3.61 -29.55 40.64
C LEU C 155 -3.59 -30.77 39.74
N GLU C 156 -4.36 -31.79 40.12
CA GLU C 156 -4.46 -33.06 39.41
C GLU C 156 -3.15 -33.85 39.41
N GLY C 157 -2.15 -33.41 40.16
CA GLY C 157 -0.98 -34.22 40.42
C GLY C 157 0.17 -34.07 39.44
N TYR C 158 0.29 -32.95 38.74
CA TYR C 158 1.43 -32.76 37.86
C TYR C 158 1.61 -31.27 37.58
N ALA C 159 2.82 -30.92 37.17
CA ALA C 159 3.15 -29.54 36.84
C ALA C 159 4.50 -29.47 36.12
N PRO C 160 4.66 -28.49 35.20
CA PRO C 160 3.64 -27.54 34.78
C PRO C 160 2.69 -28.13 33.76
N LYS C 161 1.49 -27.58 33.64
CA LYS C 161 0.56 -28.06 32.62
C LYS C 161 1.06 -27.71 31.22
N ILE C 162 1.66 -26.52 31.06
CA ILE C 162 2.06 -26.02 29.76
C ILE C 162 3.43 -25.36 29.91
N LYS C 163 4.02 -25.01 28.76
CA LYS C 163 5.34 -24.44 28.71
C LYS C 163 5.27 -23.04 28.10
N PRO C 164 6.10 -22.09 28.55
CA PRO C 164 6.01 -20.73 28.02
C PRO C 164 6.10 -20.63 26.50
N GLU C 165 7.00 -21.40 25.88
CA GLU C 165 7.19 -21.31 24.44
C GLU C 165 5.96 -21.74 23.65
N ASN C 166 4.97 -22.35 24.30
CA ASN C 166 3.76 -22.81 23.62
C ASN C 166 2.57 -21.89 23.84
N VAL C 167 2.79 -20.68 24.34
CA VAL C 167 1.72 -19.74 24.66
C VAL C 167 1.82 -18.54 23.73
N VAL C 168 0.68 -18.07 23.25
CA VAL C 168 0.57 -16.83 22.49
C VAL C 168 -0.57 -16.03 23.10
N ILE C 169 -0.25 -14.88 23.69
CA ILE C 169 -1.26 -13.98 24.21
C ILE C 169 -1.64 -13.00 23.11
N ILE C 170 -2.94 -12.90 22.83
CA ILE C 170 -3.46 -12.00 21.80
C ILE C 170 -4.40 -11.03 22.47
N GLY C 171 -4.09 -9.74 22.36
CA GLY C 171 -4.97 -8.69 22.83
C GLY C 171 -4.46 -7.88 24.00
N ALA C 172 -3.24 -8.15 24.48
CA ALA C 172 -2.78 -7.57 25.73
C ALA C 172 -2.74 -6.04 25.68
N ARG C 173 -3.27 -5.41 26.73
CA ARG C 173 -3.14 -3.96 26.88
C ARG C 173 -3.16 -3.52 28.34
N SER C 174 -3.25 -4.45 29.31
CA SER C 174 -3.20 -4.13 30.74
C SER C 174 -2.32 -5.23 31.36
N LEU C 175 -1.00 -5.03 31.28
CA LEU C 175 -0.06 -6.13 31.48
C LEU C 175 1.12 -5.71 32.35
N ASP C 176 0.95 -4.69 33.18
CA ASP C 176 2.08 -4.01 33.79
C ASP C 176 2.76 -4.87 34.86
N GLU C 177 3.98 -4.45 35.21
CA GLU C 177 4.64 -4.84 36.45
C GLU C 177 5.33 -6.20 36.34
N GLY C 178 5.11 -7.08 37.32
CA GLY C 178 5.81 -8.35 37.32
C GLY C 178 5.51 -9.19 36.09
N GLU C 179 4.33 -9.03 35.50
CA GLU C 179 3.98 -9.79 34.32
C GLU C 179 4.91 -9.44 33.15
N ARG C 180 5.15 -8.16 32.92
CA ARG C 180 6.03 -7.74 31.83
C ARG C 180 7.41 -8.37 31.96
N LYS C 181 8.03 -8.23 33.14
CA LYS C 181 9.36 -8.79 33.34
C LYS C 181 9.38 -10.27 32.99
N TYR C 182 8.30 -10.98 33.29
CA TYR C 182 8.27 -12.42 33.00
C TYR C 182 8.11 -12.67 31.50
N ILE C 183 7.25 -11.90 30.83
CA ILE C 183 7.11 -12.05 29.38
C ILE C 183 8.48 -12.00 28.71
N LYS C 184 9.33 -11.07 29.16
CA LYS C 184 10.63 -10.88 28.54
C LYS C 184 11.63 -11.95 28.98
N GLU C 185 11.55 -12.38 30.25
CA GLU C 185 12.49 -13.38 30.75
C GLU C 185 12.18 -14.77 30.22
N SER C 186 10.90 -15.05 29.91
CA SER C 186 10.53 -16.33 29.33
C SER C 186 10.54 -16.30 27.81
N GLY C 187 10.53 -15.11 27.19
CA GLY C 187 10.42 -15.02 25.75
C GLY C 187 9.08 -15.47 25.23
N MET C 188 8.01 -15.28 26.01
CA MET C 188 6.68 -15.83 25.73
C MET C 188 6.31 -15.74 24.26
N LYS C 189 5.86 -14.56 23.83
CA LYS C 189 5.22 -14.28 22.55
C LYS C 189 3.82 -13.74 22.81
N VAL C 190 3.64 -12.44 22.59
CA VAL C 190 2.37 -11.79 22.89
C VAL C 190 2.14 -10.72 21.83
N TYR C 191 0.91 -10.65 21.33
CA TYR C 191 0.48 -9.62 20.38
C TYR C 191 -0.38 -8.62 21.14
N THR C 192 0.23 -7.52 21.56
CA THR C 192 -0.52 -6.46 22.22
C THR C 192 -1.40 -5.73 21.21
N MET C 193 -2.14 -4.73 21.69
CA MET C 193 -2.91 -3.90 20.77
C MET C 193 -2.02 -3.24 19.72
N HIS C 194 -0.77 -2.94 20.09
CA HIS C 194 0.13 -2.30 19.14
C HIS C 194 0.34 -3.18 17.91
N GLU C 195 0.71 -4.44 18.12
CA GLU C 195 0.98 -5.32 16.99
C GLU C 195 -0.29 -5.56 16.16
N ILE C 196 -1.43 -5.74 16.83
CA ILE C 196 -2.68 -5.93 16.10
C ILE C 196 -2.99 -4.70 15.25
N ASP C 197 -2.81 -3.51 15.82
CA ASP C 197 -3.05 -2.29 15.08
C ASP C 197 -2.08 -2.15 13.91
N ARG C 198 -0.80 -2.49 14.11
CA ARG C 198 0.19 -2.28 13.06
C ARG C 198 0.14 -3.40 12.01
N LEU C 199 0.11 -4.65 12.45
CA LEU C 199 0.15 -5.77 11.51
C LEU C 199 -1.25 -6.13 11.00
N GLY C 200 -2.29 -5.82 11.76
CA GLY C 200 -3.62 -6.27 11.40
C GLY C 200 -3.85 -7.68 11.88
N MET C 201 -5.11 -8.03 12.15
CA MET C 201 -5.40 -9.32 12.78
C MET C 201 -4.99 -10.49 11.88
N THR C 202 -5.15 -10.34 10.56
CA THR C 202 -4.79 -11.43 9.66
C THR C 202 -3.36 -11.89 9.89
N LYS C 203 -2.40 -10.97 9.81
CA LYS C 203 -1.01 -11.33 10.01
C LYS C 203 -0.78 -11.92 11.40
N VAL C 204 -1.43 -11.35 12.41
CA VAL C 204 -1.28 -11.86 13.77
C VAL C 204 -1.66 -13.33 13.83
N ILE C 205 -2.84 -13.66 13.30
CA ILE C 205 -3.30 -15.05 13.34
C ILE C 205 -2.41 -15.93 12.49
N GLU C 206 -2.04 -15.48 11.28
CA GLU C 206 -1.14 -16.26 10.44
C GLU C 206 0.17 -16.55 11.16
N GLU C 207 0.74 -15.53 11.81
CA GLU C 207 1.99 -15.75 12.54
C GLU C 207 1.76 -16.66 13.74
N THR C 208 0.60 -16.54 14.39
CA THR C 208 0.29 -17.41 15.52
C THR C 208 0.20 -18.86 15.08
N LEU C 209 -0.48 -19.13 13.95
CA LEU C 209 -0.61 -20.49 13.45
C LEU C 209 0.76 -21.10 13.16
N ASP C 210 1.65 -20.33 12.53
CA ASP C 210 3.01 -20.80 12.32
C ASP C 210 3.69 -21.13 13.65
N TYR C 211 3.63 -20.19 14.59
CA TYR C 211 4.35 -20.36 15.86
C TYR C 211 3.95 -21.63 16.58
N LEU C 212 2.68 -22.02 16.48
CA LEU C 212 2.14 -23.15 17.23
C LEU C 212 2.05 -24.43 16.42
N SER C 213 2.69 -24.47 15.25
CA SER C 213 2.51 -25.61 14.34
C SER C 213 3.00 -26.92 14.96
N ALA C 214 4.04 -26.87 15.79
CA ALA C 214 4.58 -28.08 16.38
C ALA C 214 3.72 -28.67 17.49
N CYS C 215 2.66 -27.98 17.90
CA CYS C 215 1.80 -28.46 18.98
C CYS C 215 0.84 -29.51 18.45
N ASP C 216 0.63 -30.56 19.25
CA ASP C 216 -0.35 -31.58 18.91
C ASP C 216 -1.77 -31.13 19.24
N GLY C 217 -1.91 -30.21 20.19
CA GLY C 217 -3.19 -29.61 20.47
C GLY C 217 -3.02 -28.14 20.83
N VAL C 218 -4.11 -27.39 20.68
CA VAL C 218 -4.12 -25.97 21.02
C VAL C 218 -5.40 -25.66 21.77
N HIS C 219 -5.27 -25.08 22.95
CA HIS C 219 -6.39 -24.64 23.77
C HIS C 219 -6.62 -23.15 23.56
N LEU C 220 -7.89 -22.78 23.42
CA LEU C 220 -8.27 -21.37 23.30
C LEU C 220 -8.93 -20.93 24.60
N SER C 221 -8.28 -20.04 25.32
CA SER C 221 -8.83 -19.42 26.53
C SER C 221 -9.16 -17.98 26.17
N LEU C 222 -10.44 -17.71 25.90
CA LEU C 222 -10.88 -16.42 25.41
C LEU C 222 -11.54 -15.64 26.55
N ASP C 223 -10.88 -14.58 27.00
CA ASP C 223 -11.43 -13.63 27.95
C ASP C 223 -12.17 -12.55 27.18
N LEU C 224 -13.48 -12.44 27.38
CA LEU C 224 -14.27 -11.49 26.62
C LEU C 224 -13.76 -10.06 26.76
N ASP C 225 -13.05 -9.73 27.86
CA ASP C 225 -12.52 -8.39 27.97
C ASP C 225 -11.36 -8.14 27.01
N GLY C 226 -10.94 -9.16 26.25
CA GLY C 226 -10.03 -8.91 25.15
C GLY C 226 -10.65 -8.04 24.08
N LEU C 227 -11.96 -8.11 23.92
CA LEU C 227 -12.67 -7.23 23.00
C LEU C 227 -12.84 -5.85 23.62
N ASP C 228 -12.96 -4.85 22.75
CA ASP C 228 -13.18 -3.49 23.22
C ASP C 228 -14.47 -3.43 24.05
N PRO C 229 -14.49 -2.66 25.13
CA PRO C 229 -15.73 -2.58 25.95
C PRO C 229 -16.94 -2.07 25.19
N ASN C 230 -16.74 -1.33 24.09
CA ASN C 230 -17.87 -0.93 23.26
C ASN C 230 -18.58 -2.14 22.69
N ASP C 231 -17.86 -3.24 22.48
CA ASP C 231 -18.42 -4.47 21.94
C ASP C 231 -18.68 -5.53 22.99
N ALA C 232 -17.93 -5.51 24.10
CA ALA C 232 -18.09 -6.48 25.18
C ALA C 232 -18.09 -5.73 26.52
N PRO C 233 -19.16 -5.00 26.81
CA PRO C 233 -19.20 -4.25 28.07
C PRO C 233 -19.42 -5.11 29.30
N GLY C 234 -20.00 -6.29 29.15
CA GLY C 234 -20.33 -7.13 30.29
C GLY C 234 -19.16 -7.93 30.81
N VAL C 235 -18.13 -7.24 31.31
CA VAL C 235 -16.95 -7.88 31.87
C VAL C 235 -16.55 -7.13 33.13
N GLY C 236 -15.84 -7.84 34.01
CA GLY C 236 -15.50 -7.27 35.31
C GLY C 236 -14.36 -6.28 35.27
N THR C 237 -13.45 -6.42 34.31
CA THR C 237 -12.27 -5.56 34.21
C THR C 237 -12.11 -5.11 32.76
N PRO C 238 -12.94 -4.17 32.31
CA PRO C 238 -12.80 -3.65 30.95
C PRO C 238 -11.58 -2.75 30.81
N VAL C 239 -10.99 -2.78 29.61
CA VAL C 239 -9.85 -1.93 29.25
C VAL C 239 -10.12 -1.36 27.87
N VAL C 240 -10.14 -0.03 27.76
CA VAL C 240 -10.49 0.60 26.48
C VAL C 240 -9.45 0.26 25.41
N GLY C 241 -9.86 0.42 24.16
CA GLY C 241 -8.97 0.24 23.03
C GLY C 241 -8.63 -1.20 22.74
N GLY C 242 -9.64 -2.07 22.69
CA GLY C 242 -9.45 -3.48 22.48
C GLY C 242 -9.85 -3.94 21.10
N ILE C 243 -9.90 -5.27 20.94
CA ILE C 243 -10.18 -5.88 19.65
C ILE C 243 -11.64 -5.67 19.30
N SER C 244 -11.91 -5.47 18.00
CA SER C 244 -13.26 -5.20 17.55
C SER C 244 -14.06 -6.49 17.40
N TYR C 245 -15.37 -6.32 17.29
CA TYR C 245 -16.26 -7.44 17.04
C TYR C 245 -15.87 -8.19 15.77
N ARG C 246 -15.59 -7.45 14.69
CA ARG C 246 -15.27 -8.09 13.42
C ARG C 246 -13.92 -8.79 13.48
N GLU C 247 -12.90 -8.13 14.05
CA GLU C 247 -11.59 -8.75 14.14
C GLU C 247 -11.66 -10.07 14.89
N SER C 248 -12.45 -10.14 15.95
CA SER C 248 -12.57 -11.37 16.72
C SER C 248 -13.19 -12.48 15.87
N HIS C 249 -14.21 -12.15 15.07
CA HIS C 249 -14.79 -13.15 14.18
C HIS C 249 -13.76 -13.63 13.17
N LEU C 250 -12.98 -12.71 12.59
CA LEU C 250 -11.91 -13.12 11.69
C LEU C 250 -10.97 -14.11 12.37
N ALA C 251 -10.55 -13.80 13.60
CA ALA C 251 -9.66 -14.70 14.33
C ALA C 251 -10.28 -16.08 14.49
N MET C 252 -11.54 -16.13 14.90
CA MET C 252 -12.20 -17.42 15.10
C MET C 252 -12.33 -18.18 13.78
N GLU C 253 -12.67 -17.48 12.70
CA GLU C 253 -12.81 -18.13 11.40
C GLU C 253 -11.49 -18.72 10.94
N MET C 254 -10.38 -17.99 11.13
CA MET C 254 -9.09 -18.50 10.69
C MET C 254 -8.61 -19.63 11.60
N LEU C 255 -8.95 -19.58 12.88
CA LEU C 255 -8.61 -20.68 13.78
C LEU C 255 -9.35 -21.94 13.38
N TYR C 256 -10.61 -21.82 12.97
CA TYR C 256 -11.35 -22.99 12.50
C TYR C 256 -10.73 -23.57 11.24
N ASP C 257 -10.53 -22.72 10.22
CA ASP C 257 -9.96 -23.18 8.96
C ASP C 257 -8.65 -23.95 9.18
N ALA C 258 -7.92 -23.60 10.23
CA ALA C 258 -6.66 -24.27 10.52
C ALA C 258 -6.86 -25.58 11.28
N GLY C 259 -8.02 -25.78 11.90
CA GLY C 259 -8.30 -27.02 12.59
C GLY C 259 -7.38 -27.33 13.75
N ILE C 260 -6.77 -26.31 14.35
CA ILE C 260 -5.79 -26.53 15.41
C ILE C 260 -6.42 -26.57 16.80
N ILE C 261 -7.61 -26.00 16.98
CA ILE C 261 -8.17 -25.82 18.30
C ILE C 261 -8.79 -27.13 18.77
N THR C 262 -8.33 -27.63 19.91
CA THR C 262 -8.77 -28.90 20.46
C THR C 262 -9.61 -28.74 21.73
N SER C 263 -9.67 -27.53 22.29
CA SER C 263 -10.51 -27.23 23.44
C SER C 263 -10.62 -25.72 23.53
N ALA C 264 -11.69 -25.25 24.17
CA ALA C 264 -11.94 -23.82 24.25
C ALA C 264 -12.74 -23.49 25.50
N GLU C 265 -12.46 -22.31 26.06
CA GLU C 265 -13.24 -21.76 27.15
C GLU C 265 -13.50 -20.30 26.87
N PHE C 266 -14.72 -19.85 27.19
CA PHE C 266 -15.11 -18.45 27.05
C PHE C 266 -15.50 -17.95 28.44
N VAL C 267 -14.76 -16.96 28.94
CA VAL C 267 -14.80 -16.61 30.35
C VAL C 267 -15.10 -15.12 30.51
N GLU C 268 -15.47 -14.77 31.73
CA GLU C 268 -15.58 -13.40 32.25
C GLU C 268 -16.83 -12.68 31.77
N VAL C 269 -17.79 -13.36 31.15
CA VAL C 269 -19.08 -12.75 30.85
C VAL C 269 -19.81 -12.52 32.16
N ASN C 270 -20.25 -11.28 32.39
CA ASN C 270 -20.96 -10.90 33.61
C ASN C 270 -22.24 -10.16 33.22
N PRO C 271 -23.39 -10.82 33.27
CA PRO C 271 -24.64 -10.13 32.85
C PRO C 271 -24.98 -8.93 33.70
N ILE C 272 -24.59 -8.93 34.98
CA ILE C 272 -24.88 -7.81 35.87
C ILE C 272 -24.17 -6.55 35.43
N LEU C 273 -23.14 -6.67 34.59
CA LEU C 273 -22.39 -5.53 34.07
C LEU C 273 -22.59 -5.35 32.59
N ASP C 274 -23.49 -6.11 31.98
CA ASP C 274 -23.69 -6.12 30.54
C ASP C 274 -24.90 -5.27 30.15
N HIS C 275 -25.05 -5.05 28.85
CA HIS C 275 -26.22 -4.37 28.29
C HIS C 275 -26.97 -5.36 27.43
N LYS C 276 -28.16 -5.76 27.90
CA LYS C 276 -29.04 -6.64 27.13
C LYS C 276 -28.30 -7.88 26.64
N ASN C 277 -27.36 -8.38 27.43
CA ASN C 277 -26.61 -9.59 27.10
C ASN C 277 -25.80 -9.43 25.82
N LYS C 278 -25.38 -8.19 25.52
CA LYS C 278 -24.55 -7.96 24.36
C LYS C 278 -23.31 -8.85 24.38
N THR C 279 -22.70 -9.00 25.56
CA THR C 279 -21.47 -9.76 25.66
C THR C 279 -21.74 -11.25 25.55
N GLY C 280 -22.82 -11.73 26.17
CA GLY C 280 -23.17 -13.14 26.06
C GLY C 280 -23.54 -13.52 24.63
N LYS C 281 -24.31 -12.67 23.95
CA LYS C 281 -24.61 -12.89 22.54
C LYS C 281 -23.33 -12.93 21.73
N THR C 282 -22.42 -11.98 21.96
CA THR C 282 -21.16 -11.96 21.24
C THR C 282 -20.38 -13.24 21.48
N ALA C 283 -20.41 -13.76 22.71
CA ALA C 283 -19.69 -14.98 23.02
C ALA C 283 -20.21 -16.15 22.17
N VAL C 284 -21.53 -16.29 22.08
CA VAL C 284 -22.10 -17.35 21.26
C VAL C 284 -21.69 -17.19 19.81
N GLU C 285 -21.79 -15.96 19.28
CA GLU C 285 -21.44 -15.71 17.89
C GLU C 285 -19.99 -16.07 17.60
N LEU C 286 -19.10 -15.83 18.56
CA LEU C 286 -17.70 -16.19 18.36
C LEU C 286 -17.50 -17.70 18.43
N VAL C 287 -18.23 -18.38 19.33
CA VAL C 287 -18.16 -19.84 19.36
C VAL C 287 -18.60 -20.42 18.03
N GLU C 288 -19.69 -19.89 17.47
CA GLU C 288 -20.16 -20.36 16.16
C GLU C 288 -19.04 -20.28 15.13
N SER C 289 -18.39 -19.12 15.02
CA SER C 289 -17.31 -18.96 14.07
C SER C 289 -16.16 -19.92 14.37
N LEU C 290 -15.86 -20.14 15.65
CA LEU C 290 -14.81 -21.07 16.03
C LEU C 290 -15.11 -22.47 15.53
N LEU C 291 -16.37 -22.89 15.59
CA LEU C 291 -16.76 -24.26 15.28
C LEU C 291 -17.30 -24.41 13.87
N GLY C 292 -17.01 -23.46 12.99
CA GLY C 292 -17.22 -23.64 11.56
C GLY C 292 -18.32 -22.83 10.93
N LYS C 293 -18.97 -21.92 11.65
CA LYS C 293 -19.98 -21.09 11.03
C LYS C 293 -19.33 -20.19 9.99
N LYS C 294 -19.85 -20.22 8.76
CA LYS C 294 -19.32 -19.43 7.67
C LYS C 294 -20.44 -18.55 7.09
N LEU C 295 -20.07 -17.33 6.70
CA LEU C 295 -21.03 -16.45 6.05
C LEU C 295 -21.35 -16.92 4.64
N LEU C 296 -20.43 -17.66 4.03
CA LEU C 296 -20.67 -18.29 2.73
C LEU C 296 -19.96 -19.64 2.66
N LYS D 3 51.04 -1.20 5.66
CA LYS D 3 49.99 -1.25 6.66
C LYS D 3 49.98 -2.59 7.39
N THR D 4 49.94 -2.53 8.72
CA THR D 4 49.82 -3.73 9.53
C THR D 4 48.35 -4.12 9.62
N ILE D 5 48.07 -5.42 9.46
CA ILE D 5 46.71 -5.93 9.55
C ILE D 5 46.47 -6.46 10.95
N SER D 6 45.37 -6.06 11.56
CA SER D 6 44.95 -6.56 12.86
C SER D 6 43.68 -7.39 12.66
N VAL D 7 43.81 -8.70 12.80
CA VAL D 7 42.67 -9.61 12.67
C VAL D 7 41.96 -9.71 14.02
N ILE D 8 40.64 -9.55 13.99
CA ILE D 8 39.81 -9.56 15.19
C ILE D 8 38.73 -10.63 14.98
N GLY D 9 38.80 -11.70 15.76
CA GLY D 9 37.79 -12.74 15.70
C GLY D 9 36.54 -12.36 16.45
N MET D 10 35.39 -12.64 15.83
CA MET D 10 34.08 -12.27 16.37
C MET D 10 33.12 -13.42 16.16
N PRO D 11 33.20 -14.52 17.05
CA PRO D 11 32.32 -15.69 16.88
C PRO D 11 30.90 -15.41 17.36
N MET D 12 30.23 -14.47 16.69
CA MET D 12 28.90 -14.03 17.08
C MET D 12 27.86 -14.83 16.32
N ASP D 13 27.00 -15.55 17.06
CA ASP D 13 25.86 -16.22 16.48
C ASP D 13 24.54 -15.74 17.07
N LEU D 14 24.57 -14.85 18.05
CA LEU D 14 23.36 -14.41 18.73
C LEU D 14 22.58 -13.38 17.94
N GLY D 15 23.17 -12.79 16.90
CA GLY D 15 22.44 -11.93 16.00
C GLY D 15 21.56 -12.65 15.01
N GLN D 16 21.40 -13.97 15.16
CA GLN D 16 20.79 -14.80 14.13
C GLN D 16 20.43 -16.14 14.76
N ALA D 17 19.52 -16.86 14.11
CA ALA D 17 18.89 -18.04 14.71
C ALA D 17 19.60 -19.34 14.41
N ARG D 18 20.50 -19.38 13.43
CA ARG D 18 21.14 -20.64 13.04
C ARG D 18 22.45 -20.83 13.78
N ARG D 19 22.80 -22.10 13.99
CA ARG D 19 24.01 -22.46 14.72
C ARG D 19 25.13 -22.79 13.74
N GLY D 20 26.35 -22.44 14.13
CA GLY D 20 27.55 -22.72 13.36
C GLY D 20 28.25 -21.47 12.87
N VAL D 21 27.50 -20.38 12.65
CA VAL D 21 28.10 -19.16 12.15
C VAL D 21 29.12 -18.60 13.14
N ASP D 22 29.01 -18.98 14.42
CA ASP D 22 30.01 -18.58 15.41
C ASP D 22 31.36 -19.25 15.15
N MET D 23 31.40 -20.31 14.36
CA MET D 23 32.64 -20.93 13.96
C MET D 23 33.27 -20.28 12.73
N GLY D 24 32.63 -19.24 12.17
CA GLY D 24 33.15 -18.56 11.01
C GLY D 24 34.61 -18.17 11.15
N PRO D 25 34.96 -17.49 12.24
CA PRO D 25 36.35 -17.07 12.43
C PRO D 25 37.34 -18.24 12.38
N SER D 26 37.02 -19.35 13.05
CA SER D 26 37.91 -20.50 13.01
C SER D 26 38.02 -21.08 11.60
N ALA D 27 36.89 -21.18 10.90
CA ALA D 27 36.92 -21.74 9.55
C ALA D 27 37.73 -20.87 8.60
N ILE D 28 37.69 -19.55 8.80
CA ILE D 28 38.48 -18.65 7.97
C ILE D 28 39.96 -18.80 8.30
N ARG D 29 40.30 -18.91 9.59
CA ARG D 29 41.69 -19.13 9.97
C ARG D 29 42.19 -20.48 9.45
N TYR D 30 41.37 -21.53 9.56
CA TYR D 30 41.77 -22.85 9.11
C TYR D 30 41.73 -22.99 7.60
N ALA D 31 41.21 -21.98 6.89
CA ALA D 31 41.51 -21.82 5.47
C ALA D 31 42.82 -21.07 5.26
N HIS D 32 43.62 -20.91 6.32
CA HIS D 32 44.98 -20.37 6.24
C HIS D 32 45.00 -18.87 6.05
N LEU D 33 44.08 -18.14 6.69
CA LEU D 33 44.04 -16.69 6.53
C LEU D 33 45.37 -16.05 6.87
N ILE D 34 45.83 -16.25 8.11
CA ILE D 34 47.05 -15.58 8.58
C ILE D 34 48.22 -15.92 7.67
N GLU D 35 48.39 -17.20 7.36
CA GLU D 35 49.52 -17.61 6.53
C GLU D 35 49.51 -16.91 5.18
N ARG D 36 48.32 -16.73 4.59
CA ARG D 36 48.24 -16.13 3.26
C ARG D 36 48.54 -14.64 3.29
N LEU D 37 48.14 -13.95 4.35
CA LEU D 37 48.48 -12.53 4.47
C LEU D 37 49.97 -12.35 4.79
N SER D 38 50.55 -13.26 5.58
CA SER D 38 51.98 -13.22 5.81
C SER D 38 52.75 -13.45 4.51
N ASP D 39 52.30 -14.41 3.70
CA ASP D 39 52.95 -14.69 2.42
C ASP D 39 52.81 -13.53 1.44
N MET D 40 51.85 -12.63 1.65
CA MET D 40 51.67 -11.48 0.79
C MET D 40 52.55 -10.30 1.16
N GLY D 41 53.27 -10.38 2.28
CA GLY D 41 54.15 -9.32 2.73
C GLY D 41 53.71 -8.62 4.00
N TYR D 42 52.45 -8.79 4.41
CA TYR D 42 51.92 -8.05 5.54
C TYR D 42 52.45 -8.60 6.85
N THR D 43 52.67 -7.70 7.80
CA THR D 43 52.76 -8.07 9.21
C THR D 43 51.34 -8.03 9.76
N VAL D 44 50.87 -9.16 10.27
CA VAL D 44 49.49 -9.31 10.70
C VAL D 44 49.47 -9.80 12.14
N GLU D 45 48.76 -9.09 12.99
CA GLU D 45 48.56 -9.49 14.38
C GLU D 45 47.20 -10.16 14.49
N ASP D 46 47.17 -11.31 15.15
CA ASP D 46 45.92 -12.03 15.40
C ASP D 46 45.50 -11.72 16.84
N LEU D 47 44.57 -10.79 16.99
CA LEU D 47 44.08 -10.40 18.30
C LEU D 47 43.11 -11.43 18.88
N GLY D 48 42.99 -12.60 18.27
CA GLY D 48 42.16 -13.65 18.80
C GLY D 48 40.68 -13.39 18.60
N ASP D 49 39.89 -14.18 19.31
CA ASP D 49 38.44 -14.10 19.25
C ASP D 49 37.89 -13.38 20.47
N ILE D 50 36.91 -12.52 20.25
CA ILE D 50 36.18 -11.88 21.35
C ILE D 50 35.20 -12.90 21.93
N PRO D 51 35.18 -13.11 23.25
CA PRO D 51 34.24 -14.09 23.81
C PRO D 51 32.82 -13.56 23.78
N ILE D 52 31.87 -14.44 23.45
CA ILE D 52 30.45 -14.11 23.45
C ILE D 52 29.74 -15.06 24.39
N ASN D 53 28.65 -14.57 24.98
CA ASN D 53 27.97 -15.27 26.05
C ASN D 53 26.80 -16.10 25.50
N ASN D 65 19.26 -12.24 23.41
CA ASN D 65 19.33 -11.44 22.20
C ASN D 65 20.12 -10.16 22.43
N LEU D 66 19.49 -9.18 23.06
CA LEU D 66 20.00 -7.82 23.03
C LEU D 66 21.31 -7.69 23.81
N ASN D 67 21.24 -7.94 25.12
CA ASN D 67 22.39 -7.64 25.99
C ASN D 67 23.65 -8.35 25.51
N SER D 68 23.53 -9.61 25.08
CA SER D 68 24.71 -10.34 24.63
C SER D 68 25.26 -9.72 23.35
N VAL D 69 24.40 -9.48 22.36
CA VAL D 69 24.83 -8.78 21.15
C VAL D 69 25.38 -7.41 21.52
N LEU D 70 24.76 -6.76 22.51
CA LEU D 70 25.19 -5.43 22.92
C LEU D 70 26.59 -5.47 23.54
N ALA D 71 26.80 -6.37 24.50
CA ALA D 71 28.09 -6.45 25.16
C ALA D 71 29.19 -6.88 24.20
N GLY D 72 28.89 -7.85 23.33
CA GLY D 72 29.89 -8.28 22.36
C GLY D 72 30.32 -7.15 21.44
N ASN D 73 29.35 -6.40 20.92
CA ASN D 73 29.67 -5.29 20.04
C ASN D 73 30.36 -4.15 20.79
N GLU D 74 30.04 -3.97 22.08
CA GLU D 74 30.76 -3.00 22.89
C GLU D 74 32.25 -3.30 22.91
N LYS D 75 32.60 -4.56 23.15
CA LYS D 75 34.00 -4.95 23.18
C LYS D 75 34.62 -4.87 21.79
N LEU D 76 33.87 -5.28 20.76
CA LEU D 76 34.35 -5.18 19.40
C LEU D 76 34.74 -3.74 19.06
N ALA D 77 33.83 -2.80 19.33
CA ALA D 77 34.09 -1.40 19.03
C ALA D 77 35.35 -0.90 19.73
N GLN D 78 35.64 -1.42 20.92
CA GLN D 78 36.80 -0.95 21.66
C GLN D 78 38.10 -1.46 21.05
N LYS D 79 38.14 -2.73 20.65
CA LYS D 79 39.32 -3.25 19.96
C LYS D 79 39.53 -2.52 18.63
N VAL D 80 38.47 -2.43 17.82
CA VAL D 80 38.57 -1.73 16.54
C VAL D 80 39.09 -0.31 16.73
N ASN D 81 38.52 0.40 17.70
CA ASN D 81 38.94 1.78 17.95
C ASN D 81 40.44 1.84 18.26
N LYS D 82 40.93 0.93 19.09
CA LYS D 82 42.35 0.93 19.43
C LYS D 82 43.21 0.63 18.21
N VAL D 83 42.76 -0.30 17.37
CA VAL D 83 43.50 -0.64 16.15
C VAL D 83 43.65 0.60 15.27
N ILE D 84 42.57 1.36 15.09
CA ILE D 84 42.62 2.52 14.21
C ILE D 84 43.49 3.62 14.81
N GLU D 85 43.40 3.83 16.13
CA GLU D 85 44.31 4.78 16.77
C GLU D 85 45.76 4.42 16.49
N GLU D 86 46.08 3.13 16.53
CA GLU D 86 47.41 2.66 16.14
C GLU D 86 47.61 2.63 14.63
N LYS D 87 46.57 2.92 13.85
CA LYS D 87 46.69 3.02 12.39
C LYS D 87 47.12 1.69 11.79
N LYS D 88 46.36 0.64 12.11
CA LYS D 88 46.75 -0.74 11.78
C LYS D 88 45.63 -1.52 11.11
N PHE D 89 44.79 -0.86 10.31
CA PHE D 89 43.78 -1.50 9.48
C PHE D 89 43.09 -2.68 10.17
N PRO D 90 41.88 -2.51 10.69
CA PRO D 90 41.19 -3.64 11.34
C PRO D 90 40.52 -4.54 10.31
N LEU D 91 40.75 -5.85 10.46
CA LEU D 91 40.11 -6.87 9.63
C LEU D 91 39.29 -7.77 10.56
N VAL D 92 37.98 -7.51 10.61
CA VAL D 92 37.08 -8.26 11.47
C VAL D 92 36.54 -9.45 10.70
N LEU D 93 36.75 -10.66 11.23
CA LEU D 93 36.16 -11.87 10.69
C LEU D 93 35.20 -12.41 11.74
N GLY D 94 33.96 -12.64 11.34
CA GLY D 94 32.87 -12.76 12.29
C GLY D 94 31.99 -13.97 12.04
N GLY D 95 30.95 -14.05 12.86
CA GLY D 95 29.79 -14.86 12.57
C GLY D 95 28.77 -14.03 11.83
N ASP D 96 27.62 -13.77 12.44
CA ASP D 96 26.55 -13.08 11.75
C ASP D 96 26.86 -11.60 11.61
N HIS D 97 26.03 -10.92 10.81
CA HIS D 97 26.30 -9.56 10.39
C HIS D 97 26.07 -8.52 11.49
N SER D 98 25.50 -8.91 12.63
CA SER D 98 25.25 -7.95 13.69
C SER D 98 26.53 -7.30 14.21
N ILE D 99 27.68 -7.90 13.94
CA ILE D 99 28.94 -7.37 14.45
C ILE D 99 29.31 -6.06 13.78
N ALA D 100 28.74 -5.79 12.60
CA ALA D 100 29.02 -4.51 11.93
C ALA D 100 28.61 -3.32 12.79
N ILE D 101 27.64 -3.53 13.71
CA ILE D 101 27.29 -2.49 14.66
C ILE D 101 28.52 -2.07 15.46
N GLY D 102 29.21 -3.05 16.06
CA GLY D 102 30.40 -2.75 16.84
C GLY D 102 31.56 -2.30 15.96
N THR D 103 31.71 -2.92 14.80
CA THR D 103 32.78 -2.53 13.89
C THR D 103 32.66 -1.06 13.51
N LEU D 104 31.49 -0.66 12.98
CA LEU D 104 31.30 0.72 12.57
C LEU D 104 31.30 1.67 13.77
N ALA D 105 30.89 1.19 14.95
CA ALA D 105 31.00 2.00 16.14
C ALA D 105 32.45 2.30 16.51
N GLY D 106 33.38 1.47 16.06
CA GLY D 106 34.78 1.64 16.39
C GLY D 106 35.56 2.46 15.38
N THR D 107 35.08 2.52 14.13
CA THR D 107 35.80 3.22 13.07
C THR D 107 35.19 4.57 12.71
N ALA D 108 33.87 4.71 12.77
CA ALA D 108 33.21 5.88 12.22
C ALA D 108 33.73 7.17 12.85
N LYS D 109 33.90 7.18 14.16
CA LYS D 109 34.29 8.41 14.85
C LYS D 109 35.66 8.92 14.42
N HIS D 110 36.51 8.05 13.87
CA HIS D 110 37.83 8.46 13.41
C HIS D 110 37.80 9.07 12.01
N TYR D 111 36.63 9.29 11.43
CA TYR D 111 36.52 9.81 10.08
C TYR D 111 35.44 10.88 10.03
N ASP D 112 35.78 12.02 9.43
CA ASP D 112 34.79 13.04 9.18
C ASP D 112 33.68 12.55 8.26
N ASN D 113 33.95 11.51 7.46
CA ASN D 113 32.95 11.00 6.54
C ASN D 113 33.28 9.58 6.10
N LEU D 114 33.11 8.61 7.01
CA LEU D 114 33.35 7.23 6.66
C LEU D 114 32.36 6.77 5.60
N GLY D 115 32.88 6.16 4.54
CA GLY D 115 32.05 5.50 3.57
C GLY D 115 31.87 4.03 3.89
N VAL D 116 30.82 3.44 3.32
CA VAL D 116 30.52 2.03 3.54
C VAL D 116 30.02 1.45 2.23
N ILE D 117 30.66 0.38 1.77
CA ILE D 117 30.13 -0.43 0.68
C ILE D 117 29.67 -1.75 1.28
N TRP D 118 28.38 -2.02 1.17
CA TRP D 118 27.74 -3.14 1.85
C TRP D 118 27.55 -4.25 0.81
N TYR D 119 28.44 -5.23 0.85
CA TYR D 119 28.49 -6.29 -0.15
C TYR D 119 27.62 -7.44 0.38
N ASP D 120 26.40 -7.53 -0.13
CA ASP D 120 25.40 -8.33 0.54
C ASP D 120 24.22 -8.58 -0.39
N ALA D 121 23.60 -9.75 -0.24
CA ALA D 121 22.32 -10.02 -0.87
C ALA D 121 21.17 -9.32 -0.16
N HIS D 122 21.39 -8.83 1.05
CA HIS D 122 20.37 -8.18 1.84
C HIS D 122 20.80 -6.74 2.15
N GLY D 123 19.82 -5.90 2.44
CA GLY D 123 20.10 -4.54 2.84
C GLY D 123 20.28 -4.44 4.35
N ASP D 124 19.71 -5.41 5.07
CA ASP D 124 19.79 -5.42 6.53
C ASP D 124 19.48 -4.06 7.12
N LEU D 125 18.42 -3.44 6.59
CA LEU D 125 17.96 -2.13 7.03
C LEU D 125 16.73 -2.22 7.92
N ASN D 126 16.55 -3.36 8.59
CA ASN D 126 15.34 -3.59 9.36
C ASN D 126 15.44 -2.98 10.75
N THR D 127 14.39 -3.21 11.54
CA THR D 127 14.24 -2.68 12.88
C THR D 127 13.46 -3.72 13.66
N LEU D 128 13.42 -3.56 14.99
CA LEU D 128 12.64 -4.47 15.81
C LEU D 128 11.23 -4.66 15.27
N GLU D 129 10.61 -3.58 14.79
CA GLU D 129 9.19 -3.64 14.42
C GLU D 129 8.96 -3.90 12.94
N THR D 130 10.00 -3.89 12.10
CA THR D 130 9.87 -4.31 10.72
C THR D 130 10.59 -5.63 10.45
N SER D 131 11.28 -6.17 11.44
CA SER D 131 11.96 -7.44 11.27
C SER D 131 10.98 -8.60 11.50
N PRO D 132 10.76 -9.48 10.54
CA PRO D 132 9.84 -10.61 10.79
C PRO D 132 10.35 -11.56 11.85
N SER D 133 11.66 -11.63 12.05
CA SER D 133 12.28 -12.60 12.94
C SER D 133 12.69 -12.03 14.28
N GLY D 134 13.12 -10.76 14.32
CA GLY D 134 13.76 -10.21 15.49
C GLY D 134 15.25 -10.47 15.57
N ASN D 135 15.82 -11.11 14.54
CA ASN D 135 17.25 -11.36 14.52
C ASN D 135 17.99 -10.08 14.16
N ILE D 136 18.98 -9.73 15.00
CA ILE D 136 19.62 -8.43 14.88
C ILE D 136 20.55 -8.35 13.67
N HIS D 137 21.00 -9.48 13.12
CA HIS D 137 21.94 -9.41 12.00
C HIS D 137 21.29 -8.88 10.73
N GLY D 138 19.97 -8.72 10.70
CA GLY D 138 19.28 -8.02 9.64
C GLY D 138 19.05 -6.55 9.92
N MET D 139 19.68 -6.00 10.96
CA MET D 139 19.53 -4.60 11.34
C MET D 139 20.82 -3.78 11.36
N PRO D 140 22.02 -4.36 11.19
CA PRO D 140 23.23 -3.60 11.51
C PRO D 140 23.46 -2.37 10.64
N LEU D 141 22.83 -2.28 9.47
CA LEU D 141 22.98 -1.07 8.67
C LEU D 141 22.00 0.02 9.07
N ALA D 142 20.73 -0.34 9.32
CA ALA D 142 19.77 0.61 9.85
C ALA D 142 20.30 1.24 11.15
N VAL D 143 20.58 0.40 12.15
CA VAL D 143 21.53 0.82 13.17
C VAL D 143 22.82 1.18 12.48
N SER D 144 23.46 2.26 12.94
CA SER D 144 24.65 2.86 12.32
C SER D 144 24.25 4.11 11.54
N LEU D 145 23.09 4.08 10.92
CA LEU D 145 22.65 5.17 10.04
C LEU D 145 21.94 6.40 10.66
N GLY D 146 21.29 6.34 11.83
CA GLY D 146 21.16 5.20 12.72
C GLY D 146 19.74 5.05 13.21
N ILE D 147 19.09 4.01 12.70
CA ILE D 147 17.67 3.74 12.94
C ILE D 147 17.58 2.44 13.72
N GLY D 148 16.88 2.47 14.86
CA GLY D 148 16.61 1.26 15.60
C GLY D 148 16.62 1.50 17.09
N HIS D 149 16.81 0.40 17.82
CA HIS D 149 16.81 0.45 19.28
C HIS D 149 17.88 1.41 19.77
N GLU D 150 17.51 2.22 20.76
CA GLU D 150 18.39 3.30 21.23
C GLU D 150 19.74 2.75 21.68
N SER D 151 19.73 1.62 22.39
CA SER D 151 20.97 1.05 22.92
C SER D 151 21.91 0.64 21.79
N LEU D 152 21.34 0.10 20.69
CA LEU D 152 22.17 -0.26 19.55
C LEU D 152 22.64 0.98 18.80
N VAL D 153 21.75 1.95 18.60
CA VAL D 153 22.09 3.14 17.83
C VAL D 153 23.15 3.97 18.57
N ASN D 154 22.99 4.15 19.87
CA ASN D 154 23.90 4.96 20.66
C ASN D 154 25.05 4.16 21.25
N LEU D 155 25.47 3.09 20.58
CA LEU D 155 26.66 2.36 21.00
C LEU D 155 27.88 3.27 20.91
N GLU D 156 28.73 3.20 21.94
CA GLU D 156 29.93 4.03 22.07
C GLU D 156 29.62 5.50 22.26
N GLY D 157 28.35 5.86 22.48
CA GLY D 157 28.01 7.21 22.90
C GLY D 157 27.94 8.24 21.80
N TYR D 158 27.65 7.84 20.57
CA TYR D 158 27.45 8.80 19.50
C TYR D 158 26.62 8.17 18.40
N ALA D 159 25.88 9.01 17.68
CA ALA D 159 25.01 8.54 16.63
C ALA D 159 24.60 9.69 15.71
N PRO D 160 24.41 9.42 14.41
CA PRO D 160 24.64 8.12 13.78
C PRO D 160 26.11 7.91 13.45
N LYS D 161 26.50 6.65 13.20
CA LYS D 161 27.88 6.39 12.82
C LYS D 161 28.13 6.81 11.37
N ILE D 162 27.16 6.60 10.48
CA ILE D 162 27.33 6.84 9.06
C ILE D 162 26.09 7.52 8.50
N LYS D 163 26.23 8.01 7.26
CA LYS D 163 25.19 8.74 6.54
C LYS D 163 24.65 7.90 5.40
N PRO D 164 23.35 7.99 5.08
CA PRO D 164 22.83 7.20 3.95
C PRO D 164 23.50 7.55 2.63
N GLU D 165 23.81 8.82 2.40
CA GLU D 165 24.43 9.21 1.14
C GLU D 165 25.87 8.73 1.01
N ASN D 166 26.45 8.13 2.05
CA ASN D 166 27.79 7.58 1.99
C ASN D 166 27.80 6.06 1.90
N VAL D 167 26.64 5.43 1.76
CA VAL D 167 26.55 3.98 1.68
C VAL D 167 26.30 3.58 0.24
N VAL D 168 26.94 2.50 -0.19
CA VAL D 168 26.63 1.85 -1.46
C VAL D 168 26.43 0.37 -1.18
N ILE D 169 25.24 -0.14 -1.47
CA ILE D 169 24.95 -1.57 -1.36
C ILE D 169 25.23 -2.22 -2.70
N ILE D 170 26.00 -3.30 -2.68
CA ILE D 170 26.32 -4.08 -3.87
C ILE D 170 25.87 -5.50 -3.62
N GLY D 171 25.03 -6.01 -4.52
CA GLY D 171 24.62 -7.40 -4.47
C GLY D 171 23.17 -7.63 -4.10
N ALA D 172 22.41 -6.57 -3.80
CA ALA D 172 21.10 -6.74 -3.19
C ALA D 172 20.16 -7.54 -4.09
N ARG D 173 19.47 -8.50 -3.47
CA ARG D 173 18.44 -9.25 -4.17
C ARG D 173 17.35 -9.78 -3.24
N SER D 174 17.40 -9.48 -1.94
CA SER D 174 16.37 -9.89 -0.98
C SER D 174 16.13 -8.69 -0.06
N LEU D 175 15.37 -7.73 -0.55
CA LEU D 175 15.11 -6.48 0.16
C LEU D 175 13.63 -6.43 0.57
N ASP D 176 12.76 -6.14 -0.39
CA ASP D 176 11.31 -6.16 -0.20
C ASP D 176 10.83 -5.29 0.96
N GLU D 177 9.66 -4.66 0.77
CA GLU D 177 8.90 -4.08 1.87
C GLU D 177 9.54 -2.78 2.38
N GLY D 178 9.67 -2.63 3.71
CA GLY D 178 10.07 -1.35 4.27
C GLY D 178 11.46 -0.92 3.87
N GLU D 179 12.36 -1.86 3.65
CA GLU D 179 13.74 -1.51 3.29
C GLU D 179 13.75 -0.71 1.98
N ARG D 180 13.06 -1.21 0.95
CA ARG D 180 13.01 -0.50 -0.32
C ARG D 180 12.50 0.93 -0.14
N LYS D 181 11.37 1.08 0.55
CA LYS D 181 10.81 2.41 0.77
C LYS D 181 11.84 3.35 1.37
N TYR D 182 12.62 2.86 2.34
CA TYR D 182 13.64 3.71 2.94
C TYR D 182 14.74 4.05 1.94
N ILE D 183 15.21 3.07 1.17
CA ILE D 183 16.23 3.35 0.15
C ILE D 183 15.81 4.53 -0.70
N LYS D 184 14.61 4.45 -1.29
CA LYS D 184 14.16 5.49 -2.22
C LYS D 184 14.03 6.83 -1.51
N GLU D 185 13.41 6.84 -0.33
CA GLU D 185 13.24 8.10 0.41
C GLU D 185 14.58 8.64 0.91
N SER D 186 15.53 7.77 1.23
CA SER D 186 16.83 8.22 1.70
C SER D 186 17.78 8.55 0.55
N GLY D 187 17.46 8.16 -0.67
CA GLY D 187 18.36 8.38 -1.79
C GLY D 187 19.60 7.53 -1.73
N MET D 188 19.61 6.48 -0.92
CA MET D 188 20.78 5.62 -0.81
C MET D 188 21.11 4.97 -2.15
N LYS D 189 22.40 4.81 -2.41
CA LYS D 189 22.86 4.18 -3.64
C LYS D 189 22.98 2.67 -3.43
N VAL D 190 22.37 1.90 -4.34
CA VAL D 190 22.41 0.45 -4.25
C VAL D 190 22.51 -0.13 -5.65
N TYR D 191 23.34 -1.14 -5.81
CA TYR D 191 23.49 -1.87 -7.06
C TYR D 191 22.96 -3.28 -6.85
N THR D 192 21.67 -3.48 -7.15
CA THR D 192 21.08 -4.79 -7.10
C THR D 192 21.67 -5.68 -8.20
N MET D 193 21.24 -6.94 -8.24
CA MET D 193 21.66 -7.83 -9.32
C MET D 193 21.29 -7.26 -10.68
N HIS D 194 20.20 -6.50 -10.75
CA HIS D 194 19.79 -5.93 -12.03
C HIS D 194 20.88 -5.02 -12.59
N GLU D 195 21.40 -4.12 -11.76
CA GLU D 195 22.41 -3.19 -12.24
C GLU D 195 23.74 -3.90 -12.51
N ILE D 196 24.07 -4.90 -11.70
CA ILE D 196 25.31 -5.64 -11.93
C ILE D 196 25.22 -6.40 -13.26
N ASP D 197 24.06 -7.03 -13.53
CA ASP D 197 23.87 -7.70 -14.81
C ASP D 197 23.82 -6.70 -15.96
N ARG D 198 23.15 -5.57 -15.75
CA ARG D 198 22.97 -4.61 -16.84
C ARG D 198 24.27 -3.88 -17.14
N LEU D 199 24.97 -3.41 -16.10
CA LEU D 199 26.15 -2.59 -16.27
C LEU D 199 27.46 -3.38 -16.30
N GLY D 200 27.48 -4.56 -15.70
CA GLY D 200 28.73 -5.30 -15.51
C GLY D 200 29.39 -4.84 -14.21
N MET D 201 30.10 -5.73 -13.53
CA MET D 201 30.71 -5.38 -12.26
C MET D 201 31.73 -4.26 -12.43
N THR D 202 32.49 -4.28 -13.52
CA THR D 202 33.51 -3.26 -13.74
C THR D 202 32.92 -1.87 -13.60
N LYS D 203 31.85 -1.58 -14.34
CA LYS D 203 31.23 -0.26 -14.27
C LYS D 203 30.67 0.01 -12.89
N VAL D 204 30.12 -1.03 -12.23
CA VAL D 204 29.54 -0.84 -10.90
C VAL D 204 30.61 -0.36 -9.93
N ILE D 205 31.79 -1.00 -9.95
CA ILE D 205 32.86 -0.59 -9.05
C ILE D 205 33.35 0.81 -9.40
N GLU D 206 33.51 1.10 -10.70
CA GLU D 206 34.00 2.41 -11.10
C GLU D 206 33.06 3.51 -10.65
N GLU D 207 31.75 3.30 -10.81
CA GLU D 207 30.79 4.28 -10.31
C GLU D 207 30.82 4.34 -8.78
N THR D 208 31.00 3.20 -8.12
CA THR D 208 31.14 3.18 -6.67
C THR D 208 32.33 4.01 -6.22
N LEU D 209 33.49 3.76 -6.81
CA LEU D 209 34.70 4.49 -6.41
C LEU D 209 34.53 5.99 -6.56
N ASP D 210 33.93 6.43 -7.67
CA ASP D 210 33.66 7.86 -7.85
C ASP D 210 32.66 8.36 -6.83
N TYR D 211 31.56 7.62 -6.65
CA TYR D 211 30.54 8.01 -5.69
C TYR D 211 31.11 8.18 -4.29
N LEU D 212 32.12 7.41 -3.93
CA LEU D 212 32.71 7.42 -2.60
C LEU D 212 34.05 8.16 -2.53
N SER D 213 34.44 8.83 -3.62
CA SER D 213 35.76 9.44 -3.67
C SER D 213 35.93 10.53 -2.61
N ALA D 214 34.82 11.15 -2.17
CA ALA D 214 34.88 12.25 -1.23
C ALA D 214 34.82 11.79 0.23
N CYS D 215 35.06 10.51 0.49
CA CYS D 215 35.11 9.99 1.85
C CYS D 215 36.55 9.88 2.31
N ASP D 216 36.81 10.26 3.56
CA ASP D 216 38.15 10.12 4.12
C ASP D 216 38.48 8.68 4.49
N GLY D 217 37.47 7.80 4.52
CA GLY D 217 37.70 6.38 4.68
C GLY D 217 36.48 5.63 4.18
N VAL D 218 36.69 4.34 3.90
CA VAL D 218 35.61 3.48 3.42
C VAL D 218 35.73 2.13 4.10
N HIS D 219 34.65 1.70 4.76
CA HIS D 219 34.59 0.39 5.39
C HIS D 219 33.89 -0.58 4.46
N LEU D 220 34.51 -1.74 4.25
CA LEU D 220 33.90 -2.80 3.45
C LEU D 220 33.29 -3.84 4.38
N SER D 221 31.98 -3.99 4.32
CA SER D 221 31.26 -4.99 5.09
C SER D 221 30.75 -6.02 4.09
N LEU D 222 31.41 -7.18 4.04
CA LEU D 222 31.14 -8.19 3.03
C LEU D 222 30.42 -9.37 3.67
N ASP D 223 29.14 -9.53 3.30
CA ASP D 223 28.34 -10.68 3.69
C ASP D 223 28.51 -11.75 2.63
N LEU D 224 29.08 -12.89 3.01
CA LEU D 224 29.38 -13.92 2.01
C LEU D 224 28.13 -14.35 1.24
N ASP D 225 26.93 -14.13 1.78
CA ASP D 225 25.73 -14.47 1.01
C ASP D 225 25.48 -13.51 -0.15
N GLY D 226 26.29 -12.45 -0.27
CA GLY D 226 26.25 -11.66 -1.48
C GLY D 226 26.64 -12.46 -2.71
N LEU D 227 27.56 -13.42 -2.54
CA LEU D 227 27.90 -14.33 -3.62
C LEU D 227 26.79 -15.36 -3.83
N ASP D 228 26.81 -15.98 -5.00
CA ASP D 228 25.80 -16.98 -5.33
C ASP D 228 26.01 -18.23 -4.50
N PRO D 229 24.93 -18.87 -4.01
CA PRO D 229 25.12 -20.07 -3.17
C PRO D 229 25.92 -21.17 -3.84
N ASN D 230 25.94 -21.22 -5.17
CA ASN D 230 26.80 -22.18 -5.85
C ASN D 230 28.26 -21.97 -5.50
N ASP D 231 28.65 -20.72 -5.25
CA ASP D 231 30.02 -20.38 -4.89
C ASP D 231 30.22 -20.21 -3.39
N ALA D 232 29.19 -19.80 -2.66
CA ALA D 232 29.26 -19.58 -1.22
C ALA D 232 28.07 -20.27 -0.56
N PRO D 233 28.08 -21.60 -0.50
CA PRO D 233 26.91 -22.30 0.07
C PRO D 233 26.84 -22.20 1.59
N GLY D 234 27.96 -22.01 2.27
CA GLY D 234 27.98 -22.04 3.71
C GLY D 234 27.55 -20.74 4.37
N VAL D 235 26.29 -20.38 4.18
CA VAL D 235 25.73 -19.17 4.77
C VAL D 235 24.34 -19.49 5.31
N GLY D 236 23.90 -18.70 6.30
CA GLY D 236 22.64 -18.98 6.96
C GLY D 236 21.42 -18.62 6.12
N THR D 237 21.55 -17.62 5.25
CA THR D 237 20.42 -17.10 4.48
C THR D 237 20.83 -16.97 3.01
N PRO D 238 20.93 -18.09 2.30
CA PRO D 238 21.30 -18.02 0.88
C PRO D 238 20.17 -17.48 0.02
N VAL D 239 20.55 -16.80 -1.06
CA VAL D 239 19.60 -16.27 -2.03
C VAL D 239 20.16 -16.53 -3.42
N VAL D 240 19.37 -17.18 -4.28
CA VAL D 240 19.86 -17.58 -5.59
C VAL D 240 20.10 -16.36 -6.46
N GLY D 241 20.91 -16.56 -7.50
CA GLY D 241 21.18 -15.51 -8.47
C GLY D 241 22.08 -14.41 -7.93
N GLY D 242 23.20 -14.79 -7.34
CA GLY D 242 24.10 -13.86 -6.71
C GLY D 242 25.36 -13.59 -7.53
N ILE D 243 26.26 -12.81 -6.93
CA ILE D 243 27.50 -12.44 -7.59
C ILE D 243 28.40 -13.66 -7.70
N SER D 244 29.12 -13.76 -8.82
CA SER D 244 29.96 -14.91 -9.07
C SER D 244 31.29 -14.78 -8.35
N TYR D 245 31.99 -15.90 -8.26
CA TYR D 245 33.33 -15.95 -7.67
C TYR D 245 34.27 -14.99 -8.38
N ARG D 246 34.25 -14.99 -9.72
CA ARG D 246 35.17 -14.13 -10.48
C ARG D 246 34.80 -12.66 -10.31
N GLU D 247 33.51 -12.32 -10.42
CA GLU D 247 33.09 -10.94 -10.21
C GLU D 247 33.55 -10.42 -8.86
N SER D 248 33.40 -11.24 -7.82
CA SER D 248 33.81 -10.83 -6.48
C SER D 248 35.31 -10.54 -6.44
N HIS D 249 36.12 -11.40 -7.06
CA HIS D 249 37.56 -11.16 -7.09
C HIS D 249 37.87 -9.87 -7.86
N LEU D 250 37.18 -9.63 -8.97
CA LEU D 250 37.36 -8.38 -9.70
C LEU D 250 37.09 -7.18 -8.80
N ALA D 251 35.98 -7.22 -8.06
CA ALA D 251 35.64 -6.10 -7.18
C ALA D 251 36.74 -5.84 -6.16
N MET D 252 37.23 -6.90 -5.50
CA MET D 252 38.28 -6.72 -4.51
C MET D 252 39.55 -6.18 -5.14
N GLU D 253 39.92 -6.71 -6.31
CA GLU D 253 41.13 -6.23 -7.00
C GLU D 253 41.02 -4.76 -7.35
N MET D 254 39.87 -4.33 -7.87
CA MET D 254 39.68 -2.93 -8.21
C MET D 254 39.64 -2.06 -6.95
N LEU D 255 39.02 -2.57 -5.88
CA LEU D 255 39.01 -1.85 -4.61
C LEU D 255 40.43 -1.62 -4.10
N TYR D 256 41.30 -2.63 -4.22
CA TYR D 256 42.68 -2.47 -3.78
C TYR D 256 43.40 -1.42 -4.62
N ASP D 257 43.27 -1.51 -5.95
CA ASP D 257 43.98 -0.58 -6.83
C ASP D 257 43.58 0.86 -6.55
N ALA D 258 42.36 1.07 -6.04
CA ALA D 258 41.92 2.43 -5.71
C ALA D 258 42.42 2.90 -4.36
N GLY D 259 42.80 1.97 -3.47
CA GLY D 259 43.34 2.34 -2.17
C GLY D 259 42.36 3.04 -1.26
N ILE D 260 41.06 2.78 -1.42
CA ILE D 260 40.06 3.47 -0.62
C ILE D 260 39.66 2.72 0.64
N ILE D 261 39.84 1.40 0.69
CA ILE D 261 39.36 0.60 1.81
C ILE D 261 40.30 0.81 3.00
N THR D 262 39.72 1.24 4.12
CA THR D 262 40.47 1.47 5.35
C THR D 262 40.11 0.48 6.46
N SER D 263 39.05 -0.30 6.29
CA SER D 263 38.68 -1.35 7.23
C SER D 263 37.74 -2.31 6.52
N ALA D 264 37.69 -3.54 7.01
CA ALA D 264 36.89 -4.56 6.34
C ALA D 264 36.44 -5.61 7.34
N GLU D 265 35.27 -6.19 7.05
CA GLU D 265 34.78 -7.33 7.81
C GLU D 265 34.15 -8.33 6.86
N PHE D 266 34.40 -9.62 7.12
CA PHE D 266 33.84 -10.71 6.34
C PHE D 266 33.01 -11.59 7.28
N VAL D 267 31.71 -11.68 6.99
CA VAL D 267 30.74 -12.18 7.96
C VAL D 267 29.90 -13.29 7.35
N GLU D 268 29.23 -14.03 8.22
CA GLU D 268 28.17 -15.00 7.92
C GLU D 268 28.70 -16.34 7.42
N VAL D 269 30.01 -16.58 7.45
CA VAL D 269 30.52 -17.92 7.12
C VAL D 269 30.05 -18.90 8.20
N ASN D 270 29.41 -19.98 7.77
CA ASN D 270 28.89 -21.00 8.68
C ASN D 270 29.40 -22.36 8.24
N PRO D 271 30.40 -22.92 8.91
CA PRO D 271 30.94 -24.22 8.46
C PRO D 271 29.93 -25.34 8.52
N ILE D 272 28.97 -25.28 9.45
CA ILE D 272 27.97 -26.32 9.60
C ILE D 272 27.04 -26.39 8.40
N LEU D 273 26.94 -25.31 7.63
CA LEU D 273 26.14 -25.28 6.42
C LEU D 273 26.98 -25.32 5.16
N ASP D 274 28.29 -25.54 5.29
CA ASP D 274 29.22 -25.40 4.19
C ASP D 274 29.63 -26.76 3.63
N HIS D 275 30.27 -26.72 2.45
CA HIS D 275 30.79 -27.90 1.80
C HIS D 275 32.31 -27.86 1.88
N LYS D 276 32.87 -28.62 2.83
CA LYS D 276 34.31 -28.73 3.01
C LYS D 276 34.97 -27.35 3.06
N ASN D 277 34.33 -26.43 3.78
CA ASN D 277 34.87 -25.09 4.01
C ASN D 277 35.08 -24.33 2.71
N LYS D 278 34.26 -24.63 1.70
CA LYS D 278 34.33 -23.90 0.44
C LYS D 278 34.14 -22.41 0.66
N THR D 279 33.22 -22.03 1.56
CA THR D 279 32.91 -20.63 1.76
C THR D 279 33.97 -19.94 2.60
N GLY D 280 34.54 -20.63 3.59
CA GLY D 280 35.64 -20.05 4.34
C GLY D 280 36.88 -19.87 3.49
N LYS D 281 37.16 -20.83 2.60
CA LYS D 281 38.28 -20.68 1.68
C LYS D 281 38.05 -19.51 0.73
N THR D 282 36.82 -19.38 0.21
CA THR D 282 36.50 -18.24 -0.64
C THR D 282 36.68 -16.93 0.11
N ALA D 283 36.29 -16.90 1.39
CA ALA D 283 36.49 -15.69 2.20
C ALA D 283 37.97 -15.29 2.22
N VAL D 284 38.85 -16.24 2.54
CA VAL D 284 40.29 -15.95 2.54
C VAL D 284 40.72 -15.44 1.18
N GLU D 285 40.30 -16.13 0.12
CA GLU D 285 40.70 -15.74 -1.23
C GLU D 285 40.27 -14.31 -1.55
N LEU D 286 39.09 -13.91 -1.09
CA LEU D 286 38.64 -12.55 -1.34
C LEU D 286 39.43 -11.54 -0.53
N VAL D 287 39.81 -11.89 0.69
CA VAL D 287 40.66 -11.02 1.50
C VAL D 287 41.99 -10.78 0.78
N GLU D 288 42.59 -11.85 0.26
CA GLU D 288 43.87 -11.73 -0.43
C GLU D 288 43.79 -10.70 -1.56
N SER D 289 42.78 -10.83 -2.43
CA SER D 289 42.62 -9.88 -3.51
C SER D 289 42.41 -8.46 -2.97
N LEU D 290 41.61 -8.32 -1.92
CA LEU D 290 41.36 -7.01 -1.34
C LEU D 290 42.65 -6.35 -0.87
N LEU D 291 43.58 -7.14 -0.32
CA LEU D 291 44.82 -6.60 0.23
C LEU D 291 45.98 -6.69 -0.75
N GLY D 292 45.70 -6.85 -2.04
CA GLY D 292 46.68 -6.61 -3.07
C GLY D 292 47.26 -7.82 -3.77
N LYS D 293 46.74 -9.02 -3.53
CA LYS D 293 47.23 -10.18 -4.25
C LYS D 293 46.87 -10.05 -5.73
N LYS D 294 47.84 -10.28 -6.60
CA LYS D 294 47.67 -10.10 -8.03
C LYS D 294 48.04 -11.38 -8.76
N LEU D 295 47.33 -11.63 -9.87
CA LEU D 295 47.68 -12.76 -10.74
C LEU D 295 48.93 -12.46 -11.55
N LEU D 296 49.31 -11.19 -11.68
CA LEU D 296 50.54 -10.81 -12.36
C LEU D 296 51.04 -9.49 -11.79
N LYS E 3 -3.96 -4.30 -13.93
CA LYS E 3 -4.17 -5.36 -14.91
C LYS E 3 -4.41 -6.70 -14.23
N THR E 4 -5.38 -7.46 -14.75
CA THR E 4 -5.71 -8.78 -14.24
C THR E 4 -5.00 -9.84 -15.07
N ILE E 5 -4.36 -10.78 -14.39
CA ILE E 5 -3.59 -11.84 -15.04
C ILE E 5 -4.47 -13.09 -15.12
N SER E 6 -4.67 -13.60 -16.33
CA SER E 6 -5.45 -14.80 -16.56
C SER E 6 -4.49 -15.94 -16.87
N VAL E 7 -4.35 -16.87 -15.93
CA VAL E 7 -3.44 -18.00 -16.08
C VAL E 7 -4.20 -19.13 -16.77
N ILE E 8 -3.62 -19.65 -17.84
CA ILE E 8 -4.25 -20.69 -18.65
C ILE E 8 -3.30 -21.87 -18.76
N GLY E 9 -3.74 -23.03 -18.31
CA GLY E 9 -2.96 -24.25 -18.42
C GLY E 9 -3.20 -24.92 -19.76
N MET E 10 -2.11 -25.42 -20.34
CA MET E 10 -2.16 -26.11 -21.63
C MET E 10 -1.28 -27.35 -21.54
N PRO E 11 -1.77 -28.39 -20.85
CA PRO E 11 -0.96 -29.61 -20.67
C PRO E 11 -0.78 -30.37 -21.97
N MET E 12 -0.13 -29.74 -22.94
CA MET E 12 0.04 -30.29 -24.27
C MET E 12 1.40 -30.95 -24.38
N ASP E 13 1.41 -32.26 -24.60
CA ASP E 13 2.64 -32.97 -24.94
C ASP E 13 2.58 -33.63 -26.30
N LEU E 14 1.43 -33.64 -26.97
CA LEU E 14 1.28 -34.34 -28.23
C LEU E 14 2.09 -33.72 -29.36
N GLY E 15 2.71 -32.56 -29.14
CA GLY E 15 3.56 -31.94 -30.13
C GLY E 15 5.03 -32.34 -30.04
N GLN E 16 5.35 -33.36 -29.26
CA GLN E 16 6.75 -33.75 -29.09
C GLN E 16 6.80 -35.14 -28.47
N ALA E 17 7.96 -35.78 -28.59
CA ALA E 17 8.17 -37.15 -28.13
C ALA E 17 8.09 -37.27 -26.60
N ARG E 18 9.21 -37.03 -25.91
CA ARG E 18 9.34 -37.28 -24.48
C ARG E 18 8.05 -37.00 -23.70
N ARG E 19 7.75 -37.83 -22.70
CA ARG E 19 6.56 -37.66 -21.91
C ARG E 19 6.87 -36.87 -20.63
N GLY E 20 5.87 -36.13 -20.15
CA GLY E 20 5.97 -35.37 -18.92
C GLY E 20 5.76 -33.89 -19.08
N VAL E 21 5.96 -33.34 -20.29
CA VAL E 21 5.79 -31.90 -20.48
C VAL E 21 4.34 -31.48 -20.25
N ASP E 22 3.39 -32.42 -20.37
CA ASP E 22 2.00 -32.10 -20.06
C ASP E 22 1.82 -31.68 -18.62
N MET E 23 2.74 -32.05 -17.73
CA MET E 23 2.66 -31.69 -16.32
C MET E 23 3.32 -30.35 -16.01
N GLY E 24 3.90 -29.68 -17.00
CA GLY E 24 4.57 -28.41 -16.80
C GLY E 24 3.70 -27.38 -16.11
N PRO E 25 2.47 -27.19 -16.59
CA PRO E 25 1.60 -26.18 -15.95
C PRO E 25 1.42 -26.41 -14.47
N SER E 26 1.21 -27.65 -14.03
CA SER E 26 1.09 -27.93 -12.61
C SER E 26 2.41 -27.66 -11.88
N ALA E 27 3.53 -28.10 -12.47
CA ALA E 27 4.83 -27.84 -11.86
C ALA E 27 5.03 -26.36 -11.58
N ILE E 28 4.65 -25.51 -12.53
CA ILE E 28 4.80 -24.07 -12.33
C ILE E 28 3.86 -23.58 -11.25
N ARG E 29 2.60 -24.03 -11.29
CA ARG E 29 1.67 -23.68 -10.22
C ARG E 29 2.21 -24.11 -8.86
N TYR E 30 2.79 -25.30 -8.78
CA TYR E 30 3.27 -25.82 -7.51
C TYR E 30 4.55 -25.14 -7.04
N ALA E 31 5.14 -24.28 -7.88
CA ALA E 31 6.16 -23.36 -7.42
C ALA E 31 5.57 -22.01 -6.99
N HIS E 32 4.26 -21.98 -6.72
CA HIS E 32 3.59 -20.85 -6.07
C HIS E 32 3.42 -19.66 -7.02
N LEU E 33 3.15 -19.94 -8.30
CA LEU E 33 2.93 -18.86 -9.25
C LEU E 33 1.84 -17.92 -8.78
N ILE E 34 0.67 -18.48 -8.46
CA ILE E 34 -0.50 -17.66 -8.15
C ILE E 34 -0.24 -16.78 -6.93
N GLU E 35 0.24 -17.39 -5.84
CA GLU E 35 0.53 -16.63 -4.63
C GLU E 35 1.52 -15.50 -4.91
N ARG E 36 2.59 -15.81 -5.65
CA ARG E 36 3.61 -14.80 -5.90
C ARG E 36 3.03 -13.59 -6.62
N LEU E 37 2.18 -13.81 -7.61
CA LEU E 37 1.59 -12.68 -8.33
C LEU E 37 0.60 -11.93 -7.47
N SER E 38 -0.19 -12.65 -6.65
CA SER E 38 -1.10 -11.98 -5.74
C SER E 38 -0.33 -11.13 -4.73
N ASP E 39 0.76 -11.66 -4.19
CA ASP E 39 1.59 -10.90 -3.26
C ASP E 39 2.19 -9.66 -3.90
N MET E 40 2.25 -9.62 -5.23
CA MET E 40 2.78 -8.46 -5.95
C MET E 40 1.73 -7.39 -6.21
N GLY E 41 0.46 -7.66 -5.90
CA GLY E 41 -0.62 -6.71 -6.12
C GLY E 41 -1.57 -7.12 -7.23
N TYR E 42 -1.23 -8.12 -8.03
CA TYR E 42 -2.07 -8.53 -9.13
C TYR E 42 -3.31 -9.28 -8.64
N THR E 43 -4.45 -9.02 -9.28
CA THR E 43 -5.60 -9.90 -9.20
C THR E 43 -5.42 -10.94 -10.30
N VAL E 44 -5.17 -12.19 -9.92
CA VAL E 44 -4.90 -13.25 -10.87
C VAL E 44 -6.05 -14.25 -10.81
N GLU E 45 -6.56 -14.62 -11.97
CA GLU E 45 -7.61 -15.64 -12.08
C GLU E 45 -7.01 -16.85 -12.78
N ASP E 46 -7.11 -18.00 -12.13
CA ASP E 46 -6.58 -19.25 -12.67
C ASP E 46 -7.70 -19.95 -13.43
N LEU E 47 -7.65 -19.86 -14.76
CA LEU E 47 -8.67 -20.49 -15.60
C LEU E 47 -8.45 -22.00 -15.76
N GLY E 48 -7.56 -22.59 -14.96
CA GLY E 48 -7.38 -24.03 -14.98
C GLY E 48 -6.57 -24.50 -16.18
N ASP E 49 -6.74 -25.77 -16.50
CA ASP E 49 -6.05 -26.41 -17.60
C ASP E 49 -7.04 -26.79 -18.68
N ILE E 50 -6.71 -26.49 -19.93
CA ILE E 50 -7.54 -26.93 -21.06
C ILE E 50 -7.41 -28.44 -21.19
N PRO E 51 -8.52 -29.20 -21.24
CA PRO E 51 -8.39 -30.66 -21.35
C PRO E 51 -8.07 -31.09 -22.77
N ILE E 52 -7.24 -32.12 -22.88
CA ILE E 52 -6.83 -32.65 -24.17
C ILE E 52 -6.98 -34.16 -24.18
N ASN E 67 -4.96 -34.32 -34.72
CA ASN E 67 -6.31 -33.80 -34.58
C ASN E 67 -6.57 -33.31 -33.16
N SER E 68 -5.60 -33.56 -32.26
CA SER E 68 -5.63 -33.02 -30.91
C SER E 68 -4.75 -31.80 -30.76
N VAL E 69 -3.62 -31.75 -31.46
CA VAL E 69 -2.87 -30.49 -31.59
C VAL E 69 -3.78 -29.41 -32.14
N LEU E 70 -4.44 -29.70 -33.26
CA LEU E 70 -5.37 -28.74 -33.86
C LEU E 70 -6.51 -28.42 -32.91
N ALA E 71 -7.16 -29.44 -32.34
CA ALA E 71 -8.31 -29.21 -31.48
C ALA E 71 -7.91 -28.46 -30.22
N GLY E 72 -6.91 -28.97 -29.50
CA GLY E 72 -6.45 -28.29 -28.31
C GLY E 72 -6.09 -26.84 -28.56
N ASN E 73 -5.28 -26.59 -29.60
CA ASN E 73 -4.94 -25.22 -29.94
C ASN E 73 -6.17 -24.43 -30.33
N GLU E 74 -7.17 -25.08 -30.93
CA GLU E 74 -8.44 -24.42 -31.19
C GLU E 74 -9.08 -23.96 -29.89
N LYS E 75 -9.10 -24.83 -28.88
CA LYS E 75 -9.64 -24.45 -27.58
C LYS E 75 -8.78 -23.38 -26.92
N LEU E 76 -7.46 -23.53 -26.98
CA LEU E 76 -6.57 -22.54 -26.39
C LEU E 76 -6.76 -21.18 -27.04
N ALA E 77 -6.89 -21.15 -28.37
CA ALA E 77 -7.09 -19.89 -29.07
C ALA E 77 -8.36 -19.20 -28.61
N GLN E 78 -9.45 -19.95 -28.47
CA GLN E 78 -10.71 -19.37 -28.00
C GLN E 78 -10.56 -18.79 -26.61
N LYS E 79 -9.85 -19.49 -25.72
CA LYS E 79 -9.70 -19.00 -24.35
C LYS E 79 -8.86 -17.73 -24.32
N VAL E 80 -7.75 -17.71 -25.05
CA VAL E 80 -6.92 -16.51 -25.11
C VAL E 80 -7.69 -15.35 -25.72
N ASN E 81 -8.44 -15.63 -26.80
CA ASN E 81 -9.20 -14.58 -27.46
C ASN E 81 -10.12 -13.87 -26.46
N LYS E 82 -10.88 -14.63 -25.68
CA LYS E 82 -11.82 -14.03 -24.74
C LYS E 82 -11.08 -13.24 -23.66
N VAL E 83 -9.96 -13.78 -23.16
CA VAL E 83 -9.20 -13.06 -22.15
C VAL E 83 -8.76 -11.70 -22.67
N ILE E 84 -8.37 -11.64 -23.96
CA ILE E 84 -7.94 -10.37 -24.53
C ILE E 84 -9.13 -9.45 -24.75
N GLU E 85 -10.27 -10.00 -25.18
CA GLU E 85 -11.47 -9.19 -25.34
C GLU E 85 -11.92 -8.57 -24.03
N GLU E 86 -11.39 -9.03 -22.90
CA GLU E 86 -11.75 -8.51 -21.58
C GLU E 86 -10.70 -7.57 -21.02
N LYS E 87 -9.66 -7.24 -21.79
CA LYS E 87 -8.56 -6.41 -21.29
C LYS E 87 -7.86 -7.09 -20.12
N LYS E 88 -7.70 -8.41 -20.21
CA LYS E 88 -6.95 -9.18 -19.24
C LYS E 88 -5.71 -9.76 -19.90
N PHE E 89 -4.65 -9.90 -19.13
CA PHE E 89 -3.37 -10.34 -19.65
C PHE E 89 -3.33 -11.87 -19.68
N PRO E 90 -3.20 -12.50 -20.86
CA PRO E 90 -3.14 -13.97 -20.89
C PRO E 90 -1.73 -14.46 -20.56
N LEU E 91 -1.62 -15.24 -19.49
CA LEU E 91 -0.38 -15.90 -19.11
C LEU E 91 -0.59 -17.39 -19.32
N VAL E 92 -0.07 -17.90 -20.42
CA VAL E 92 -0.22 -19.30 -20.80
C VAL E 92 1.00 -20.05 -20.34
N LEU E 93 0.82 -21.01 -19.44
CA LEU E 93 1.89 -21.91 -19.04
C LEU E 93 1.62 -23.26 -19.69
N GLY E 94 2.63 -23.81 -20.36
CA GLY E 94 2.43 -24.79 -21.39
C GLY E 94 3.02 -26.15 -21.06
N GLY E 95 2.62 -27.11 -21.89
CA GLY E 95 3.45 -28.25 -22.16
C GLY E 95 4.45 -27.84 -23.22
N ASP E 96 4.44 -28.51 -24.38
CA ASP E 96 5.44 -28.24 -25.40
C ASP E 96 5.12 -26.93 -26.12
N HIS E 97 6.12 -26.42 -26.84
CA HIS E 97 6.02 -25.14 -27.53
C HIS E 97 4.94 -25.10 -28.60
N SER E 98 4.40 -26.26 -29.01
CA SER E 98 3.38 -26.27 -30.04
C SER E 98 2.17 -25.43 -29.67
N ILE E 99 1.95 -25.20 -28.38
CA ILE E 99 0.79 -24.43 -27.94
C ILE E 99 0.87 -23.00 -28.43
N ALA E 100 2.07 -22.53 -28.80
CA ALA E 100 2.20 -21.18 -29.33
C ALA E 100 1.34 -20.99 -30.58
N ILE E 101 1.03 -22.08 -31.29
CA ILE E 101 0.11 -22.00 -32.41
C ILE E 101 -1.24 -21.47 -31.95
N GLY E 102 -1.82 -22.11 -30.92
CA GLY E 102 -3.11 -21.67 -30.42
C GLY E 102 -3.03 -20.34 -29.71
N THR E 103 -1.94 -20.09 -28.99
CA THR E 103 -1.78 -18.83 -28.28
C THR E 103 -1.77 -17.66 -29.26
N LEU E 104 -0.85 -17.69 -30.23
CA LEU E 104 -0.77 -16.59 -31.19
C LEU E 104 -2.03 -16.45 -32.02
N ALA E 105 -2.70 -17.57 -32.31
CA ALA E 105 -3.96 -17.51 -33.04
C ALA E 105 -5.00 -16.69 -32.26
N GLY E 106 -4.86 -16.62 -30.95
CA GLY E 106 -5.82 -15.92 -30.12
C GLY E 106 -5.48 -14.45 -29.89
N THR E 107 -4.21 -14.09 -30.05
CA THR E 107 -3.76 -12.73 -29.79
C THR E 107 -3.53 -11.90 -31.05
N ALA E 108 -3.01 -12.52 -32.11
CA ALA E 108 -2.59 -11.76 -33.28
C ALA E 108 -3.72 -10.92 -33.86
N LYS E 109 -4.94 -11.50 -33.92
CA LYS E 109 -6.07 -10.80 -34.52
C LYS E 109 -6.40 -9.51 -33.78
N HIS E 110 -5.98 -9.37 -32.53
CA HIS E 110 -6.28 -8.18 -31.74
C HIS E 110 -5.26 -7.06 -31.91
N TYR E 111 -4.27 -7.23 -32.78
CA TYR E 111 -3.21 -6.24 -32.95
C TYR E 111 -2.93 -6.03 -34.43
N ASP E 112 -2.65 -4.77 -34.78
CA ASP E 112 -2.31 -4.44 -36.16
C ASP E 112 -0.93 -4.97 -36.53
N ASN E 113 0.02 -4.93 -35.57
CA ASN E 113 1.41 -5.26 -35.84
C ASN E 113 1.98 -5.98 -34.59
N LEU E 114 1.48 -7.17 -34.31
CA LEU E 114 1.95 -7.92 -33.16
C LEU E 114 3.40 -8.33 -33.35
N GLY E 115 4.23 -8.01 -32.36
CA GLY E 115 5.59 -8.49 -32.32
C GLY E 115 5.70 -9.75 -31.48
N VAL E 116 6.80 -10.46 -31.67
CA VAL E 116 7.06 -11.71 -30.94
C VAL E 116 8.53 -11.75 -30.57
N ILE E 117 8.81 -11.91 -29.28
CA ILE E 117 10.14 -12.27 -28.79
C ILE E 117 10.13 -13.77 -28.55
N TRP E 118 11.00 -14.48 -29.25
CA TRP E 118 11.06 -15.93 -29.19
C TRP E 118 12.32 -16.31 -28.42
N TYR E 119 12.13 -16.56 -27.12
CA TYR E 119 13.23 -16.81 -26.19
C TYR E 119 13.44 -18.33 -26.14
N ASP E 120 14.47 -18.79 -26.85
CA ASP E 120 14.55 -20.20 -27.18
C ASP E 120 15.95 -20.54 -27.67
N ALA E 121 16.40 -21.76 -27.36
CA ALA E 121 17.62 -22.27 -27.97
C ALA E 121 17.40 -22.69 -29.41
N HIS E 122 16.16 -22.88 -29.81
CA HIS E 122 15.78 -23.33 -31.13
C HIS E 122 15.04 -22.23 -31.88
N GLY E 123 14.89 -22.41 -33.18
CA GLY E 123 14.11 -21.51 -33.98
C GLY E 123 12.68 -22.00 -34.13
N ASP E 124 12.50 -23.32 -34.07
CA ASP E 124 11.21 -23.95 -34.36
C ASP E 124 10.61 -23.35 -35.61
N LEU E 125 11.44 -23.12 -36.61
CA LEU E 125 11.01 -22.65 -37.92
C LEU E 125 10.84 -23.79 -38.91
N ASN E 126 10.79 -25.02 -38.42
CA ASN E 126 10.67 -26.19 -39.27
C ASN E 126 9.31 -26.22 -39.94
N MET E 139 6.94 -26.86 -35.01
CA MET E 139 7.03 -25.82 -36.04
C MET E 139 6.25 -24.55 -35.68
N PRO E 140 5.98 -24.32 -34.39
CA PRO E 140 5.00 -23.27 -34.04
C PRO E 140 5.30 -21.91 -34.64
N LEU E 141 6.58 -21.54 -34.76
CA LEU E 141 6.88 -20.21 -35.31
C LEU E 141 6.85 -20.19 -36.82
N ALA E 142 7.15 -21.30 -37.50
CA ALA E 142 7.03 -21.36 -38.95
C ALA E 142 5.57 -21.31 -39.37
N VAL E 143 4.74 -22.13 -38.72
CA VAL E 143 3.31 -21.83 -38.62
C VAL E 143 3.26 -20.41 -38.06
N SER E 144 2.09 -19.78 -38.05
CA SER E 144 1.99 -18.46 -37.44
C SER E 144 2.55 -17.36 -38.33
N LEU E 145 3.61 -17.66 -39.09
CA LEU E 145 4.30 -16.65 -39.91
C LEU E 145 3.89 -16.47 -41.40
N GLY E 146 3.19 -17.38 -42.08
CA GLY E 146 2.68 -18.65 -41.57
C GLY E 146 2.78 -19.72 -42.64
N ILE E 147 3.87 -20.46 -42.57
CA ILE E 147 4.20 -21.50 -43.52
C ILE E 147 4.19 -22.84 -42.78
N GLY E 148 3.39 -23.77 -43.28
CA GLY E 148 3.28 -25.07 -42.65
C GLY E 148 1.99 -25.75 -43.06
N HIS E 149 1.57 -26.71 -42.24
CA HIS E 149 0.31 -27.39 -42.50
C HIS E 149 -0.83 -26.39 -42.53
N GLU E 150 -1.57 -26.38 -43.64
CA GLU E 150 -2.58 -25.35 -43.85
C GLU E 150 -3.64 -25.37 -42.75
N SER E 151 -3.98 -26.55 -42.24
CA SER E 151 -4.96 -26.63 -41.16
C SER E 151 -4.46 -25.95 -39.90
N LEU E 152 -3.14 -25.91 -39.70
CA LEU E 152 -2.55 -25.22 -38.56
C LEU E 152 -2.31 -23.74 -38.86
N VAL E 153 -1.76 -23.45 -40.05
CA VAL E 153 -1.52 -22.07 -40.44
C VAL E 153 -2.83 -21.28 -40.40
N ASN E 154 -3.91 -21.87 -40.89
CA ASN E 154 -5.20 -21.21 -40.97
C ASN E 154 -6.05 -21.42 -39.73
N LEU E 155 -5.44 -21.73 -38.59
CA LEU E 155 -6.20 -21.89 -37.36
C LEU E 155 -6.94 -20.60 -37.03
N GLU E 156 -8.23 -20.74 -36.72
CA GLU E 156 -9.11 -19.61 -36.40
C GLU E 156 -9.38 -18.72 -37.61
N GLY E 157 -9.21 -19.26 -38.83
CA GLY E 157 -9.72 -18.62 -40.03
C GLY E 157 -8.98 -17.41 -40.53
N TYR E 158 -7.70 -17.25 -40.20
CA TYR E 158 -6.93 -16.15 -40.76
C TYR E 158 -5.46 -16.50 -40.72
N ALA E 159 -4.69 -15.81 -41.56
CA ALA E 159 -3.25 -16.05 -41.65
C ALA E 159 -2.60 -15.01 -42.56
N PRO E 160 -1.30 -14.72 -42.34
CA PRO E 160 -0.50 -15.26 -41.24
C PRO E 160 -0.78 -14.50 -39.96
N LYS E 161 -0.49 -15.10 -38.80
CA LYS E 161 -0.71 -14.41 -37.54
C LYS E 161 0.30 -13.29 -37.34
N ILE E 162 1.55 -13.51 -37.76
CA ILE E 162 2.64 -12.57 -37.52
C ILE E 162 3.52 -12.51 -38.76
N LYS E 163 4.39 -11.49 -38.79
CA LYS E 163 5.28 -11.20 -39.90
C LYS E 163 6.73 -11.51 -39.51
N PRO E 164 7.56 -11.97 -40.45
CA PRO E 164 8.97 -12.24 -40.08
C PRO E 164 9.71 -11.02 -39.55
N GLU E 165 9.38 -9.82 -40.05
CA GLU E 165 10.08 -8.62 -39.62
C GLU E 165 9.72 -8.20 -38.18
N ASN E 166 8.70 -8.80 -37.58
CA ASN E 166 8.29 -8.48 -36.22
C ASN E 166 8.70 -9.54 -35.22
N VAL E 167 9.60 -10.44 -35.60
CA VAL E 167 10.06 -11.54 -34.75
C VAL E 167 11.50 -11.29 -34.35
N VAL E 168 11.81 -11.54 -33.07
CA VAL E 168 13.18 -11.53 -32.58
C VAL E 168 13.40 -12.82 -31.80
N ILE E 169 14.32 -13.65 -32.28
CA ILE E 169 14.71 -14.86 -31.59
C ILE E 169 15.93 -14.55 -30.73
N ILE E 170 15.86 -14.90 -29.44
CA ILE E 170 16.93 -14.65 -28.48
C ILE E 170 17.35 -15.97 -27.87
N GLY E 171 18.63 -16.30 -27.98
CA GLY E 171 19.20 -17.48 -27.36
C GLY E 171 19.51 -18.62 -28.31
N ALA E 172 19.29 -18.44 -29.61
CA ALA E 172 19.41 -19.55 -30.55
C ALA E 172 20.79 -20.17 -30.52
N ARG E 173 20.83 -21.50 -30.47
CA ARG E 173 22.09 -22.24 -30.57
C ARG E 173 21.92 -23.61 -31.18
N SER E 174 20.71 -23.99 -31.63
CA SER E 174 20.45 -25.26 -32.28
C SER E 174 19.48 -25.00 -33.44
N LEU E 175 20.00 -24.36 -34.49
CA LEU E 175 19.21 -23.98 -35.64
C LEU E 175 19.48 -24.93 -36.80
N ASP E 176 20.67 -24.79 -37.40
CA ASP E 176 21.13 -25.56 -38.55
C ASP E 176 20.09 -25.78 -39.66
N GLU E 177 20.57 -26.11 -40.85
CA GLU E 177 19.72 -26.64 -41.92
C GLU E 177 18.75 -25.61 -42.47
N GLY E 178 17.52 -26.02 -42.78
CA GLY E 178 16.61 -25.15 -43.52
C GLY E 178 16.22 -23.90 -42.76
N GLU E 179 16.22 -23.97 -41.43
CA GLU E 179 15.82 -22.81 -40.63
C GLU E 179 16.73 -21.62 -40.92
N ARG E 180 18.04 -21.86 -41.06
CA ARG E 180 18.97 -20.77 -41.30
C ARG E 180 18.69 -20.10 -42.64
N LYS E 181 18.52 -20.89 -43.69
CA LYS E 181 18.21 -20.35 -45.00
C LYS E 181 17.02 -19.39 -44.92
N TYR E 182 15.99 -19.78 -44.16
CA TYR E 182 14.83 -18.91 -44.02
C TYR E 182 15.19 -17.63 -43.29
N ILE E 183 16.02 -17.73 -42.24
CA ILE E 183 16.39 -16.54 -41.46
C ILE E 183 16.98 -15.48 -42.37
N LYS E 184 17.96 -15.88 -43.19
CA LYS E 184 18.67 -14.92 -44.03
C LYS E 184 17.77 -14.35 -45.12
N GLU E 185 17.00 -15.22 -45.79
CA GLU E 185 16.16 -14.77 -46.90
C GLU E 185 14.98 -13.92 -46.44
N SER E 186 14.78 -13.77 -45.13
CA SER E 186 13.75 -12.89 -44.60
C SER E 186 14.32 -11.76 -43.75
N GLY E 187 15.63 -11.73 -43.53
CA GLY E 187 16.22 -10.72 -42.68
C GLY E 187 15.72 -10.73 -41.26
N MET E 188 15.19 -11.86 -40.80
CA MET E 188 14.71 -11.95 -39.42
C MET E 188 15.85 -11.70 -38.45
N LYS E 189 15.57 -10.89 -37.43
CA LYS E 189 16.57 -10.58 -36.42
C LYS E 189 16.62 -11.71 -35.39
N VAL E 190 17.80 -12.30 -35.21
CA VAL E 190 17.99 -13.37 -34.24
C VAL E 190 19.33 -13.15 -33.56
N TYR E 191 19.33 -13.25 -32.24
CA TYR E 191 20.54 -13.11 -31.43
C TYR E 191 20.92 -14.50 -30.92
N THR E 192 21.94 -15.10 -31.54
CA THR E 192 22.44 -16.38 -31.08
C THR E 192 23.27 -16.17 -29.81
N MET E 193 23.72 -17.28 -29.23
CA MET E 193 24.60 -17.17 -28.06
C MET E 193 25.86 -16.37 -28.39
N HIS E 194 26.29 -16.39 -29.66
CA HIS E 194 27.44 -15.58 -30.05
C HIS E 194 27.17 -14.10 -29.80
N GLU E 195 26.02 -13.61 -30.27
CA GLU E 195 25.69 -12.20 -30.08
C GLU E 195 25.54 -11.87 -28.59
N ILE E 196 24.90 -12.75 -27.83
CA ILE E 196 24.73 -12.51 -26.40
C ILE E 196 26.09 -12.46 -25.71
N ASP E 197 27.00 -13.35 -26.09
CA ASP E 197 28.33 -13.36 -25.50
C ASP E 197 29.11 -12.10 -25.89
N ARG E 198 29.07 -11.72 -27.17
CA ARG E 198 29.89 -10.61 -27.63
C ARG E 198 29.31 -9.27 -27.18
N LEU E 199 28.00 -9.07 -27.36
CA LEU E 199 27.37 -7.78 -27.05
C LEU E 199 26.91 -7.68 -25.61
N GLY E 200 26.65 -8.80 -24.96
CA GLY E 200 26.01 -8.75 -23.64
C GLY E 200 24.50 -8.67 -23.75
N MET E 201 23.83 -9.29 -22.78
CA MET E 201 22.38 -9.35 -22.81
C MET E 201 21.75 -7.96 -22.83
N THR E 202 22.39 -6.98 -22.17
CA THR E 202 21.84 -5.63 -22.12
C THR E 202 21.67 -5.06 -23.52
N LYS E 203 22.74 -5.07 -24.33
CA LYS E 203 22.65 -4.53 -25.68
C LYS E 203 21.63 -5.29 -26.51
N VAL E 204 21.58 -6.62 -26.35
CA VAL E 204 20.64 -7.42 -27.11
C VAL E 204 19.20 -6.97 -26.85
N ILE E 205 18.84 -6.79 -25.57
CA ILE E 205 17.49 -6.36 -25.25
C ILE E 205 17.24 -4.94 -25.74
N GLU E 206 18.21 -4.04 -25.52
CA GLU E 206 18.06 -2.67 -25.98
C GLU E 206 17.82 -2.64 -27.48
N GLU E 207 18.59 -3.41 -28.25
CA GLU E 207 18.38 -3.47 -29.68
C GLU E 207 17.03 -4.12 -30.00
N THR E 208 16.63 -5.13 -29.22
CA THR E 208 15.33 -5.76 -29.43
C THR E 208 14.21 -4.75 -29.25
N LEU E 209 14.27 -3.96 -28.20
CA LEU E 209 13.21 -2.98 -27.93
C LEU E 209 13.11 -1.97 -29.06
N ASP E 210 14.24 -1.43 -29.51
CA ASP E 210 14.21 -0.51 -30.63
C ASP E 210 13.69 -1.18 -31.89
N TYR E 211 14.08 -2.44 -32.12
CA TYR E 211 13.67 -3.15 -33.33
C TYR E 211 12.17 -3.39 -33.36
N LEU E 212 11.53 -3.56 -32.21
CA LEU E 212 10.13 -3.94 -32.11
C LEU E 212 9.23 -2.78 -31.72
N SER E 213 9.72 -1.55 -31.79
CA SER E 213 8.98 -0.41 -31.24
C SER E 213 7.69 -0.15 -31.99
N ALA E 214 7.65 -0.42 -33.29
CA ALA E 214 6.48 -0.11 -34.11
C ALA E 214 5.37 -1.16 -34.00
N CYS E 215 5.43 -2.02 -32.99
CA CYS E 215 4.42 -3.03 -32.77
C CYS E 215 3.45 -2.55 -31.69
N ASP E 216 2.15 -2.77 -31.93
CA ASP E 216 1.14 -2.40 -30.94
C ASP E 216 1.00 -3.45 -29.84
N GLY E 217 1.58 -4.62 -30.01
CA GLY E 217 1.68 -5.59 -28.94
C GLY E 217 2.88 -6.47 -29.20
N VAL E 218 3.42 -7.04 -28.13
CA VAL E 218 4.56 -7.94 -28.21
C VAL E 218 4.25 -9.18 -27.37
N HIS E 219 4.31 -10.35 -28.00
CA HIS E 219 4.09 -11.62 -27.32
C HIS E 219 5.43 -12.23 -26.97
N LEU E 220 5.63 -12.55 -25.70
CA LEU E 220 6.82 -13.25 -25.26
C LEU E 220 6.54 -14.75 -25.26
N SER E 221 7.31 -15.50 -26.04
CA SER E 221 7.19 -16.95 -26.12
C SER E 221 8.51 -17.52 -25.58
N LEU E 222 8.50 -17.92 -24.31
CA LEU E 222 9.73 -18.28 -23.61
C LEU E 222 9.82 -19.79 -23.48
N ASP E 223 10.76 -20.38 -24.22
CA ASP E 223 11.10 -21.79 -24.11
C ASP E 223 12.17 -21.95 -23.03
N LEU E 224 11.84 -22.71 -21.97
CA LEU E 224 12.79 -22.81 -20.87
C LEU E 224 14.13 -23.38 -21.31
N ASP E 225 14.17 -24.11 -22.42
CA ASP E 225 15.47 -24.61 -22.89
C ASP E 225 16.33 -23.50 -23.47
N GLY E 226 15.81 -22.28 -23.57
CA GLY E 226 16.66 -21.14 -23.87
C GLY E 226 17.71 -20.92 -22.81
N LEU E 227 17.38 -21.23 -21.55
CA LEU E 227 18.36 -21.17 -20.48
C LEU E 227 19.27 -22.38 -20.52
N ASP E 228 20.50 -22.19 -20.05
CA ASP E 228 21.45 -23.28 -20.01
C ASP E 228 20.87 -24.46 -19.21
N PRO E 229 21.18 -25.70 -19.60
CA PRO E 229 20.66 -26.86 -18.85
C PRO E 229 21.12 -26.88 -17.40
N ASN E 230 22.25 -26.26 -17.07
CA ASN E 230 22.65 -26.20 -15.66
C ASN E 230 21.60 -25.45 -14.84
N ASP E 231 20.95 -24.45 -15.43
CA ASP E 231 19.93 -23.69 -14.74
C ASP E 231 18.52 -24.19 -15.00
N ALA E 232 18.27 -24.82 -16.14
CA ALA E 232 16.95 -25.29 -16.54
C ALA E 232 17.08 -26.71 -17.09
N PRO E 233 17.37 -27.68 -16.21
CA PRO E 233 17.54 -29.06 -16.68
C PRO E 233 16.25 -29.74 -17.11
N GLY E 234 15.09 -29.32 -16.59
CA GLY E 234 13.84 -30.00 -16.85
C GLY E 234 13.19 -29.64 -18.16
N VAL E 235 13.87 -29.92 -19.28
CA VAL E 235 13.35 -29.65 -20.61
C VAL E 235 13.61 -30.85 -21.49
N GLY E 236 12.80 -30.97 -22.55
CA GLY E 236 12.86 -32.15 -23.40
C GLY E 236 14.05 -32.16 -24.34
N THR E 237 14.54 -31.00 -24.73
CA THR E 237 15.62 -30.88 -25.71
C THR E 237 16.64 -29.87 -25.19
N PRO E 238 17.40 -30.23 -24.16
CA PRO E 238 18.41 -29.29 -23.65
C PRO E 238 19.56 -29.12 -24.64
N VAL E 239 20.13 -27.93 -24.64
CA VAL E 239 21.27 -27.60 -25.48
C VAL E 239 22.27 -26.82 -24.63
N VAL E 240 23.49 -27.34 -24.53
CA VAL E 240 24.49 -26.75 -23.65
C VAL E 240 24.86 -25.36 -24.12
N GLY E 241 25.43 -24.58 -23.21
CA GLY E 241 25.90 -23.24 -23.53
C GLY E 241 24.79 -22.25 -23.72
N GLY E 242 23.82 -22.25 -22.80
CA GLY E 242 22.65 -21.40 -22.92
C GLY E 242 22.72 -20.16 -22.05
N ILE E 243 21.63 -19.40 -22.09
CA ILE E 243 21.53 -18.16 -21.33
C ILE E 243 21.51 -18.49 -19.84
N SER E 244 22.13 -17.62 -19.04
CA SER E 244 22.23 -17.87 -17.62
C SER E 244 20.95 -17.47 -16.89
N TYR E 245 20.84 -17.94 -15.65
CA TYR E 245 19.72 -17.53 -14.78
C TYR E 245 19.66 -16.02 -14.66
N ARG E 246 20.79 -15.39 -14.36
CA ARG E 246 20.81 -13.95 -14.14
C ARG E 246 20.48 -13.20 -15.43
N GLU E 247 21.14 -13.55 -16.54
CA GLU E 247 20.84 -12.92 -17.82
C GLU E 247 19.34 -12.97 -18.12
N SER E 248 18.71 -14.11 -17.88
CA SER E 248 17.28 -14.24 -18.15
C SER E 248 16.47 -13.28 -17.29
N HIS E 249 16.85 -13.10 -16.02
CA HIS E 249 16.13 -12.17 -15.16
C HIS E 249 16.30 -10.75 -15.63
N LEU E 250 17.51 -10.38 -16.06
CA LEU E 250 17.72 -9.05 -16.64
C LEU E 250 16.78 -8.81 -17.81
N ALA E 251 16.74 -9.75 -18.75
CA ALA E 251 15.86 -9.60 -19.91
C ALA E 251 14.42 -9.37 -19.49
N MET E 252 13.92 -10.17 -18.55
CA MET E 252 12.56 -9.98 -18.08
C MET E 252 12.39 -8.61 -17.43
N GLU E 253 13.35 -8.21 -16.59
CA GLU E 253 13.25 -6.93 -15.92
C GLU E 253 13.25 -5.77 -16.91
N MET E 254 14.09 -5.84 -17.95
CA MET E 254 14.11 -4.79 -18.96
C MET E 254 12.84 -4.82 -19.79
N LEU E 255 12.33 -6.02 -20.08
CA LEU E 255 11.07 -6.12 -20.81
C LEU E 255 9.92 -5.48 -20.03
N TYR E 256 9.90 -5.67 -18.71
CA TYR E 256 8.86 -5.03 -17.91
C TYR E 256 8.96 -3.52 -17.99
N ASP E 257 10.17 -2.99 -17.75
CA ASP E 257 10.35 -1.53 -17.76
C ASP E 257 9.88 -0.91 -19.07
N ALA E 258 9.95 -1.66 -20.17
CA ALA E 258 9.53 -1.13 -21.46
C ALA E 258 8.01 -1.17 -21.64
N GLY E 259 7.31 -2.01 -20.86
CA GLY E 259 5.86 -2.08 -20.98
C GLY E 259 5.37 -2.53 -22.34
N ILE E 260 6.18 -3.28 -23.09
CA ILE E 260 5.80 -3.70 -24.42
C ILE E 260 5.06 -5.03 -24.42
N ILE E 261 5.29 -5.87 -23.41
CA ILE E 261 4.79 -7.23 -23.41
C ILE E 261 3.30 -7.21 -23.11
N THR E 262 2.50 -7.75 -24.03
CA THR E 262 1.05 -7.80 -23.91
C THR E 262 0.52 -9.22 -23.73
N SER E 263 1.37 -10.23 -23.85
CA SER E 263 1.00 -11.62 -23.61
C SER E 263 2.29 -12.43 -23.50
N ALA E 264 2.22 -13.53 -22.77
CA ALA E 264 3.40 -14.33 -22.52
C ALA E 264 3.03 -15.79 -22.35
N GLU E 265 3.95 -16.67 -22.73
CA GLU E 265 3.80 -18.09 -22.50
C GLU E 265 5.15 -18.66 -22.09
N PHE E 266 5.12 -19.59 -21.12
CA PHE E 266 6.30 -20.29 -20.66
C PHE E 266 6.08 -21.78 -20.87
N VAL E 267 6.93 -22.40 -21.68
CA VAL E 267 6.66 -23.72 -22.21
C VAL E 267 7.85 -24.63 -22.00
N GLU E 268 7.59 -25.94 -22.11
CA GLU E 268 8.58 -27.01 -22.15
C GLU E 268 9.10 -27.41 -20.78
N VAL E 269 8.53 -26.91 -19.69
CA VAL E 269 8.89 -27.40 -18.37
C VAL E 269 8.40 -28.84 -18.25
N ASN E 270 9.34 -29.77 -18.01
CA ASN E 270 9.02 -31.18 -17.91
C ASN E 270 9.49 -31.70 -16.55
N PRO E 271 8.59 -31.90 -15.59
CA PRO E 271 9.03 -32.39 -14.27
C PRO E 271 9.74 -33.72 -14.33
N ILE E 272 9.35 -34.59 -15.25
CA ILE E 272 9.93 -35.93 -15.34
C ILE E 272 11.41 -35.88 -15.68
N LEU E 273 11.88 -34.76 -16.21
CA LEU E 273 13.28 -34.59 -16.55
C LEU E 273 13.95 -33.56 -15.65
N ASP E 274 13.26 -33.07 -14.63
CA ASP E 274 13.74 -31.96 -13.82
C ASP E 274 14.42 -32.48 -12.55
N HIS E 275 15.03 -31.56 -11.82
CA HIS E 275 15.65 -31.84 -10.53
C HIS E 275 14.94 -30.99 -9.48
N LYS E 276 14.08 -31.62 -8.69
CA LYS E 276 13.37 -30.95 -7.60
C LYS E 276 12.67 -29.69 -8.09
N ASN E 277 12.07 -29.78 -9.28
CA ASN E 277 11.30 -28.67 -9.86
C ASN E 277 12.14 -27.42 -10.04
N LYS E 278 13.45 -27.59 -10.19
CA LYS E 278 14.35 -26.45 -10.41
C LYS E 278 13.89 -25.62 -11.60
N THR E 279 13.42 -26.28 -12.67
CA THR E 279 12.99 -25.56 -13.86
C THR E 279 11.64 -24.90 -13.65
N GLY E 280 10.70 -25.59 -13.00
CA GLY E 280 9.42 -24.98 -12.71
C GLY E 280 9.54 -23.77 -11.82
N LYS E 281 10.40 -23.84 -10.80
CA LYS E 281 10.64 -22.69 -9.93
C LYS E 281 11.27 -21.55 -10.72
N THR E 282 12.30 -21.85 -11.51
CA THR E 282 12.90 -20.82 -12.35
C THR E 282 11.86 -20.12 -13.20
N ALA E 283 10.91 -20.89 -13.74
CA ALA E 283 9.87 -20.30 -14.59
C ALA E 283 9.06 -19.28 -13.81
N VAL E 284 8.60 -19.65 -12.61
CA VAL E 284 7.83 -18.72 -11.78
C VAL E 284 8.65 -17.46 -11.52
N GLU E 285 9.92 -17.64 -11.18
CA GLU E 285 10.77 -16.49 -10.86
C GLU E 285 10.88 -15.55 -12.06
N LEU E 286 10.94 -16.11 -13.28
CA LEU E 286 11.00 -15.27 -14.47
C LEU E 286 9.67 -14.57 -14.73
N VAL E 287 8.56 -15.28 -14.52
CA VAL E 287 7.24 -14.64 -14.66
C VAL E 287 7.15 -13.43 -13.73
N GLU E 288 7.60 -13.60 -12.48
CA GLU E 288 7.60 -12.49 -11.53
C GLU E 288 8.35 -11.29 -12.10
N SER E 289 9.58 -11.52 -12.55
CA SER E 289 10.38 -10.43 -13.10
C SER E 289 9.70 -9.81 -14.32
N LEU E 290 9.09 -10.65 -15.16
CA LEU E 290 8.38 -10.12 -16.33
C LEU E 290 7.25 -9.20 -15.91
N LEU E 291 6.54 -9.53 -14.81
CA LEU E 291 5.35 -8.80 -14.40
C LEU E 291 5.64 -7.76 -13.33
N GLY E 292 6.90 -7.39 -13.15
CA GLY E 292 7.25 -6.19 -12.40
C GLY E 292 7.89 -6.41 -11.05
N LYS E 293 8.16 -7.65 -10.64
CA LYS E 293 8.91 -7.86 -9.41
C LYS E 293 10.28 -7.22 -9.53
N LYS E 294 10.63 -6.37 -8.57
CA LYS E 294 11.90 -5.66 -8.57
C LYS E 294 12.69 -6.04 -7.33
N LEU E 295 14.01 -6.11 -7.48
CA LEU E 295 14.87 -6.25 -6.31
C LEU E 295 14.93 -4.96 -5.50
N LEU E 296 14.68 -3.82 -6.12
CA LEU E 296 14.55 -2.55 -5.43
C LEU E 296 13.58 -1.66 -6.19
N LYS F 3 8.77 24.53 -3.58
CA LYS F 3 8.55 23.40 -4.48
C LYS F 3 9.85 22.95 -5.13
N THR F 4 10.06 21.64 -5.19
CA THR F 4 11.17 21.05 -5.92
C THR F 4 10.77 20.88 -7.38
N ILE F 5 11.65 21.32 -8.28
CA ILE F 5 11.36 21.26 -9.72
C ILE F 5 11.95 19.97 -10.28
N SER F 6 11.09 19.13 -10.85
CA SER F 6 11.49 17.90 -11.52
C SER F 6 11.43 18.13 -13.03
N VAL F 7 12.59 18.24 -13.65
CA VAL F 7 12.67 18.46 -15.09
C VAL F 7 12.62 17.11 -15.80
N ILE F 8 11.65 16.97 -16.70
CA ILE F 8 11.46 15.74 -17.47
C ILE F 8 11.63 16.07 -18.95
N GLY F 9 12.63 15.46 -19.57
CA GLY F 9 12.83 15.61 -21.00
C GLY F 9 12.03 14.59 -21.79
N MET F 10 11.38 15.07 -22.85
CA MET F 10 10.51 14.24 -23.69
C MET F 10 10.90 14.50 -25.14
N PRO F 11 11.94 13.84 -25.63
CA PRO F 11 12.39 14.11 -27.01
C PRO F 11 11.47 13.48 -28.05
N MET F 12 10.21 13.92 -28.06
CA MET F 12 9.19 13.33 -28.92
C MET F 12 9.08 14.14 -30.21
N ASP F 13 9.39 13.50 -31.34
CA ASP F 13 9.19 14.08 -32.65
C ASP F 13 8.19 13.29 -33.48
N LEU F 14 7.67 12.18 -32.96
CA LEU F 14 6.84 11.27 -33.74
C LEU F 14 5.40 11.76 -33.91
N GLY F 15 4.97 12.75 -33.14
CA GLY F 15 3.67 13.34 -33.33
C GLY F 15 3.61 14.40 -34.40
N GLN F 16 4.64 14.51 -35.23
CA GLN F 16 4.73 15.59 -36.21
C GLN F 16 5.78 15.20 -37.24
N ALA F 17 5.67 15.82 -38.42
CA ALA F 17 6.43 15.40 -39.60
C ALA F 17 7.84 15.99 -39.67
N ARG F 18 8.11 17.08 -38.98
CA ARG F 18 9.37 17.78 -39.15
C ARG F 18 10.44 17.21 -38.22
N ARG F 19 11.64 17.03 -38.77
CA ARG F 19 12.75 16.49 -38.00
C ARG F 19 13.31 17.54 -37.04
N GLY F 20 13.76 17.09 -35.88
CA GLY F 20 14.57 17.88 -34.99
C GLY F 20 13.90 18.30 -33.70
N VAL F 21 12.56 18.34 -33.65
CA VAL F 21 11.89 18.81 -32.45
C VAL F 21 12.19 17.90 -31.26
N ASP F 22 12.63 16.66 -31.52
CA ASP F 22 13.05 15.78 -30.43
C ASP F 22 14.28 16.30 -29.71
N MET F 23 15.01 17.25 -30.30
CA MET F 23 16.17 17.86 -29.67
C MET F 23 15.82 19.04 -28.78
N GLY F 24 14.54 19.42 -28.72
CA GLY F 24 14.10 20.55 -27.93
C GLY F 24 14.61 20.52 -26.51
N PRO F 25 14.42 19.39 -25.81
CA PRO F 25 14.87 19.31 -24.42
C PRO F 25 16.33 19.66 -24.24
N SER F 26 17.21 19.06 -25.04
CA SER F 26 18.63 19.40 -24.96
C SER F 26 18.86 20.87 -25.26
N ALA F 27 18.18 21.40 -26.28
CA ALA F 27 18.34 22.80 -26.63
C ALA F 27 17.83 23.72 -25.54
N ILE F 28 16.95 23.25 -24.67
CA ILE F 28 16.51 24.03 -23.52
C ILE F 28 17.46 23.84 -22.34
N ARG F 29 17.83 22.59 -22.06
CA ARG F 29 18.89 22.34 -21.09
C ARG F 29 20.10 23.21 -21.39
N TYR F 30 20.60 23.12 -22.61
CA TYR F 30 21.61 24.05 -23.08
C TYR F 30 20.94 25.39 -23.33
N ALA F 31 21.50 26.44 -22.75
CA ALA F 31 20.81 27.70 -22.45
C ALA F 31 20.61 27.79 -20.95
N HIS F 32 21.03 26.74 -20.24
CA HIS F 32 21.28 26.82 -18.80
C HIS F 32 20.00 26.82 -17.97
N LEU F 33 19.03 25.98 -18.34
CA LEU F 33 17.81 25.87 -17.55
C LEU F 33 18.12 25.46 -16.11
N ILE F 34 18.84 24.35 -15.94
CA ILE F 34 19.13 23.83 -14.60
C ILE F 34 19.89 24.87 -13.78
N GLU F 35 20.90 25.50 -14.39
CA GLU F 35 21.72 26.45 -13.67
C GLU F 35 20.92 27.69 -13.29
N ARG F 36 20.03 28.14 -14.17
CA ARG F 36 19.24 29.34 -13.90
C ARG F 36 18.26 29.11 -12.75
N LEU F 37 17.63 27.95 -12.71
CA LEU F 37 16.68 27.67 -11.63
C LEU F 37 17.40 27.46 -10.31
N SER F 38 18.55 26.78 -10.34
CA SER F 38 19.33 26.62 -9.12
C SER F 38 19.75 27.98 -8.55
N ASP F 39 20.20 28.88 -9.43
CA ASP F 39 20.60 30.21 -8.97
C ASP F 39 19.45 30.95 -8.31
N MET F 40 18.21 30.63 -8.69
CA MET F 40 17.04 31.31 -8.14
C MET F 40 16.63 30.78 -6.77
N GLY F 41 17.24 29.68 -6.30
CA GLY F 41 16.94 29.11 -5.00
C GLY F 41 16.21 27.80 -5.04
N TYR F 42 15.89 27.26 -6.21
CA TYR F 42 15.18 25.99 -6.29
C TYR F 42 16.14 24.83 -6.15
N THR F 43 15.64 23.75 -5.56
CA THR F 43 16.28 22.43 -5.65
C THR F 43 15.65 21.73 -6.85
N VAL F 44 16.43 21.57 -7.93
CA VAL F 44 15.92 21.05 -9.19
C VAL F 44 16.60 19.71 -9.46
N GLU F 45 15.81 18.72 -9.84
CA GLU F 45 16.33 17.40 -10.19
C GLU F 45 16.02 17.13 -11.65
N ASP F 46 17.06 16.85 -12.43
CA ASP F 46 16.90 16.52 -13.85
C ASP F 46 16.72 15.02 -13.98
N LEU F 47 15.52 14.60 -14.37
CA LEU F 47 15.21 13.19 -14.53
C LEU F 47 15.59 12.66 -15.91
N GLY F 48 16.38 13.40 -16.67
CA GLY F 48 16.85 12.92 -17.96
C GLY F 48 15.77 12.99 -19.03
N ASP F 49 15.97 12.19 -20.07
CA ASP F 49 15.08 12.15 -21.21
C ASP F 49 14.41 10.79 -21.28
N ILE F 50 13.10 10.79 -21.51
CA ILE F 50 12.38 9.54 -21.78
C ILE F 50 12.81 9.02 -23.14
N PRO F 51 13.17 7.73 -23.28
CA PRO F 51 13.60 7.22 -24.59
C PRO F 51 12.40 6.99 -25.50
N ILE F 52 12.50 7.47 -26.74
CA ILE F 52 11.53 7.21 -27.78
C ILE F 52 12.22 6.39 -28.86
N ASN F 53 11.42 5.64 -29.60
CA ASN F 53 11.94 4.69 -30.57
C ASN F 53 11.39 4.97 -31.97
N ASN F 65 4.08 5.87 -35.98
CA ASN F 65 3.31 6.98 -35.42
C ASN F 65 2.68 6.62 -34.07
N LEU F 66 1.47 6.06 -34.14
CA LEU F 66 0.60 5.99 -32.97
C LEU F 66 1.25 5.21 -31.83
N ASN F 67 1.81 4.03 -32.15
CA ASN F 67 2.30 3.16 -31.09
C ASN F 67 3.43 3.81 -30.30
N SER F 68 4.38 4.43 -30.99
CA SER F 68 5.49 5.05 -30.29
C SER F 68 5.04 6.29 -29.53
N VAL F 69 4.13 7.08 -30.12
CA VAL F 69 3.52 8.19 -29.38
C VAL F 69 2.78 7.66 -28.17
N LEU F 70 2.12 6.51 -28.33
CA LEU F 70 1.32 5.95 -27.24
C LEU F 70 2.20 5.45 -26.11
N ALA F 71 3.21 4.63 -26.44
CA ALA F 71 4.11 4.11 -25.40
C ALA F 71 4.89 5.24 -24.75
N GLY F 72 5.43 6.15 -25.55
CA GLY F 72 6.16 7.28 -25.00
C GLY F 72 5.34 8.08 -24.02
N ASN F 73 4.09 8.39 -24.40
CA ASN F 73 3.21 9.14 -23.51
C ASN F 73 2.85 8.33 -22.27
N GLU F 74 2.70 7.02 -22.41
CA GLU F 74 2.52 6.16 -21.23
C GLU F 74 3.61 6.43 -20.21
N LYS F 75 4.87 6.30 -20.63
CA LYS F 75 5.98 6.49 -19.71
C LYS F 75 6.01 7.91 -19.16
N LEU F 76 5.77 8.91 -20.02
CA LEU F 76 5.71 10.28 -19.54
C LEU F 76 4.67 10.43 -18.43
N ALA F 77 3.50 9.81 -18.62
CA ALA F 77 2.44 9.91 -17.61
C ALA F 77 2.88 9.30 -16.28
N GLN F 78 3.51 8.13 -16.32
CA GLN F 78 3.97 7.50 -15.09
C GLN F 78 4.95 8.40 -14.35
N LYS F 79 5.91 8.97 -15.07
CA LYS F 79 6.92 9.80 -14.43
C LYS F 79 6.30 11.04 -13.82
N VAL F 80 5.42 11.71 -14.57
CA VAL F 80 4.74 12.90 -14.05
C VAL F 80 3.94 12.55 -12.82
N ASN F 81 3.14 11.48 -12.90
CA ASN F 81 2.35 11.05 -11.76
C ASN F 81 3.22 10.87 -10.52
N LYS F 82 4.33 10.14 -10.67
CA LYS F 82 5.25 9.94 -9.55
C LYS F 82 5.75 11.27 -9.00
N VAL F 83 6.24 12.14 -9.89
CA VAL F 83 6.66 13.47 -9.47
C VAL F 83 5.55 14.17 -8.70
N ILE F 84 4.31 14.04 -9.17
CA ILE F 84 3.19 14.67 -8.48
C ILE F 84 2.91 13.96 -7.17
N GLU F 85 3.05 12.63 -7.14
CA GLU F 85 2.89 11.91 -5.89
C GLU F 85 3.90 12.41 -4.85
N GLU F 86 5.09 12.77 -5.30
CA GLU F 86 6.15 13.26 -4.42
C GLU F 86 6.02 14.75 -4.11
N LYS F 87 4.90 15.38 -4.46
CA LYS F 87 4.69 16.79 -4.19
C LYS F 87 5.76 17.66 -4.86
N LYS F 88 6.24 17.22 -6.02
CA LYS F 88 7.25 17.95 -6.78
C LYS F 88 6.62 18.56 -8.02
N PHE F 89 7.24 19.61 -8.52
CA PHE F 89 6.72 20.36 -9.67
C PHE F 89 7.20 19.70 -10.94
N PRO F 90 6.33 19.09 -11.75
CA PRO F 90 6.78 18.53 -13.03
C PRO F 90 6.92 19.62 -14.08
N LEU F 91 8.16 19.86 -14.52
CA LEU F 91 8.46 20.78 -15.60
C LEU F 91 8.89 19.94 -16.80
N VAL F 92 7.99 19.80 -17.77
CA VAL F 92 8.21 18.90 -18.90
C VAL F 92 8.80 19.69 -20.05
N LEU F 93 10.06 19.38 -20.39
CA LEU F 93 10.68 19.88 -21.61
C LEU F 93 10.49 18.81 -22.67
N GLY F 94 9.90 19.20 -23.81
CA GLY F 94 9.42 18.24 -24.77
C GLY F 94 9.79 18.59 -26.21
N GLY F 95 9.38 17.70 -27.09
CA GLY F 95 9.36 17.98 -28.51
C GLY F 95 8.00 18.49 -28.91
N ASP F 96 7.33 17.78 -29.82
CA ASP F 96 6.07 18.28 -30.34
C ASP F 96 4.98 18.23 -29.27
N HIS F 97 3.86 18.89 -29.57
CA HIS F 97 2.80 19.09 -28.59
C HIS F 97 2.06 17.82 -28.22
N SER F 98 2.30 16.72 -28.93
CA SER F 98 1.61 15.46 -28.61
C SER F 98 1.92 14.98 -27.20
N ILE F 99 3.01 15.46 -26.60
CA ILE F 99 3.37 15.01 -25.26
C ILE F 99 2.37 15.48 -24.23
N ALA F 100 1.62 16.54 -24.53
CA ALA F 100 0.61 17.01 -23.59
C ALA F 100 -0.39 15.90 -23.25
N ILE F 101 -0.55 14.93 -24.15
CA ILE F 101 -1.39 13.77 -23.86
C ILE F 101 -0.90 13.06 -22.61
N GLY F 102 0.39 12.75 -22.56
CA GLY F 102 0.97 12.02 -21.44
C GLY F 102 1.12 12.88 -20.20
N THR F 103 1.47 14.15 -20.40
CA THR F 103 1.59 15.06 -19.27
C THR F 103 0.25 15.18 -18.54
N LEU F 104 -0.81 15.54 -19.27
CA LEU F 104 -2.11 15.69 -18.64
C LEU F 104 -2.63 14.37 -18.08
N ALA F 105 -2.26 13.26 -18.71
CA ALA F 105 -2.67 11.95 -18.18
C ALA F 105 -2.03 11.65 -16.83
N GLY F 106 -0.91 12.28 -16.51
CA GLY F 106 -0.24 12.05 -15.25
C GLY F 106 -0.68 12.99 -14.16
N THR F 107 -1.18 14.17 -14.52
CA THR F 107 -1.56 15.19 -13.54
C THR F 107 -3.06 15.27 -13.28
N ALA F 108 -3.88 15.11 -14.33
CA ALA F 108 -5.30 15.41 -14.22
C ALA F 108 -5.96 14.62 -13.10
N LYS F 109 -5.60 13.35 -12.95
CA LYS F 109 -6.25 12.50 -11.95
C LYS F 109 -5.97 12.96 -10.53
N HIS F 110 -4.95 13.80 -10.31
CA HIS F 110 -4.64 14.32 -8.99
C HIS F 110 -5.42 15.57 -8.64
N TYR F 111 -6.35 16.01 -9.48
CA TYR F 111 -7.05 17.26 -9.28
C TYR F 111 -8.54 17.09 -9.51
N ASP F 112 -9.35 17.78 -8.70
CA ASP F 112 -10.78 17.82 -8.93
C ASP F 112 -11.11 18.45 -10.28
N ASN F 113 -10.60 19.66 -10.50
CA ASN F 113 -10.88 20.42 -11.72
C ASN F 113 -9.57 21.07 -12.15
N LEU F 114 -8.74 20.30 -12.86
CA LEU F 114 -7.48 20.81 -13.36
C LEU F 114 -7.74 21.83 -14.45
N GLY F 115 -7.27 23.06 -14.25
CA GLY F 115 -7.30 24.04 -15.31
C GLY F 115 -6.12 23.91 -16.24
N VAL F 116 -6.32 24.35 -17.47
CA VAL F 116 -5.28 24.30 -18.50
C VAL F 116 -5.22 25.65 -19.21
N ILE F 117 -4.04 26.24 -19.24
CA ILE F 117 -3.77 27.42 -20.06
C ILE F 117 -3.00 26.93 -21.28
N TRP F 118 -3.63 27.05 -22.45
CA TRP F 118 -3.07 26.56 -23.71
C TRP F 118 -2.47 27.77 -24.43
N TYR F 119 -1.17 27.98 -24.22
CA TYR F 119 -0.46 29.12 -24.78
C TYR F 119 0.07 28.69 -26.14
N ASP F 120 -0.59 29.13 -27.21
CA ASP F 120 -0.40 28.48 -28.50
C ASP F 120 -1.04 29.32 -29.59
N ALA F 121 -0.42 29.29 -30.77
CA ALA F 121 -1.06 29.85 -31.96
C ALA F 121 -2.18 28.97 -32.47
N HIS F 122 -2.19 27.70 -32.08
CA HIS F 122 -3.14 26.71 -32.55
C HIS F 122 -4.03 26.25 -31.40
N GLY F 123 -5.15 25.61 -31.76
CA GLY F 123 -6.04 25.04 -30.78
C GLY F 123 -5.70 23.60 -30.44
N ASP F 124 -5.01 22.92 -31.36
CA ASP F 124 -4.65 21.52 -31.16
C ASP F 124 -5.88 20.69 -30.79
N LEU F 125 -6.99 20.98 -31.45
CA LEU F 125 -8.26 20.32 -31.20
C LEU F 125 -8.68 19.42 -32.37
N ASN F 126 -7.71 18.79 -33.04
CA ASN F 126 -7.97 17.97 -34.21
C ASN F 126 -8.05 16.49 -33.83
N THR F 127 -8.11 15.62 -34.84
CA THR F 127 -8.19 14.18 -34.66
C THR F 127 -7.30 13.50 -35.69
N LEU F 128 -6.95 12.24 -35.43
CA LEU F 128 -6.23 11.42 -36.39
C LEU F 128 -6.73 11.65 -37.81
N GLU F 129 -7.92 11.13 -38.12
CA GLU F 129 -8.50 11.28 -39.44
C GLU F 129 -8.65 12.75 -39.81
N SER F 133 -2.06 14.90 -42.90
CA SER F 133 -0.83 14.29 -42.38
C SER F 133 -1.14 13.23 -41.33
N GLY F 134 -1.98 13.59 -40.37
CA GLY F 134 -2.23 12.72 -39.23
C GLY F 134 -1.26 12.92 -38.09
N ASN F 135 -0.73 14.13 -37.92
CA ASN F 135 0.26 14.42 -36.90
C ASN F 135 -0.45 14.64 -35.56
N ILE F 136 -0.20 13.75 -34.60
CA ILE F 136 -0.90 13.75 -33.33
C ILE F 136 -0.64 15.01 -32.51
N HIS F 137 0.39 15.79 -32.84
CA HIS F 137 0.67 16.99 -32.08
C HIS F 137 -0.35 18.11 -32.34
N GLY F 138 -1.28 17.90 -33.28
CA GLY F 138 -2.42 18.76 -33.43
C GLY F 138 -3.67 18.25 -32.75
N MET F 139 -3.57 17.17 -31.98
CA MET F 139 -4.71 16.54 -31.32
C MET F 139 -4.69 16.57 -29.79
N PRO F 140 -3.57 16.92 -29.14
CA PRO F 140 -3.48 16.61 -27.69
C PRO F 140 -4.59 17.24 -26.86
N LEU F 141 -5.08 18.42 -27.21
CA LEU F 141 -6.13 19.02 -26.39
C LEU F 141 -7.48 18.38 -26.64
N ALA F 142 -7.80 18.09 -27.91
CA ALA F 142 -9.02 17.33 -28.19
C ALA F 142 -8.99 16.00 -27.45
N VAL F 143 -7.92 15.22 -27.66
CA VAL F 143 -7.66 14.13 -26.74
C VAL F 143 -7.62 14.69 -25.31
N SER F 144 -8.03 13.87 -24.35
CA SER F 144 -8.04 14.28 -22.95
C SER F 144 -9.18 15.25 -22.63
N LEU F 145 -9.88 15.71 -23.64
CA LEU F 145 -11.09 16.50 -23.42
C LEU F 145 -12.43 15.73 -23.29
N GLY F 146 -12.59 14.48 -23.73
CA GLY F 146 -11.60 13.61 -24.38
C GLY F 146 -12.20 12.93 -25.58
N ILE F 147 -11.94 13.53 -26.73
CA ILE F 147 -12.55 13.15 -27.99
C ILE F 147 -11.44 12.89 -29.00
N GLY F 148 -11.35 11.65 -29.46
CA GLY F 148 -10.29 11.25 -30.35
C GLY F 148 -10.08 9.75 -30.28
N HIS F 149 -8.95 9.30 -30.82
CA HIS F 149 -8.64 7.88 -30.85
C HIS F 149 -8.75 7.28 -29.45
N GLU F 150 -9.28 6.06 -29.39
CA GLU F 150 -9.67 5.48 -28.11
C GLU F 150 -8.46 5.27 -27.20
N SER F 151 -7.42 4.58 -27.69
CA SER F 151 -6.27 4.29 -26.87
C SER F 151 -5.52 5.55 -26.45
N LEU F 152 -5.79 6.68 -27.11
CA LEU F 152 -5.19 7.95 -26.73
C LEU F 152 -6.03 8.67 -25.67
N VAL F 153 -7.34 8.76 -25.90
CA VAL F 153 -8.23 9.37 -24.91
C VAL F 153 -8.18 8.59 -23.61
N ASN F 154 -8.26 7.26 -23.69
CA ASN F 154 -8.28 6.41 -22.52
C ASN F 154 -6.89 6.10 -21.99
N LEU F 155 -5.89 6.92 -22.30
CA LEU F 155 -4.57 6.70 -21.76
C LEU F 155 -4.60 6.76 -20.24
N GLU F 156 -3.82 5.89 -19.60
CA GLU F 156 -3.71 5.79 -18.15
C GLU F 156 -4.99 5.29 -17.49
N GLY F 157 -6.01 4.92 -18.26
CA GLY F 157 -7.16 4.24 -17.71
C GLY F 157 -8.29 5.11 -17.23
N TYR F 158 -8.37 6.37 -17.67
CA TYR F 158 -9.48 7.21 -17.30
C TYR F 158 -9.65 8.30 -18.34
N ALA F 159 -10.86 8.82 -18.47
CA ALA F 159 -11.16 9.86 -19.44
C ALA F 159 -12.50 10.53 -19.11
N PRO F 160 -12.62 11.83 -19.40
CA PRO F 160 -11.58 12.70 -19.96
C PRO F 160 -10.66 13.22 -18.86
N LYS F 161 -9.46 13.68 -19.22
CA LYS F 161 -8.56 14.25 -18.23
C LYS F 161 -9.03 15.63 -17.79
N ILE F 162 -9.61 16.42 -18.70
CA ILE F 162 -9.96 17.80 -18.42
C ILE F 162 -11.32 18.13 -19.03
N LYS F 163 -11.89 19.24 -18.55
CA LYS F 163 -13.21 19.72 -18.96
C LYS F 163 -13.05 20.95 -19.84
N PRO F 164 -13.85 21.08 -20.92
CA PRO F 164 -13.69 22.25 -21.79
C PRO F 164 -13.86 23.57 -21.06
N GLU F 165 -14.76 23.64 -20.08
CA GLU F 165 -14.93 24.87 -19.32
C GLU F 165 -13.72 25.22 -18.46
N ASN F 166 -12.75 24.31 -18.35
CA ASN F 166 -11.55 24.53 -17.56
C ASN F 166 -10.33 24.83 -18.42
N VAL F 167 -10.53 25.17 -19.69
CA VAL F 167 -9.44 25.44 -20.63
C VAL F 167 -9.50 26.91 -21.04
N VAL F 168 -8.34 27.54 -21.11
CA VAL F 168 -8.21 28.88 -21.68
C VAL F 168 -7.06 28.86 -22.68
N ILE F 169 -7.39 29.05 -23.95
CA ILE F 169 -6.38 29.14 -25.00
C ILE F 169 -5.95 30.59 -25.13
N ILE F 170 -4.65 30.82 -25.11
CA ILE F 170 -4.07 32.15 -25.25
C ILE F 170 -3.10 32.12 -26.42
N GLY F 171 -3.38 32.93 -27.43
CA GLY F 171 -2.49 33.07 -28.56
C GLY F 171 -3.06 32.63 -29.89
N ALA F 172 -4.28 32.12 -29.92
CA ALA F 172 -4.79 31.43 -31.10
C ALA F 172 -4.83 32.35 -32.31
N ARG F 173 -4.30 31.87 -33.42
CA ARG F 173 -4.46 32.56 -34.69
C ARG F 173 -4.51 31.60 -35.87
N SER F 174 -4.52 30.27 -35.63
CA SER F 174 -4.66 29.28 -36.69
C SER F 174 -5.67 28.22 -36.22
N LEU F 175 -6.91 28.65 -36.07
CA LEU F 175 -8.05 27.76 -35.86
C LEU F 175 -8.79 27.62 -37.17
N ASP F 176 -9.28 26.42 -37.46
CA ASP F 176 -10.05 26.22 -38.69
C ASP F 176 -11.27 25.34 -38.46
N GLU F 177 -12.42 25.88 -38.85
CA GLU F 177 -13.65 25.12 -39.09
C GLU F 177 -14.09 24.32 -37.88
N GLY F 178 -13.69 23.04 -37.79
CA GLY F 178 -14.22 22.18 -36.75
C GLY F 178 -13.77 22.60 -35.37
N GLU F 179 -12.52 23.05 -35.25
CA GLU F 179 -12.05 23.58 -33.98
C GLU F 179 -12.94 24.72 -33.52
N ARG F 180 -13.09 25.76 -34.34
CA ARG F 180 -13.93 26.89 -33.97
C ARG F 180 -15.34 26.43 -33.63
N LYS F 181 -15.91 25.55 -34.45
CA LYS F 181 -17.24 25.02 -34.15
C LYS F 181 -17.28 24.40 -32.77
N TYR F 182 -16.22 23.66 -32.40
CA TYR F 182 -16.17 23.06 -31.07
C TYR F 182 -15.98 24.13 -30.00
N ILE F 183 -15.15 25.14 -30.26
CA ILE F 183 -14.96 26.22 -29.30
C ILE F 183 -16.30 26.81 -28.91
N LYS F 184 -17.11 27.17 -29.92
CA LYS F 184 -18.39 27.81 -29.65
C LYS F 184 -19.37 26.83 -29.02
N GLU F 185 -19.46 25.62 -29.58
CA GLU F 185 -20.29 24.58 -28.97
C GLU F 185 -19.91 24.36 -27.52
N SER F 186 -18.65 24.05 -27.26
CA SER F 186 -18.20 23.73 -25.91
C SER F 186 -18.11 24.94 -25.00
N GLY F 187 -18.32 26.14 -25.53
CA GLY F 187 -18.20 27.35 -24.71
C GLY F 187 -16.81 27.67 -24.24
N MET F 188 -15.79 26.97 -24.75
CA MET F 188 -14.42 27.18 -24.30
C MET F 188 -14.02 28.64 -24.46
N LYS F 189 -13.23 29.14 -23.51
CA LYS F 189 -12.74 30.51 -23.55
C LYS F 189 -11.39 30.56 -24.24
N VAL F 190 -11.28 31.40 -25.25
CA VAL F 190 -10.05 31.52 -26.03
C VAL F 190 -9.80 33.00 -26.32
N TYR F 191 -8.57 33.44 -26.11
CA TYR F 191 -8.16 34.81 -26.40
C TYR F 191 -7.27 34.76 -27.65
N THR F 192 -7.85 35.11 -28.80
CA THR F 192 -7.07 35.20 -30.02
C THR F 192 -6.24 36.47 -30.02
N MET F 193 -5.37 36.59 -31.03
CA MET F 193 -4.59 37.81 -31.17
C MET F 193 -5.45 39.06 -31.16
N HIS F 194 -6.68 38.95 -31.67
CA HIS F 194 -7.58 40.11 -31.66
C HIS F 194 -7.83 40.58 -30.23
N GLU F 195 -8.14 39.66 -29.32
CA GLU F 195 -8.40 40.04 -27.94
C GLU F 195 -7.14 40.56 -27.27
N ILE F 196 -5.99 39.94 -27.54
CA ILE F 196 -4.74 40.41 -26.96
C ILE F 196 -4.43 41.81 -27.46
N ASP F 197 -4.63 42.05 -28.76
CA ASP F 197 -4.40 43.38 -29.30
C ASP F 197 -5.41 44.39 -28.77
N ARG F 198 -6.69 44.02 -28.72
CA ARG F 198 -7.71 44.99 -28.29
C ARG F 198 -7.65 45.23 -26.79
N LEU F 199 -7.53 44.16 -26.00
CA LEU F 199 -7.57 44.29 -24.55
C LEU F 199 -6.20 44.47 -23.93
N GLY F 200 -5.15 44.00 -24.58
CA GLY F 200 -3.84 44.01 -23.95
C GLY F 200 -3.62 42.78 -23.09
N MET F 201 -2.37 42.34 -23.02
CA MET F 201 -2.09 41.08 -22.33
C MET F 201 -2.45 41.15 -20.85
N THR F 202 -2.27 42.32 -20.22
CA THR F 202 -2.62 42.45 -18.81
C THR F 202 -4.05 41.98 -18.56
N LYS F 203 -5.00 42.57 -19.29
CA LYS F 203 -6.40 42.20 -19.09
C LYS F 203 -6.64 40.74 -19.43
N VAL F 204 -5.97 40.23 -20.47
CA VAL F 204 -6.18 38.85 -20.88
C VAL F 204 -5.80 37.90 -19.75
N ILE F 205 -4.63 38.11 -19.15
CA ILE F 205 -4.21 37.26 -18.03
C ILE F 205 -5.10 37.50 -16.82
N GLU F 206 -5.43 38.76 -16.54
CA GLU F 206 -6.32 39.05 -15.41
C GLU F 206 -7.64 38.30 -15.54
N GLU F 207 -8.22 38.29 -16.74
CA GLU F 207 -9.45 37.54 -16.95
C GLU F 207 -9.22 36.04 -16.90
N THR F 208 -8.08 35.58 -17.41
CA THR F 208 -7.78 34.15 -17.40
C THR F 208 -7.68 33.63 -15.97
N LEU F 209 -6.92 34.32 -15.12
CA LEU F 209 -6.79 33.89 -13.73
C LEU F 209 -8.16 33.79 -13.06
N ASP F 210 -8.95 34.87 -13.13
CA ASP F 210 -10.30 34.86 -12.57
C ASP F 210 -11.11 33.69 -13.13
N TYR F 211 -11.06 33.51 -14.44
CA TYR F 211 -11.83 32.45 -15.08
C TYR F 211 -11.46 31.08 -14.56
N LEU F 212 -10.23 30.90 -14.08
CA LEU F 212 -9.73 29.61 -13.63
C LEU F 212 -9.64 29.50 -12.12
N SER F 213 -10.17 30.48 -11.39
CA SER F 213 -9.96 30.54 -9.94
C SER F 213 -10.59 29.35 -9.21
N ALA F 214 -11.61 28.71 -9.78
CA ALA F 214 -12.26 27.59 -9.12
C ALA F 214 -11.55 26.26 -9.33
N CYS F 215 -10.43 26.26 -10.05
CA CYS F 215 -9.66 25.04 -10.25
C CYS F 215 -8.73 24.81 -9.07
N ASP F 216 -8.54 23.54 -8.70
CA ASP F 216 -7.61 23.18 -7.65
C ASP F 216 -6.19 23.01 -8.15
N GLY F 217 -5.98 23.16 -9.46
CA GLY F 217 -4.65 23.18 -10.03
C GLY F 217 -4.74 23.65 -11.47
N VAL F 218 -3.62 24.19 -11.96
CA VAL F 218 -3.58 24.75 -13.31
C VAL F 218 -2.31 24.28 -14.01
N HIS F 219 -2.49 23.68 -15.19
CA HIS F 219 -1.38 23.23 -16.02
C HIS F 219 -1.16 24.26 -17.14
N LEU F 220 0.08 24.71 -17.28
CA LEU F 220 0.46 25.59 -18.38
C LEU F 220 1.08 24.76 -19.48
N SER F 221 0.48 24.82 -20.67
CA SER F 221 0.95 24.07 -21.83
C SER F 221 1.36 25.11 -22.88
N LEU F 222 2.65 25.44 -22.91
CA LEU F 222 3.15 26.56 -23.69
C LEU F 222 3.80 26.06 -24.97
N ASP F 223 3.12 26.30 -26.09
CA ASP F 223 3.67 26.07 -27.42
C ASP F 223 4.46 27.32 -27.80
N LEU F 224 5.76 27.17 -28.06
CA LEU F 224 6.57 28.32 -28.39
C LEU F 224 6.09 29.03 -29.66
N ASP F 225 5.36 28.33 -30.53
CA ASP F 225 4.83 29.03 -31.71
C ASP F 225 3.68 29.96 -31.34
N GLY F 226 3.32 30.07 -30.06
CA GLY F 226 2.43 31.13 -29.64
C GLY F 226 3.07 32.50 -29.74
N LEU F 227 4.39 32.57 -29.54
CA LEU F 227 5.12 33.80 -29.75
C LEU F 227 5.32 34.05 -31.24
N ASP F 228 5.40 35.32 -31.60
CA ASP F 228 5.61 35.68 -33.00
C ASP F 228 6.87 35.00 -33.51
N PRO F 229 6.90 34.57 -34.78
CA PRO F 229 8.12 33.91 -35.30
C PRO F 229 9.35 34.80 -35.30
N ASN F 230 9.20 36.12 -35.27
CA ASN F 230 10.36 36.99 -35.13
C ASN F 230 11.07 36.73 -33.81
N ASP F 231 10.33 36.35 -32.77
CA ASP F 231 10.90 36.10 -31.46
C ASP F 231 11.18 34.62 -31.20
N ALA F 232 10.43 33.72 -31.83
CA ALA F 232 10.60 32.27 -31.66
C ALA F 232 10.59 31.62 -33.04
N PRO F 233 11.66 31.79 -33.82
CA PRO F 233 11.68 31.19 -35.17
C PRO F 233 11.86 29.68 -35.17
N GLY F 234 12.38 29.09 -34.11
CA GLY F 234 12.66 27.67 -34.10
C GLY F 234 11.46 26.81 -33.74
N VAL F 235 10.45 26.80 -34.61
CA VAL F 235 9.26 26.00 -34.40
C VAL F 235 8.83 25.44 -35.76
N GLY F 236 8.13 24.30 -35.72
CA GLY F 236 7.79 23.60 -36.95
C GLY F 236 6.65 24.21 -37.72
N THR F 237 5.75 24.91 -37.03
CA THR F 237 4.57 25.50 -37.66
C THR F 237 4.42 26.95 -37.20
N PRO F 238 5.23 27.85 -37.74
CA PRO F 238 5.11 29.27 -37.37
C PRO F 238 3.90 29.92 -37.99
N VAL F 239 3.37 30.92 -37.29
CA VAL F 239 2.22 31.70 -37.76
C VAL F 239 2.48 33.15 -37.41
N VAL F 240 2.51 34.03 -38.43
CA VAL F 240 2.86 35.43 -38.20
C VAL F 240 1.79 36.10 -37.34
N GLY F 241 2.16 37.23 -36.76
CA GLY F 241 1.25 38.03 -35.95
C GLY F 241 0.97 37.44 -34.58
N GLY F 242 2.03 37.08 -33.84
CA GLY F 242 1.91 36.42 -32.57
C GLY F 242 2.30 37.29 -31.39
N ILE F 243 2.35 36.65 -30.22
CA ILE F 243 2.64 37.36 -28.99
C ILE F 243 4.11 37.76 -28.95
N SER F 244 4.39 38.92 -28.38
CA SER F 244 5.74 39.44 -28.32
C SER F 244 6.52 38.83 -27.17
N TYR F 245 7.84 38.98 -27.24
CA TYR F 245 8.72 38.55 -26.16
C TYR F 245 8.33 39.18 -24.83
N ARG F 246 8.05 40.48 -24.83
CA ARG F 246 7.71 41.16 -23.58
C ARG F 246 6.34 40.76 -23.07
N GLU F 247 5.35 40.63 -23.96
CA GLU F 247 4.03 40.16 -23.56
C GLU F 247 4.12 38.80 -22.90
N SER F 248 5.01 37.94 -23.39
CA SER F 248 5.14 36.61 -22.82
C SER F 248 5.70 36.67 -21.39
N HIS F 249 6.75 37.47 -21.19
CA HIS F 249 7.33 37.59 -19.86
C HIS F 249 6.32 38.16 -18.87
N LEU F 250 5.61 39.21 -19.27
CA LEU F 250 4.53 39.74 -18.43
C LEU F 250 3.56 38.63 -18.04
N ALA F 251 3.11 37.85 -19.03
CA ALA F 251 2.16 36.78 -18.76
C ALA F 251 2.73 35.81 -17.72
N MET F 252 3.98 35.39 -17.88
CA MET F 252 4.59 34.47 -16.94
C MET F 252 4.74 35.11 -15.56
N GLU F 253 5.13 36.38 -15.52
CA GLU F 253 5.28 37.07 -14.23
C GLU F 253 3.95 37.12 -13.48
N MET F 254 2.86 37.39 -14.19
CA MET F 254 1.56 37.47 -13.53
C MET F 254 1.08 36.08 -13.10
N LEU F 255 1.33 35.06 -13.92
CA LEU F 255 0.99 33.69 -13.52
C LEU F 255 1.73 33.29 -12.25
N TYR F 256 3.01 33.64 -12.14
CA TYR F 256 3.74 33.33 -10.92
C TYR F 256 3.11 34.03 -9.73
N ASP F 257 2.93 35.35 -9.83
CA ASP F 257 2.38 36.11 -8.70
C ASP F 257 1.06 35.53 -8.23
N ALA F 258 0.29 34.90 -9.13
CA ALA F 258 -0.98 34.30 -8.75
C ALA F 258 -0.80 32.95 -8.07
N GLY F 259 0.35 32.31 -8.23
CA GLY F 259 0.62 31.03 -7.60
C GLY F 259 -0.29 29.91 -8.03
N ILE F 260 -0.90 30.01 -9.21
CA ILE F 260 -1.89 29.02 -9.62
C ILE F 260 -1.25 27.82 -10.33
N ILE F 261 -0.10 28.02 -10.96
CA ILE F 261 0.47 27.00 -11.84
C ILE F 261 1.07 25.88 -11.00
N THR F 262 0.62 24.66 -11.25
CA THR F 262 1.09 23.48 -10.53
C THR F 262 1.88 22.53 -11.42
N SER F 263 1.85 22.74 -12.74
CA SER F 263 2.68 21.97 -13.66
C SER F 263 2.78 22.78 -14.95
N ALA F 264 3.83 22.49 -15.72
CA ALA F 264 4.06 23.23 -16.95
C ALA F 264 4.84 22.37 -17.93
N GLU F 265 4.57 22.58 -19.22
CA GLU F 265 5.34 21.96 -20.29
C GLU F 265 5.61 23.01 -21.36
N PHE F 266 6.83 22.98 -21.91
CA PHE F 266 7.25 23.87 -22.98
C PHE F 266 7.65 23.01 -24.17
N VAL F 267 6.95 23.18 -25.29
CA VAL F 267 6.99 22.23 -26.39
C VAL F 267 7.32 22.94 -27.69
N GLU F 268 7.69 22.13 -28.69
CA GLU F 268 7.83 22.53 -30.09
C GLU F 268 9.10 23.32 -30.38
N VAL F 269 10.05 23.38 -29.45
CA VAL F 269 11.35 23.96 -29.77
C VAL F 269 12.09 23.03 -30.71
N ASN F 270 12.51 23.55 -31.86
CA ASN F 270 13.22 22.76 -32.86
C ASN F 270 14.52 23.48 -33.23
N PRO F 271 15.67 23.02 -32.72
CA PRO F 271 16.93 23.68 -33.06
C PRO F 271 17.26 23.63 -34.54
N ILE F 272 16.82 22.57 -35.23
CA ILE F 272 17.09 22.45 -36.66
C ILE F 272 16.38 23.54 -37.46
N LEU F 273 15.43 24.23 -36.86
CA LEU F 273 14.73 25.34 -37.48
C LEU F 273 15.00 26.67 -36.79
N ASP F 274 15.96 26.70 -35.85
CA ASP F 274 16.16 27.86 -35.00
C ASP F 274 17.40 28.65 -35.46
N HIS F 275 17.52 29.85 -34.91
CA HIS F 275 18.67 30.72 -35.16
C HIS F 275 19.47 30.81 -33.86
N LYS F 276 20.51 29.98 -33.75
CA LYS F 276 21.44 30.04 -32.63
C LYS F 276 20.72 29.83 -31.30
N ASN F 277 19.73 28.93 -31.31
CA ASN F 277 18.97 28.59 -30.11
C ASN F 277 18.23 29.78 -29.53
N LYS F 278 17.90 30.76 -30.38
CA LYS F 278 17.11 31.90 -29.93
C LYS F 278 15.81 31.45 -29.29
N THR F 279 15.18 30.41 -29.86
CA THR F 279 13.93 29.90 -29.33
C THR F 279 14.13 29.09 -28.06
N GLY F 280 15.22 28.33 -27.98
CA GLY F 280 15.51 27.58 -26.77
C GLY F 280 15.87 28.50 -25.62
N LYS F 281 16.61 29.57 -25.89
CA LYS F 281 16.92 30.54 -24.86
C LYS F 281 15.67 31.27 -24.38
N THR F 282 14.77 31.60 -25.31
CA THR F 282 13.52 32.24 -24.93
C THR F 282 12.72 31.36 -23.99
N ALA F 283 12.66 30.06 -24.27
CA ALA F 283 11.94 29.14 -23.40
C ALA F 283 12.46 29.22 -21.97
N VAL F 284 13.78 29.09 -21.80
CA VAL F 284 14.37 29.18 -20.46
C VAL F 284 13.97 30.48 -19.78
N GLU F 285 14.15 31.59 -20.50
CA GLU F 285 13.83 32.90 -19.93
C GLU F 285 12.38 32.96 -19.46
N LEU F 286 11.47 32.34 -20.23
CA LEU F 286 10.07 32.33 -19.82
C LEU F 286 9.85 31.44 -18.60
N VAL F 287 10.57 30.32 -18.51
CA VAL F 287 10.46 29.47 -17.34
C VAL F 287 10.94 30.20 -16.10
N GLU F 288 12.05 30.94 -16.23
CA GLU F 288 12.54 31.75 -15.11
C GLU F 288 11.44 32.66 -14.58
N SER F 289 10.79 33.39 -15.49
CA SER F 289 9.71 34.29 -15.08
C SER F 289 8.54 33.51 -14.50
N LEU F 290 8.22 32.35 -15.07
CA LEU F 290 7.14 31.54 -14.55
C LEU F 290 7.43 31.09 -13.12
N LEU F 291 8.69 30.77 -12.83
CA LEU F 291 9.08 30.26 -11.52
C LEU F 291 9.63 31.35 -10.61
N GLY F 292 9.31 32.61 -10.87
CA GLY F 292 9.46 33.66 -9.90
C GLY F 292 10.58 34.66 -10.14
N LYS F 293 11.31 34.56 -11.24
CA LYS F 293 12.37 35.54 -11.51
C LYS F 293 11.75 36.93 -11.66
N LYS F 294 12.27 37.90 -10.92
CA LYS F 294 11.77 39.26 -10.93
C LYS F 294 12.89 40.23 -11.30
N LEU F 295 12.49 41.32 -11.98
CA LEU F 295 13.44 42.37 -12.29
C LEU F 295 13.69 43.29 -11.10
N LEU F 296 12.74 43.35 -10.15
CA LEU F 296 12.92 44.10 -8.93
C LEU F 296 12.10 43.46 -7.82
MN MN G . -7.12 22.59 14.09
MN MN H . -9.58 20.64 13.65
MN MN I . -31.03 -5.91 -0.37
MN MN J . -29.88 -6.15 2.63
MN MN K . -8.38 -13.04 31.88
MN MN L . -8.97 -10.08 30.93
MN MN M . 24.09 -9.18 5.88
MN MN N . 23.06 -11.23 3.63
MN MN O . 10.79 -24.03 -28.71
MN MN P . 13.62 -24.90 -27.51
MN MN Q . 0.52 23.22 -30.10
MN MN R . 1.19 25.68 -32.04
#